data_9FB4
#
_entry.id   9FB4
#
_cell.length_a   1.00
_cell.length_b   1.00
_cell.length_c   1.00
_cell.angle_alpha   90.00
_cell.angle_beta   90.00
_cell.angle_gamma   90.00
#
_symmetry.space_group_name_H-M   'P 1'
#
loop_
_entity.id
_entity.type
_entity.pdbx_description
1 polymer 'Large T antigen'
2 polymer 'Chains: P'
3 polymer 'Chains: T'
4 non-polymer "ADENOSINE-5'-TRIPHOSPHATE"
#
loop_
_entity_poly.entity_id
_entity_poly.type
_entity_poly.pdbx_seq_one_letter_code
_entity_poly.pdbx_strand_id
1 'polypeptide(L)'
;KQVSWKLVTEYAMETKCDDVLLLLGMYLEFQYSFEMCLKCIKKEQPSHYKYHEKHYANAAIFADSKNQKTICQQAVDTVL
AKKRVDSLQLTREQMLTNRFNDLLDRMDIMFGSTGSADIEEWMAGVAWLHCLLPKMDSVVYDFLKCMVYNIPKKRYWLFK
GPIDSGKTTLAAALLELCGGKALNVNLPLDRLNFELGVAIDQFLVVFEDVKGTGGESRDLPSGQGINNLDNLRDYLDGSV
KVNLEKKHLNKRTQIFPPGIVTMNEYSVPKTLQARFVKQIDFRPKDYLKHCLERSEFLLEKRIIQSGIALLLMLIWYRPV
AEFAQSIQSRIVEWKERLDKEFSLSVYQKMKFNVAMGIGVLD
;
A,B,C,D,E,F
2 'polydeoxyribonucleotide' (DA)(DA)(DA)(DA)(DA)(DA)(DA)(DA)(DA)(DA)(DA) P
3 'polydeoxyribonucleotide' (DT)(DT)(DT)(DT)(DT)(DT)(DT)(DT)(DT)(DT)(DT)(DT)(DT)(DT)(DT)(DT)(DT) T
#
loop_
_chem_comp.id
_chem_comp.type
_chem_comp.name
_chem_comp.formula
ATP non-polymer ADENOSINE-5'-TRIPHOSPHATE 'C10 H16 N5 O13 P3'
DA DNA linking 2'-DEOXYADENOSINE-5'-MONOPHOSPHATE 'C10 H14 N5 O6 P'
DT DNA linking THYMIDINE-5'-MONOPHOSPHATE 'C10 H15 N2 O8 P'
#
# COMPACT_ATOMS: atom_id res chain seq x y z
N LYS A 1 5.88 -45.04 -8.46
CA LYS A 1 4.53 -44.78 -8.94
C LYS A 1 4.14 -43.33 -8.65
N GLN A 2 3.32 -42.75 -9.52
CA GLN A 2 2.88 -41.36 -9.35
C GLN A 2 1.76 -41.20 -8.33
N VAL A 3 1.73 -40.00 -7.72
CA VAL A 3 0.62 -39.56 -6.90
C VAL A 3 -0.63 -39.39 -7.75
N SER A 4 -1.77 -39.87 -7.25
CA SER A 4 -3.06 -39.55 -7.86
C SER A 4 -3.58 -38.22 -7.32
N TRP A 5 -3.55 -37.17 -8.15
CA TRP A 5 -4.15 -35.92 -7.73
C TRP A 5 -5.66 -36.01 -7.60
N LYS A 6 -6.28 -36.99 -8.25
CA LYS A 6 -7.72 -37.15 -8.15
C LYS A 6 -8.17 -37.54 -6.75
N LEU A 7 -7.48 -38.50 -6.14
CA LEU A 7 -7.83 -38.91 -4.78
C LEU A 7 -7.71 -37.77 -3.78
N VAL A 8 -6.68 -36.95 -3.89
CA VAL A 8 -6.59 -35.80 -2.99
C VAL A 8 -7.77 -34.87 -3.20
N THR A 9 -8.27 -34.77 -4.42
CA THR A 9 -9.42 -33.93 -4.67
C THR A 9 -10.70 -34.56 -4.15
N GLU A 10 -10.82 -35.88 -4.21
CA GLU A 10 -11.96 -36.54 -3.58
C GLU A 10 -12.00 -36.29 -2.08
N TYR A 11 -10.91 -36.59 -1.37
CA TYR A 11 -10.91 -36.38 0.08
C TYR A 11 -11.29 -34.96 0.45
N ALA A 12 -10.78 -33.98 -0.28
CA ALA A 12 -11.16 -32.60 -0.02
C ALA A 12 -12.63 -32.35 -0.30
N MET A 13 -13.19 -33.02 -1.30
CA MET A 13 -14.59 -32.84 -1.64
C MET A 13 -15.52 -33.56 -0.67
N GLU A 14 -15.10 -34.69 -0.11
CA GLU A 14 -15.87 -35.30 0.96
C GLU A 14 -15.85 -34.43 2.21
N THR A 15 -14.66 -34.02 2.64
CA THR A 15 -14.49 -33.29 3.89
C THR A 15 -14.85 -31.82 3.76
N LYS A 16 -14.88 -31.28 2.53
CA LYS A 16 -15.21 -29.88 2.27
C LYS A 16 -14.20 -28.92 2.91
N CYS A 17 -12.91 -29.21 2.71
CA CYS A 17 -11.82 -28.35 3.19
C CYS A 17 -11.67 -27.10 2.32
N ASP A 18 -11.76 -25.93 2.94
CA ASP A 18 -11.45 -24.67 2.27
C ASP A 18 -10.02 -24.19 2.45
N ASP A 19 -9.26 -24.77 3.38
CA ASP A 19 -7.93 -24.27 3.74
C ASP A 19 -6.85 -25.24 3.29
N VAL A 20 -5.89 -24.73 2.52
CA VAL A 20 -4.78 -25.55 2.03
C VAL A 20 -3.95 -26.12 3.18
N LEU A 21 -3.71 -25.35 4.23
CA LEU A 21 -2.91 -25.89 5.33
C LEU A 21 -3.66 -26.98 6.08
N LEU A 22 -4.96 -26.79 6.29
CA LEU A 22 -5.73 -27.85 6.93
C LEU A 22 -5.78 -29.10 6.08
N LEU A 23 -6.01 -28.96 4.78
CA LEU A 23 -6.02 -30.13 3.90
C LEU A 23 -4.66 -30.81 3.86
N LEU A 24 -3.59 -30.02 3.73
CA LEU A 24 -2.24 -30.60 3.75
C LEU A 24 -1.99 -31.34 5.05
N GLY A 25 -2.30 -30.71 6.17
CA GLY A 25 -2.06 -31.34 7.46
C GLY A 25 -2.79 -32.66 7.63
N MET A 26 -4.07 -32.68 7.30
CA MET A 26 -4.84 -33.92 7.41
C MET A 26 -4.33 -35.01 6.47
N TYR A 27 -4.14 -34.70 5.20
CA TYR A 27 -3.79 -35.75 4.26
C TYR A 27 -2.43 -36.37 4.52
N LEU A 28 -1.53 -35.65 5.20
CA LEU A 28 -0.25 -36.24 5.59
C LEU A 28 -0.41 -37.33 6.65
N GLU A 29 -1.43 -37.25 7.50
CA GLU A 29 -1.56 -38.22 8.57
C GLU A 29 -1.82 -39.63 8.03
N PHE A 30 -2.39 -39.74 6.85
CA PHE A 30 -2.67 -41.04 6.25
C PHE A 30 -1.42 -41.79 5.84
N GLN A 31 -0.23 -41.19 5.91
CA GLN A 31 0.97 -41.88 5.46
C GLN A 31 1.39 -43.04 6.36
N TYR A 32 0.98 -43.05 7.62
CA TYR A 32 1.30 -44.16 8.53
C TYR A 32 0.37 -45.35 8.30
N SER A 33 0.92 -46.54 8.47
CA SER A 33 0.19 -47.76 8.12
C SER A 33 -1.07 -47.92 8.96
N PHE A 34 -2.15 -48.29 8.28
CA PHE A 34 -3.49 -48.36 8.85
C PHE A 34 -3.64 -49.45 9.90
N GLU A 35 -2.91 -50.56 9.73
CA GLU A 35 -3.02 -51.70 10.64
C GLU A 35 -2.82 -51.35 12.10
N MET A 36 -2.16 -50.24 12.40
CA MET A 36 -1.80 -49.88 13.76
C MET A 36 -2.18 -48.46 14.15
N CYS A 37 -3.01 -47.79 13.35
CA CYS A 37 -3.29 -46.37 13.55
C CYS A 37 -4.10 -46.14 14.83
N LEU A 38 -3.47 -45.51 15.80
CA LEU A 38 -4.14 -45.24 17.08
C LEU A 38 -5.35 -44.33 16.91
N LYS A 39 -5.35 -43.44 15.91
CA LYS A 39 -6.53 -42.62 15.66
C LYS A 39 -7.68 -43.41 15.08
N CYS A 40 -7.40 -44.43 14.28
CA CYS A 40 -8.45 -45.33 13.81
C CYS A 40 -8.89 -46.32 14.89
N ILE A 41 -7.95 -46.76 15.71
CA ILE A 41 -8.29 -47.66 16.82
C ILE A 41 -9.20 -46.97 17.83
N LYS A 42 -8.88 -45.74 18.20
CA LYS A 42 -9.71 -44.99 19.15
C LYS A 42 -10.89 -44.27 18.48
N LYS A 43 -10.96 -44.27 17.16
CA LYS A 43 -12.00 -43.58 16.38
C LYS A 43 -12.20 -42.14 16.83
N GLU A 44 -11.09 -41.41 16.82
CA GLU A 44 -11.03 -40.07 17.38
C GLU A 44 -11.83 -39.06 16.58
N GLN A 45 -11.59 -38.98 15.27
CA GLN A 45 -12.22 -38.00 14.39
C GLN A 45 -12.73 -38.65 13.11
N PRO A 46 -13.97 -38.39 12.69
CA PRO A 46 -14.48 -39.07 11.49
C PRO A 46 -13.76 -38.66 10.23
N SER A 47 -13.32 -37.40 10.14
CA SER A 47 -12.51 -36.94 9.03
C SER A 47 -11.19 -37.67 8.91
N HIS A 48 -10.83 -38.50 9.89
CA HIS A 48 -9.71 -39.42 9.77
C HIS A 48 -10.14 -40.87 9.61
N TYR A 49 -10.86 -41.43 10.58
CA TYR A 49 -11.03 -42.87 10.62
C TYR A 49 -11.91 -43.41 9.48
N LYS A 50 -12.77 -42.59 8.88
CA LYS A 50 -13.54 -43.06 7.74
C LYS A 50 -12.68 -43.24 6.49
N TYR A 51 -11.55 -42.55 6.40
CA TYR A 51 -10.83 -42.38 5.15
C TYR A 51 -9.43 -42.97 5.16
N HIS A 52 -8.79 -43.09 6.32
CA HIS A 52 -7.41 -43.55 6.38
C HIS A 52 -7.19 -44.86 5.65
N GLU A 53 -8.11 -45.81 5.80
CA GLU A 53 -7.98 -47.09 5.10
C GLU A 53 -7.95 -46.93 3.59
N LYS A 54 -8.82 -46.08 3.04
CA LYS A 54 -8.85 -45.85 1.60
C LYS A 54 -7.58 -45.19 1.08
N HIS A 55 -7.10 -44.17 1.76
CA HIS A 55 -6.08 -43.28 1.21
C HIS A 55 -4.64 -43.66 1.53
N TYR A 56 -4.41 -44.52 2.51
CA TYR A 56 -3.05 -44.88 2.90
C TYR A 56 -2.16 -45.20 1.69
N ALA A 57 -2.66 -46.01 0.76
CA ALA A 57 -1.86 -46.40 -0.38
C ALA A 57 -1.38 -45.21 -1.20
N ASN A 58 -2.17 -44.16 -1.29
CA ASN A 58 -1.80 -42.96 -2.04
C ASN A 58 -1.01 -41.96 -1.20
N ALA A 59 -1.42 -41.75 0.04
CA ALA A 59 -0.73 -40.79 0.89
C ALA A 59 0.70 -41.20 1.17
N ALA A 60 0.98 -42.50 1.18
CA ALA A 60 2.36 -42.97 1.27
C ALA A 60 3.24 -42.41 0.16
N ILE A 61 2.67 -42.14 -1.01
CA ILE A 61 3.42 -41.55 -2.11
C ILE A 61 3.44 -40.04 -2.01
N PHE A 62 2.29 -39.45 -1.71
CA PHE A 62 2.19 -38.01 -1.53
C PHE A 62 3.22 -37.49 -0.54
N ALA A 63 3.48 -38.25 0.53
CA ALA A 63 4.48 -37.84 1.51
C ALA A 63 5.87 -37.66 0.94
N ASP A 64 6.20 -38.31 -0.17
CA ASP A 64 7.50 -38.15 -0.82
C ASP A 64 7.51 -37.09 -1.91
N SER A 65 6.37 -36.49 -2.22
CA SER A 65 6.28 -35.54 -3.31
C SER A 65 6.99 -34.23 -3.01
N LYS A 66 7.28 -33.48 -4.07
CA LYS A 66 7.84 -32.14 -4.01
C LYS A 66 6.82 -31.05 -4.32
N ASN A 67 5.58 -31.42 -4.64
CA ASN A 67 4.54 -30.49 -5.08
C ASN A 67 3.47 -30.25 -4.05
N GLN A 68 3.68 -30.68 -2.80
CA GLN A 68 2.58 -30.93 -1.89
C GLN A 68 1.63 -29.74 -1.75
N LYS A 69 2.16 -28.53 -1.67
CA LYS A 69 1.25 -27.38 -1.55
C LYS A 69 0.50 -27.10 -2.85
N THR A 70 1.08 -27.44 -4.00
CA THR A 70 0.37 -27.27 -5.26
C THR A 70 -0.76 -28.27 -5.43
N ILE A 71 -0.52 -29.53 -5.06
CA ILE A 71 -1.58 -30.53 -5.14
C ILE A 71 -2.77 -30.11 -4.30
N CYS A 72 -2.50 -29.66 -3.07
CA CYS A 72 -3.57 -29.19 -2.20
C CYS A 72 -4.24 -27.95 -2.74
N GLN A 73 -3.50 -27.06 -3.38
CA GLN A 73 -4.12 -25.85 -3.94
C GLN A 73 -5.16 -26.19 -5.00
N GLN A 74 -4.87 -27.14 -5.88
CA GLN A 74 -5.89 -27.52 -6.86
C GLN A 74 -7.07 -28.19 -6.19
N ALA A 75 -6.83 -29.08 -5.23
CA ALA A 75 -7.92 -29.73 -4.53
C ALA A 75 -8.82 -28.73 -3.81
N VAL A 76 -8.23 -27.74 -3.16
CA VAL A 76 -9.00 -26.69 -2.49
C VAL A 76 -9.77 -25.84 -3.49
N ASP A 77 -9.17 -25.49 -4.61
CA ASP A 77 -9.90 -24.71 -5.60
C ASP A 77 -11.03 -25.48 -6.26
N THR A 78 -10.92 -26.80 -6.32
CA THR A 78 -12.08 -27.60 -6.75
C THR A 78 -13.24 -27.46 -5.78
N VAL A 79 -12.97 -27.41 -4.48
CA VAL A 79 -14.05 -27.20 -3.52
C VAL A 79 -14.63 -25.79 -3.64
N LEU A 80 -13.77 -24.77 -3.66
CA LEU A 80 -14.28 -23.41 -3.81
C LEU A 80 -15.03 -23.22 -5.12
N ALA A 81 -14.65 -23.95 -6.16
CA ALA A 81 -15.42 -23.90 -7.39
C ALA A 81 -16.83 -24.41 -7.22
N LYS A 82 -16.98 -25.57 -6.59
CA LYS A 82 -18.32 -26.11 -6.38
C LYS A 82 -19.22 -25.15 -5.60
N LYS A 83 -18.69 -24.51 -4.57
CA LYS A 83 -19.50 -23.54 -3.82
C LYS A 83 -20.07 -22.45 -4.70
N ARG A 84 -19.33 -21.96 -5.68
CA ARG A 84 -19.90 -20.95 -6.58
C ARG A 84 -20.96 -21.52 -7.50
N VAL A 85 -20.73 -22.70 -8.05
CA VAL A 85 -21.77 -23.33 -8.86
C VAL A 85 -23.05 -23.50 -8.04
N ASP A 86 -22.94 -24.06 -6.85
CA ASP A 86 -24.12 -24.20 -5.99
C ASP A 86 -24.77 -22.86 -5.67
N SER A 87 -23.98 -21.87 -5.29
CA SER A 87 -24.54 -20.57 -4.90
C SER A 87 -25.28 -19.87 -6.04
N LEU A 88 -24.86 -20.07 -7.28
CA LEU A 88 -25.61 -19.48 -8.40
C LEU A 88 -26.79 -20.34 -8.85
N GLN A 89 -26.63 -21.65 -8.85
CA GLN A 89 -27.64 -22.51 -9.48
C GLN A 89 -28.74 -23.01 -8.54
N LEU A 90 -28.53 -23.01 -7.23
CA LEU A 90 -29.58 -23.43 -6.31
C LEU A 90 -30.45 -22.27 -5.86
N THR A 91 -31.72 -22.56 -5.58
CA THR A 91 -32.62 -21.60 -4.94
C THR A 91 -32.29 -21.47 -3.46
N ARG A 92 -32.58 -20.29 -2.91
CA ARG A 92 -32.29 -20.06 -1.50
C ARG A 92 -32.99 -21.08 -0.60
N GLU A 93 -34.19 -21.50 -0.97
CA GLU A 93 -34.86 -22.54 -0.19
C GLU A 93 -34.14 -23.88 -0.29
N GLN A 94 -33.61 -24.22 -1.46
CA GLN A 94 -32.82 -25.44 -1.58
C GLN A 94 -31.52 -25.35 -0.79
N MET A 95 -30.85 -24.20 -0.82
CA MET A 95 -29.65 -24.01 -0.02
C MET A 95 -29.92 -24.18 1.48
N LEU A 96 -30.98 -23.54 1.97
CA LEU A 96 -31.36 -23.71 3.37
C LEU A 96 -31.74 -25.15 3.69
N THR A 97 -32.37 -25.85 2.74
CA THR A 97 -32.64 -27.28 2.93
C THR A 97 -31.36 -28.10 3.03
N ASN A 98 -30.35 -27.74 2.26
CA ASN A 98 -29.05 -28.41 2.40
C ASN A 98 -28.42 -28.10 3.75
N ARG A 99 -28.51 -26.86 4.23
CA ARG A 99 -27.98 -26.54 5.54
C ARG A 99 -28.59 -27.40 6.64
N PHE A 100 -29.91 -27.54 6.65
CA PHE A 100 -30.54 -28.38 7.67
C PHE A 100 -30.13 -29.85 7.57
N ASN A 101 -29.91 -30.37 6.37
CA ASN A 101 -29.40 -31.73 6.26
C ASN A 101 -28.01 -31.90 6.87
N ASP A 102 -27.18 -30.85 6.85
CA ASP A 102 -25.90 -30.93 7.55
C ASP A 102 -26.07 -30.86 9.07
N LEU A 103 -26.91 -29.96 9.56
CA LEU A 103 -27.15 -29.89 11.01
C LEU A 103 -27.79 -31.17 11.53
N LEU A 104 -28.75 -31.73 10.80
CA LEU A 104 -29.37 -32.98 11.25
C LEU A 104 -28.40 -34.15 11.17
N ASP A 105 -27.54 -34.19 10.16
CA ASP A 105 -26.50 -35.21 10.13
C ASP A 105 -25.57 -35.08 11.33
N ARG A 106 -25.18 -33.86 11.64
CA ARG A 106 -24.37 -33.58 12.82
C ARG A 106 -25.08 -34.04 14.10
N MET A 107 -26.38 -33.77 14.21
CA MET A 107 -27.15 -34.26 15.35
C MET A 107 -27.24 -35.79 15.39
N ASP A 108 -27.40 -36.44 14.23
CA ASP A 108 -27.47 -37.91 14.23
C ASP A 108 -26.21 -38.56 14.78
N ILE A 109 -25.07 -37.90 14.66
CA ILE A 109 -23.87 -38.36 15.38
C ILE A 109 -23.90 -37.89 16.82
N MET A 110 -24.18 -36.61 17.04
CA MET A 110 -23.99 -36.00 18.34
C MET A 110 -24.87 -36.63 19.41
N PHE A 111 -26.10 -36.99 19.08
CA PHE A 111 -26.97 -37.71 20.00
C PHE A 111 -27.02 -39.21 19.73
N GLY A 112 -26.07 -39.73 18.96
CA GLY A 112 -26.01 -41.15 18.68
C GLY A 112 -25.56 -41.96 19.88
N SER A 113 -25.42 -43.26 19.65
CA SER A 113 -24.82 -44.15 20.66
C SER A 113 -23.35 -43.82 20.89
N THR A 114 -22.65 -43.37 19.85
CA THR A 114 -21.32 -42.80 20.00
C THR A 114 -21.36 -41.38 20.54
N GLY A 115 -22.56 -40.77 20.55
CA GLY A 115 -22.69 -39.37 20.93
C GLY A 115 -22.37 -39.10 22.38
N SER A 116 -21.84 -37.91 22.63
CA SER A 116 -21.51 -37.43 23.97
C SER A 116 -22.59 -36.54 24.58
N ALA A 117 -23.52 -36.02 23.78
CA ALA A 117 -24.50 -35.05 24.24
C ALA A 117 -25.61 -35.69 25.07
N ASP A 118 -26.12 -34.93 26.05
CA ASP A 118 -27.33 -35.27 26.79
C ASP A 118 -28.46 -34.32 26.40
N ILE A 119 -29.48 -34.86 25.74
CA ILE A 119 -30.54 -34.06 25.12
C ILE A 119 -31.34 -33.22 26.12
N GLU A 120 -31.38 -33.60 27.40
CA GLU A 120 -32.05 -32.74 28.39
C GLU A 120 -31.39 -31.38 28.51
N GLU A 121 -30.07 -31.32 28.36
CA GLU A 121 -29.37 -30.05 28.44
C GLU A 121 -29.73 -29.15 27.27
N TRP A 122 -29.83 -29.73 26.08
CA TRP A 122 -30.15 -28.93 24.89
C TRP A 122 -31.62 -28.50 24.88
N MET A 123 -32.52 -29.36 25.34
CA MET A 123 -33.92 -28.94 25.46
C MET A 123 -34.11 -27.93 26.58
N ALA A 124 -33.31 -28.01 27.63
CA ALA A 124 -33.25 -26.89 28.56
C ALA A 124 -32.80 -25.63 27.85
N GLY A 125 -31.85 -25.76 26.93
CA GLY A 125 -31.52 -24.64 26.05
C GLY A 125 -32.73 -24.10 25.30
N VAL A 126 -33.51 -24.99 24.70
CA VAL A 126 -34.74 -24.55 24.03
C VAL A 126 -35.67 -23.84 24.99
N ALA A 127 -35.84 -24.38 26.20
CA ALA A 127 -36.70 -23.73 27.18
C ALA A 127 -36.19 -22.35 27.56
N TRP A 128 -34.87 -22.22 27.78
CA TRP A 128 -34.31 -20.91 28.12
C TRP A 128 -34.50 -19.91 26.98
N LEU A 129 -34.18 -20.31 25.76
CA LEU A 129 -34.33 -19.41 24.62
C LEU A 129 -35.77 -18.97 24.41
N HIS A 130 -36.75 -19.85 24.64
CA HIS A 130 -38.13 -19.43 24.49
C HIS A 130 -38.56 -18.40 25.53
N CYS A 131 -37.85 -18.30 26.65
CA CYS A 131 -38.12 -17.23 27.61
C CYS A 131 -37.47 -15.91 27.23
N LEU A 132 -36.50 -15.93 26.32
CA LEU A 132 -35.77 -14.71 25.97
C LEU A 132 -36.66 -13.71 25.26
N LEU A 133 -37.47 -14.15 24.30
CA LEU A 133 -38.40 -13.28 23.59
C LEU A 133 -39.80 -13.88 23.57
N PRO A 134 -40.83 -13.04 23.54
CA PRO A 134 -42.21 -13.58 23.47
C PRO A 134 -42.48 -14.30 22.17
N LYS A 135 -43.02 -15.51 22.29
CA LYS A 135 -43.35 -16.38 21.16
C LYS A 135 -42.14 -16.56 20.24
N MET A 136 -41.00 -16.85 20.87
CA MET A 136 -39.70 -16.87 20.19
C MET A 136 -39.72 -17.66 18.88
N ASP A 137 -40.29 -18.87 18.90
CA ASP A 137 -40.23 -19.73 17.72
C ASP A 137 -40.89 -19.08 16.50
N SER A 138 -41.89 -18.24 16.70
CA SER A 138 -42.44 -17.49 15.58
C SER A 138 -41.43 -16.51 15.01
N VAL A 139 -40.67 -15.86 15.89
CA VAL A 139 -39.62 -14.93 15.43
C VAL A 139 -38.54 -15.67 14.65
N VAL A 140 -38.18 -16.86 15.10
CA VAL A 140 -37.21 -17.67 14.35
C VAL A 140 -37.75 -18.00 12.96
N TYR A 141 -38.98 -18.50 12.89
CA TYR A 141 -39.52 -18.87 11.58
C TYR A 141 -39.70 -17.67 10.68
N ASP A 142 -40.17 -16.55 11.22
CA ASP A 142 -40.26 -15.33 10.41
C ASP A 142 -38.90 -14.93 9.85
N PHE A 143 -37.85 -15.00 10.66
CA PHE A 143 -36.53 -14.68 10.15
C PHE A 143 -36.11 -15.62 9.02
N LEU A 144 -36.25 -16.93 9.22
CA LEU A 144 -35.87 -17.85 8.16
C LEU A 144 -36.59 -17.55 6.86
N LYS A 145 -37.89 -17.34 6.93
CA LYS A 145 -38.64 -17.01 5.72
C LYS A 145 -38.17 -15.69 5.13
N CYS A 146 -37.89 -14.71 5.99
CA CYS A 146 -37.35 -13.43 5.51
C CYS A 146 -36.02 -13.59 4.79
N MET A 147 -35.14 -14.44 5.29
CA MET A 147 -33.85 -14.63 4.63
C MET A 147 -33.95 -15.42 3.32
N VAL A 148 -35.04 -16.15 3.12
CA VAL A 148 -35.31 -16.73 1.81
C VAL A 148 -35.96 -15.69 0.88
N TYR A 149 -36.93 -14.94 1.38
CA TYR A 149 -37.58 -13.85 0.62
C TYR A 149 -36.68 -12.61 0.59
N ASN A 150 -35.63 -12.70 -0.23
CA ASN A 150 -34.60 -11.67 -0.33
C ASN A 150 -35.08 -10.38 -1.01
N ILE A 151 -36.09 -9.72 -0.44
CA ILE A 151 -36.77 -8.55 -1.01
C ILE A 151 -35.91 -7.28 -0.96
N PRO A 152 -35.52 -6.70 -2.11
CA PRO A 152 -34.74 -5.46 -2.11
C PRO A 152 -35.24 -4.37 -1.19
N LYS A 153 -34.29 -3.68 -0.55
CA LYS A 153 -34.51 -2.65 0.47
C LYS A 153 -35.17 -3.17 1.75
N LYS A 154 -35.52 -4.45 1.81
CA LYS A 154 -36.21 -5.03 2.96
C LYS A 154 -35.57 -6.38 3.34
N ARG A 155 -34.26 -6.34 3.61
CA ARG A 155 -33.42 -7.53 3.73
C ARG A 155 -32.72 -7.65 5.08
N TYR A 156 -32.87 -6.68 5.99
CA TYR A 156 -32.12 -6.65 7.23
C TYR A 156 -33.01 -6.36 8.44
N TRP A 157 -32.71 -7.01 9.56
CA TRP A 157 -33.35 -6.74 10.84
C TRP A 157 -32.37 -6.06 11.79
N LEU A 158 -32.88 -5.17 12.64
CA LEU A 158 -32.09 -4.47 13.64
C LEU A 158 -32.36 -5.01 15.04
N PHE A 159 -31.30 -5.42 15.73
CA PHE A 159 -31.35 -5.80 17.16
C PHE A 159 -30.77 -4.68 18.00
N LYS A 160 -31.53 -4.23 19.01
CA LYS A 160 -31.11 -3.08 19.82
C LYS A 160 -31.44 -3.30 21.30
N GLY A 161 -30.62 -2.71 22.17
CA GLY A 161 -30.79 -2.84 23.61
C GLY A 161 -29.50 -2.81 24.42
N PRO A 162 -29.64 -2.77 25.76
CA PRO A 162 -28.48 -2.54 26.65
C PRO A 162 -27.45 -3.66 26.78
N ILE A 163 -26.48 -3.41 27.68
CA ILE A 163 -25.19 -4.11 27.72
C ILE A 163 -25.32 -5.63 27.82
N ASP A 164 -26.40 -6.14 28.43
CA ASP A 164 -26.62 -7.58 28.52
C ASP A 164 -28.09 -7.88 28.37
N SER A 165 -28.52 -8.18 27.14
CA SER A 165 -29.90 -8.61 26.94
C SER A 165 -30.03 -9.68 25.86
N GLY A 166 -28.94 -10.24 25.36
CA GLY A 166 -29.00 -11.44 24.55
C GLY A 166 -29.00 -11.20 23.06
N LYS A 167 -28.83 -9.96 22.61
CA LYS A 167 -28.80 -9.67 21.18
C LYS A 167 -27.77 -10.56 20.48
N THR A 168 -26.56 -10.56 21.02
CA THR A 168 -25.46 -11.35 20.47
C THR A 168 -25.70 -12.84 20.65
N THR A 169 -26.24 -13.25 21.80
CA THR A 169 -26.57 -14.65 22.03
C THR A 169 -27.52 -15.20 20.96
N LEU A 170 -28.59 -14.48 20.65
CA LEU A 170 -29.50 -14.94 19.61
C LEU A 170 -28.92 -14.82 18.21
N ALA A 171 -28.27 -13.69 17.91
CA ALA A 171 -27.66 -13.52 16.59
C ALA A 171 -26.69 -14.64 16.27
N ALA A 172 -25.87 -15.04 17.23
CA ALA A 172 -24.95 -16.16 17.01
C ALA A 172 -25.69 -17.47 16.73
N ALA A 173 -26.84 -17.69 17.35
CA ALA A 173 -27.59 -18.91 17.09
C ALA A 173 -28.19 -18.92 15.69
N LEU A 174 -28.79 -17.82 15.27
CA LEU A 174 -29.31 -17.72 13.92
C LEU A 174 -28.19 -17.84 12.89
N LEU A 175 -27.02 -17.28 13.20
CA LEU A 175 -25.88 -17.37 12.30
C LEU A 175 -25.41 -18.80 12.10
N GLU A 176 -25.38 -19.62 13.15
CA GLU A 176 -25.08 -21.04 12.94
C GLU A 176 -26.23 -21.78 12.27
N LEU A 177 -27.47 -21.43 12.60
CA LEU A 177 -28.60 -22.13 11.99
C LEU A 177 -28.60 -22.00 10.48
N CYS A 178 -28.36 -20.80 9.96
CA CYS A 178 -28.30 -20.59 8.52
C CYS A 178 -26.92 -20.78 7.93
N GLY A 179 -25.86 -20.60 8.70
CA GLY A 179 -24.56 -20.25 8.17
C GLY A 179 -24.48 -18.79 7.76
N GLY A 180 -23.25 -18.31 7.66
CA GLY A 180 -23.00 -16.91 7.36
C GLY A 180 -21.66 -16.48 7.93
N LYS A 181 -21.43 -15.17 7.89
CA LYS A 181 -20.23 -14.57 8.50
C LYS A 181 -20.62 -13.34 9.31
N ALA A 182 -20.03 -13.22 10.50
CA ALA A 182 -20.03 -11.96 11.22
C ALA A 182 -18.99 -11.00 10.65
N LEU A 183 -19.36 -9.73 10.50
CA LEU A 183 -18.45 -8.69 10.03
C LEU A 183 -18.34 -7.56 11.04
N ASN A 184 -17.15 -6.96 11.11
CA ASN A 184 -16.88 -5.79 11.92
C ASN A 184 -16.74 -4.55 11.04
N VAL A 185 -17.55 -3.51 11.32
CA VAL A 185 -17.51 -2.27 10.57
C VAL A 185 -17.20 -1.06 11.46
N ASN A 186 -16.75 -1.27 12.69
CA ASN A 186 -16.29 -0.17 13.52
C ASN A 186 -14.90 0.34 13.13
N LEU A 187 -14.12 -0.46 12.41
CA LEU A 187 -12.85 -0.01 11.86
C LEU A 187 -13.04 1.02 10.74
N PRO A 188 -12.01 1.81 10.45
CA PRO A 188 -12.13 2.87 9.45
C PRO A 188 -12.33 2.34 8.02
N LEU A 189 -12.94 3.21 7.20
CA LEU A 189 -13.55 2.81 5.93
C LEU A 189 -12.58 2.17 4.93
N ASP A 190 -11.28 2.44 5.02
CA ASP A 190 -10.40 2.05 3.91
C ASP A 190 -10.30 0.52 3.74
N ARG A 191 -9.94 -0.20 4.80
CA ARG A 191 -9.75 -1.65 4.70
C ARG A 191 -11.05 -2.44 4.73
N LEU A 192 -12.20 -1.80 4.77
CA LEU A 192 -13.46 -2.54 4.71
C LEU A 192 -13.62 -3.30 3.40
N ASN A 193 -12.87 -2.93 2.35
CA ASN A 193 -12.95 -3.67 1.09
C ASN A 193 -12.62 -5.15 1.27
N PHE A 194 -11.60 -5.48 2.06
CA PHE A 194 -11.31 -6.90 2.34
C PHE A 194 -12.20 -7.50 3.41
N GLU A 195 -12.71 -6.70 4.35
CA GLU A 195 -13.67 -7.24 5.31
C GLU A 195 -14.97 -7.62 4.64
N LEU A 196 -15.55 -6.71 3.85
CA LEU A 196 -16.71 -7.06 3.05
C LEU A 196 -16.43 -8.21 2.09
N GLY A 197 -15.19 -8.33 1.62
CA GLY A 197 -14.78 -9.46 0.83
C GLY A 197 -15.03 -10.83 1.42
N VAL A 198 -15.15 -10.92 2.74
CA VAL A 198 -15.48 -12.20 3.38
C VAL A 198 -16.91 -12.64 3.13
N ALA A 199 -17.80 -11.72 2.77
CA ALA A 199 -19.19 -12.05 2.45
C ALA A 199 -19.37 -12.77 1.12
N ILE A 200 -18.32 -12.94 0.33
CA ILE A 200 -18.43 -13.66 -0.93
C ILE A 200 -19.04 -15.04 -0.73
N ASP A 201 -20.03 -15.36 -1.56
CA ASP A 201 -20.71 -16.66 -1.62
C ASP A 201 -21.40 -17.08 -0.33
N GLN A 202 -21.64 -16.18 0.62
CA GLN A 202 -22.28 -16.54 1.88
C GLN A 202 -23.81 -16.44 1.81
N PHE A 203 -24.47 -17.16 2.72
CA PHE A 203 -25.93 -17.10 2.83
C PHE A 203 -26.43 -15.92 3.68
N LEU A 204 -25.72 -15.56 4.74
CA LEU A 204 -26.06 -14.41 5.58
C LEU A 204 -24.84 -13.54 5.83
N VAL A 205 -25.10 -12.31 6.26
CA VAL A 205 -24.14 -11.48 6.98
C VAL A 205 -24.75 -11.04 8.30
N VAL A 206 -23.92 -10.91 9.33
CA VAL A 206 -24.30 -10.27 10.58
C VAL A 206 -23.29 -9.17 10.91
N PHE A 207 -23.78 -7.97 11.19
CA PHE A 207 -22.93 -6.86 11.61
C PHE A 207 -22.97 -6.75 13.14
N GLU A 208 -21.81 -6.85 13.77
CA GLU A 208 -21.70 -7.04 15.21
C GLU A 208 -21.43 -5.74 15.95
N ASP A 209 -22.29 -5.42 16.92
CA ASP A 209 -22.09 -4.34 17.89
C ASP A 209 -21.62 -3.03 17.24
N VAL A 210 -22.40 -2.57 16.26
CA VAL A 210 -22.05 -1.40 15.45
C VAL A 210 -22.13 -0.15 16.34
N LYS A 211 -20.99 0.51 16.57
CA LYS A 211 -20.92 1.69 17.42
C LYS A 211 -21.43 2.94 16.69
N GLY A 212 -22.21 3.76 17.40
CA GLY A 212 -22.72 5.02 16.89
C GLY A 212 -22.08 6.26 17.49
N THR A 213 -22.85 7.36 17.51
CA THR A 213 -22.46 8.58 18.20
C THR A 213 -23.71 9.25 18.76
N GLY A 214 -23.52 10.08 19.78
CA GLY A 214 -24.63 10.55 20.61
C GLY A 214 -25.19 9.48 21.53
N GLY A 215 -26.13 9.87 22.40
CA GLY A 215 -26.58 9.00 23.48
C GLY A 215 -25.54 8.80 24.55
N GLU A 216 -24.46 9.59 24.51
CA GLU A 216 -23.29 9.39 25.34
C GLU A 216 -23.57 9.46 26.85
N SER A 217 -24.65 10.13 27.25
CA SER A 217 -25.07 10.11 28.64
C SER A 217 -25.38 8.71 29.16
N ARG A 218 -25.64 7.76 28.28
CA ARG A 218 -25.76 6.36 28.67
C ARG A 218 -24.41 5.67 28.90
N ASP A 219 -23.31 6.43 28.93
CA ASP A 219 -21.96 5.88 28.89
C ASP A 219 -21.73 5.01 27.65
N LEU A 220 -22.00 5.59 26.49
CA LEU A 220 -21.80 4.95 25.19
C LEU A 220 -20.79 5.75 24.39
N PRO A 221 -19.49 5.47 24.55
CA PRO A 221 -18.48 6.15 23.73
C PRO A 221 -18.76 6.00 22.23
N SER A 222 -18.49 7.08 21.50
CA SER A 222 -18.82 7.17 20.07
C SER A 222 -17.85 6.33 19.21
N GLY A 223 -18.24 6.16 17.95
CA GLY A 223 -17.41 5.48 16.96
C GLY A 223 -17.99 5.63 15.57
N GLN A 224 -17.27 5.09 14.58
CA GLN A 224 -17.60 5.25 13.17
C GLN A 224 -18.66 4.26 12.67
N GLY A 225 -18.95 3.21 13.42
CA GLY A 225 -19.74 2.10 12.89
C GLY A 225 -21.02 2.50 12.18
N ILE A 226 -21.88 3.26 12.84
CA ILE A 226 -23.16 3.64 12.23
C ILE A 226 -22.95 4.49 10.98
N ASN A 227 -22.03 5.44 11.02
CA ASN A 227 -21.72 6.21 9.82
C ASN A 227 -21.25 5.32 8.68
N ASN A 228 -20.51 4.25 8.98
CA ASN A 228 -20.09 3.32 7.95
C ASN A 228 -21.25 2.51 7.36
N LEU A 229 -22.33 2.31 8.10
CA LEU A 229 -23.54 1.73 7.53
C LEU A 229 -24.50 2.76 6.96
N ASP A 230 -24.26 4.04 7.23
CA ASP A 230 -24.94 5.08 6.46
C ASP A 230 -24.36 5.15 5.05
N ASN A 231 -23.04 4.97 4.94
CA ASN A 231 -22.42 4.51 3.71
C ASN A 231 -22.75 3.04 3.48
N LEU A 232 -22.19 2.46 2.40
CA LEU A 232 -22.46 1.07 2.00
C LEU A 232 -23.94 0.80 1.77
N ARG A 233 -24.69 1.87 1.49
CA ARG A 233 -26.14 1.84 1.50
C ARG A 233 -26.70 0.84 0.49
N ASP A 234 -26.10 0.78 -0.70
CA ASP A 234 -26.49 -0.20 -1.71
C ASP A 234 -26.20 -1.65 -1.31
N TYR A 235 -25.17 -1.90 -0.49
CA TYR A 235 -24.96 -3.26 -0.01
C TYR A 235 -26.13 -3.73 0.86
N LEU A 236 -26.63 -2.87 1.74
CA LEU A 236 -27.83 -3.23 2.50
C LEU A 236 -29.04 -3.42 1.59
N ASP A 237 -29.31 -2.44 0.72
CA ASP A 237 -30.50 -2.50 -0.13
C ASP A 237 -30.51 -3.72 -1.04
N GLY A 238 -29.35 -4.13 -1.54
CA GLY A 238 -29.27 -5.31 -2.38
C GLY A 238 -30.00 -5.20 -3.70
N SER A 239 -30.41 -3.99 -4.07
CA SER A 239 -31.14 -3.78 -5.32
C SER A 239 -30.25 -3.89 -6.55
N VAL A 240 -28.92 -3.93 -6.35
CA VAL A 240 -27.95 -3.94 -7.43
C VAL A 240 -26.81 -4.87 -7.05
N LYS A 241 -26.05 -5.33 -8.05
CA LYS A 241 -24.82 -6.05 -7.75
C LYS A 241 -23.72 -5.10 -7.27
N VAL A 242 -22.76 -5.67 -6.54
CA VAL A 242 -21.57 -4.99 -6.07
C VAL A 242 -20.36 -5.88 -6.33
N ASN A 243 -19.17 -5.27 -6.25
CA ASN A 243 -17.90 -6.00 -6.35
C ASN A 243 -17.29 -6.24 -4.97
N LEU A 244 -16.86 -7.48 -4.72
CA LEU A 244 -16.23 -7.90 -3.49
C LEU A 244 -14.84 -8.44 -3.79
N GLU A 245 -13.90 -8.24 -2.86
CA GLU A 245 -12.47 -8.34 -3.15
C GLU A 245 -11.77 -9.26 -2.18
N LYS A 246 -10.80 -10.04 -2.67
CA LYS A 246 -9.89 -10.77 -1.81
C LYS A 246 -8.53 -10.94 -2.50
N LYS A 247 -7.49 -11.09 -1.68
CA LYS A 247 -6.12 -10.86 -2.10
C LYS A 247 -5.64 -11.86 -3.15
N HIS A 248 -4.98 -11.35 -4.19
CA HIS A 248 -4.40 -12.16 -5.28
C HIS A 248 -5.43 -12.99 -6.03
N LEU A 249 -6.70 -12.68 -5.90
CA LEU A 249 -7.76 -13.27 -6.70
C LEU A 249 -8.48 -12.17 -7.45
N ASN A 250 -9.08 -12.51 -8.59
CA ASN A 250 -9.94 -11.56 -9.28
C ASN A 250 -11.16 -11.23 -8.45
N LYS A 251 -11.73 -10.04 -8.68
CA LYS A 251 -12.92 -9.62 -7.96
C LYS A 251 -14.10 -10.54 -8.21
N ARG A 252 -15.02 -10.57 -7.24
CA ARG A 252 -16.31 -11.25 -7.35
C ARG A 252 -17.42 -10.22 -7.45
N THR A 253 -18.29 -10.35 -8.45
CA THR A 253 -19.46 -9.49 -8.59
C THR A 253 -20.72 -10.27 -8.26
N GLN A 254 -21.47 -9.79 -7.27
CA GLN A 254 -22.69 -10.49 -6.84
C GLN A 254 -23.58 -9.51 -6.08
N ILE A 255 -24.83 -9.93 -5.84
CA ILE A 255 -25.67 -9.25 -4.87
C ILE A 255 -25.22 -9.61 -3.46
N PHE A 256 -25.15 -8.60 -2.59
CA PHE A 256 -24.70 -8.80 -1.22
C PHE A 256 -25.76 -9.56 -0.39
N PRO A 257 -25.33 -10.41 0.55
CA PRO A 257 -26.29 -11.19 1.36
C PRO A 257 -27.26 -10.33 2.16
N PRO A 258 -28.42 -10.89 2.56
CA PRO A 258 -29.27 -10.28 3.61
C PRO A 258 -28.66 -10.50 4.99
N GLY A 259 -29.22 -9.96 6.07
CA GLY A 259 -28.57 -10.17 7.36
C GLY A 259 -29.24 -9.53 8.56
N ILE A 260 -28.43 -9.33 9.60
CA ILE A 260 -28.82 -8.72 10.88
C ILE A 260 -27.81 -7.64 11.25
N VAL A 261 -28.29 -6.53 11.80
CA VAL A 261 -27.44 -5.55 12.46
C VAL A 261 -27.74 -5.56 13.97
N THR A 262 -26.69 -5.58 14.78
CA THR A 262 -26.80 -5.52 16.23
C THR A 262 -26.09 -4.28 16.76
N MET A 263 -26.70 -3.61 17.74
CA MET A 263 -26.06 -2.45 18.35
C MET A 263 -26.62 -2.20 19.74
N ASN A 264 -25.82 -1.51 20.56
CA ASN A 264 -26.31 -0.90 21.78
C ASN A 264 -26.95 0.47 21.48
N GLU A 265 -27.49 1.10 22.52
CA GLU A 265 -28.54 2.13 22.38
C GLU A 265 -28.04 3.50 21.88
N TYR A 266 -27.39 3.49 20.72
CA TYR A 266 -27.05 4.72 20.01
C TYR A 266 -28.27 5.34 19.31
N SER A 267 -28.15 6.61 18.95
CA SER A 267 -29.03 7.25 17.97
C SER A 267 -28.73 6.76 16.55
N VAL A 268 -29.75 6.77 15.68
CA VAL A 268 -29.63 6.21 14.34
C VAL A 268 -30.10 7.18 13.25
N PRO A 269 -29.33 7.34 12.16
CA PRO A 269 -29.82 8.13 11.01
C PRO A 269 -31.12 7.61 10.40
N LYS A 270 -32.00 8.55 10.06
CA LYS A 270 -33.26 8.21 9.41
C LYS A 270 -33.04 7.46 8.10
N THR A 271 -32.01 7.84 7.34
CA THR A 271 -31.72 7.20 6.06
C THR A 271 -31.31 5.75 6.22
N LEU A 272 -30.75 5.39 7.37
CA LEU A 272 -30.48 3.99 7.70
C LEU A 272 -31.70 3.30 8.28
N GLN A 273 -32.40 3.95 9.21
CA GLN A 273 -33.64 3.42 9.75
C GLN A 273 -34.63 3.01 8.65
N ALA A 274 -34.61 3.72 7.53
CA ALA A 274 -35.46 3.38 6.39
C ALA A 274 -35.21 2.00 5.79
N ARG A 275 -34.10 1.35 6.11
CA ARG A 275 -33.65 0.18 5.35
C ARG A 275 -33.76 -1.15 6.09
N PHE A 276 -34.31 -1.16 7.31
CA PHE A 276 -34.55 -2.40 8.04
C PHE A 276 -36.03 -2.78 7.93
N VAL A 277 -36.27 -4.04 7.55
CA VAL A 277 -37.65 -4.53 7.44
C VAL A 277 -38.25 -4.81 8.81
N LYS A 278 -37.43 -4.98 9.84
CA LYS A 278 -37.90 -5.20 11.20
C LYS A 278 -36.89 -4.62 12.18
N GLN A 279 -37.38 -4.11 13.30
CA GLN A 279 -36.56 -3.90 14.49
C GLN A 279 -37.16 -4.68 15.65
N ILE A 280 -36.31 -5.26 16.48
CA ILE A 280 -36.73 -5.96 17.69
C ILE A 280 -35.81 -5.58 18.85
N ASP A 281 -36.41 -5.24 19.99
CA ASP A 281 -35.71 -4.70 21.15
C ASP A 281 -35.56 -5.74 22.26
N PHE A 282 -34.35 -5.86 22.80
CA PHE A 282 -33.99 -6.89 23.77
C PHE A 282 -33.84 -6.26 25.16
N ARG A 283 -34.64 -6.73 26.14
CA ARG A 283 -34.65 -6.15 27.48
C ARG A 283 -34.06 -7.09 28.53
N PRO A 284 -33.33 -6.57 29.52
CA PRO A 284 -32.76 -7.43 30.56
C PRO A 284 -33.83 -8.04 31.48
N LYS A 285 -33.67 -9.32 31.79
CA LYS A 285 -34.59 -10.05 32.66
C LYS A 285 -33.82 -10.70 33.81
N ASP A 286 -34.14 -10.25 35.03
CA ASP A 286 -33.39 -10.66 36.22
C ASP A 286 -33.32 -12.17 36.38
N TYR A 287 -34.46 -12.85 36.25
CA TYR A 287 -34.53 -14.28 36.48
C TYR A 287 -33.70 -15.11 35.50
N LEU A 288 -33.51 -14.63 34.27
CA LEU A 288 -32.68 -15.38 33.32
C LEU A 288 -31.24 -15.48 33.80
N LYS A 289 -30.71 -14.41 34.37
CA LYS A 289 -29.35 -14.44 34.91
C LYS A 289 -29.21 -15.41 36.08
N HIS A 290 -30.10 -15.32 37.05
CA HIS A 290 -30.08 -16.25 38.17
C HIS A 290 -30.18 -17.70 37.70
N CYS A 291 -30.96 -17.95 36.66
CA CYS A 291 -31.07 -19.30 36.13
C CYS A 291 -29.72 -19.80 35.59
N LEU A 292 -29.05 -19.00 34.76
CA LEU A 292 -27.75 -19.41 34.22
C LEU A 292 -26.68 -19.55 35.30
N GLU A 293 -26.72 -18.69 36.33
CA GLU A 293 -25.80 -18.86 37.45
C GLU A 293 -25.99 -20.20 38.16
N ARG A 294 -27.15 -20.82 38.01
CA ARG A 294 -27.44 -22.11 38.62
C ARG A 294 -27.37 -23.27 37.64
N SER A 295 -27.07 -22.99 36.36
CA SER A 295 -27.13 -24.01 35.32
C SER A 295 -26.07 -23.73 34.25
N GLU A 296 -24.88 -23.32 34.69
CA GLU A 296 -23.85 -22.76 33.83
C GLU A 296 -23.31 -23.72 32.76
N PHE A 297 -23.63 -25.01 32.82
CA PHE A 297 -23.34 -25.90 31.69
C PHE A 297 -23.95 -25.40 30.38
N LEU A 298 -25.03 -24.64 30.46
CA LEU A 298 -25.60 -24.02 29.26
C LEU A 298 -24.64 -23.05 28.60
N LEU A 299 -23.80 -22.37 29.38
CA LEU A 299 -22.75 -21.53 28.81
C LEU A 299 -21.50 -22.33 28.46
N GLU A 300 -21.09 -23.26 29.33
CA GLU A 300 -19.88 -24.03 29.05
C GLU A 300 -19.97 -24.78 27.72
N LYS A 301 -21.10 -25.41 27.45
CA LYS A 301 -21.32 -26.07 26.17
C LYS A 301 -21.88 -25.12 25.11
N ARG A 302 -22.00 -23.83 25.42
CA ARG A 302 -22.49 -22.81 24.48
C ARG A 302 -23.87 -23.14 23.91
N ILE A 303 -24.64 -23.92 24.65
CA ILE A 303 -25.91 -24.45 24.14
C ILE A 303 -26.83 -23.32 23.68
N ILE A 304 -27.01 -22.29 24.51
CA ILE A 304 -27.88 -21.17 24.15
C ILE A 304 -27.36 -20.34 22.99
N GLN A 305 -26.11 -20.51 22.58
CA GLN A 305 -25.63 -19.89 21.35
C GLN A 305 -25.78 -20.79 20.12
N SER A 306 -26.01 -22.08 20.30
CA SER A 306 -25.90 -23.01 19.18
C SER A 306 -27.08 -22.88 18.22
N GLY A 307 -26.79 -23.11 16.94
CA GLY A 307 -27.86 -23.24 15.96
C GLY A 307 -28.70 -24.48 16.19
N ILE A 308 -28.08 -25.55 16.70
CA ILE A 308 -28.80 -26.78 16.98
C ILE A 308 -29.93 -26.55 17.98
N ALA A 309 -29.71 -25.67 18.97
CA ALA A 309 -30.79 -25.33 19.89
C ALA A 309 -31.97 -24.67 19.18
N LEU A 310 -31.72 -23.80 18.20
CA LEU A 310 -32.85 -23.26 17.43
C LEU A 310 -33.50 -24.30 16.55
N LEU A 311 -32.71 -25.19 15.95
CA LEU A 311 -33.29 -26.25 15.13
C LEU A 311 -34.18 -27.19 15.96
N LEU A 312 -33.73 -27.55 17.16
CA LEU A 312 -34.58 -28.32 18.06
C LEU A 312 -35.84 -27.55 18.48
N MET A 313 -35.72 -26.25 18.69
CA MET A 313 -36.91 -25.44 18.93
C MET A 313 -37.89 -25.51 17.76
N LEU A 314 -37.40 -25.36 16.53
CA LEU A 314 -38.28 -25.44 15.37
C LEU A 314 -38.91 -26.82 15.24
N ILE A 315 -38.12 -27.89 15.38
CA ILE A 315 -38.68 -29.23 15.32
C ILE A 315 -39.75 -29.42 16.39
N TRP A 316 -39.51 -28.88 17.59
CA TRP A 316 -40.48 -29.03 18.67
C TRP A 316 -41.77 -28.27 18.38
N TYR A 317 -41.68 -26.98 18.11
CA TYR A 317 -42.88 -26.13 18.07
C TYR A 317 -43.64 -26.19 16.74
N ARG A 318 -42.95 -26.32 15.61
CA ARG A 318 -43.59 -26.07 14.32
C ARG A 318 -44.17 -27.35 13.71
N PRO A 319 -45.22 -27.22 12.89
CA PRO A 319 -45.74 -28.39 12.15
C PRO A 319 -44.83 -28.78 11.00
N VAL A 320 -44.74 -30.08 10.73
CA VAL A 320 -43.81 -30.58 9.71
C VAL A 320 -44.09 -29.97 8.34
N ALA A 321 -45.35 -29.67 8.05
CA ALA A 321 -45.71 -29.02 6.78
C ALA A 321 -45.11 -27.64 6.60
N GLU A 322 -44.57 -27.03 7.65
CA GLU A 322 -43.92 -25.73 7.51
C GLU A 322 -42.49 -25.83 6.95
N PHE A 323 -41.86 -27.00 7.01
CA PHE A 323 -40.56 -27.24 6.39
C PHE A 323 -40.70 -27.60 4.91
N ALA A 324 -39.55 -27.61 4.22
CA ALA A 324 -39.47 -28.08 2.84
C ALA A 324 -39.83 -29.56 2.71
N GLN A 325 -40.22 -29.95 1.50
CA GLN A 325 -40.76 -31.29 1.26
C GLN A 325 -39.69 -32.39 1.29
N SER A 326 -38.46 -32.09 0.87
CA SER A 326 -37.44 -33.13 0.79
C SER A 326 -37.06 -33.68 2.15
N ILE A 327 -37.01 -32.82 3.16
CA ILE A 327 -36.49 -33.17 4.49
C ILE A 327 -37.54 -33.80 5.39
N GLN A 328 -38.79 -33.91 4.93
CA GLN A 328 -39.91 -34.28 5.80
C GLN A 328 -39.68 -35.59 6.56
N SER A 329 -39.18 -36.62 5.89
CA SER A 329 -39.09 -37.93 6.54
C SER A 329 -38.20 -37.93 7.78
N ARG A 330 -37.06 -37.24 7.73
CA ARG A 330 -36.18 -37.22 8.90
C ARG A 330 -36.61 -36.21 9.95
N ILE A 331 -37.28 -35.12 9.58
CA ILE A 331 -37.89 -34.24 10.58
C ILE A 331 -39.02 -34.96 11.32
N VAL A 332 -39.82 -35.76 10.62
CA VAL A 332 -40.80 -36.59 11.31
C VAL A 332 -40.12 -37.51 12.32
N GLU A 333 -39.10 -38.23 11.88
CA GLU A 333 -38.40 -39.15 12.78
C GLU A 333 -37.84 -38.43 14.00
N TRP A 334 -37.20 -37.27 13.81
CA TRP A 334 -36.71 -36.50 14.95
C TRP A 334 -37.83 -35.97 15.83
N LYS A 335 -38.94 -35.51 15.26
CA LYS A 335 -40.00 -34.98 16.11
C LYS A 335 -40.64 -36.08 16.96
N GLU A 336 -40.80 -37.28 16.41
CA GLU A 336 -41.26 -38.40 17.22
C GLU A 336 -40.23 -38.81 18.28
N ARG A 337 -38.94 -38.76 17.95
CA ARG A 337 -37.92 -39.02 18.97
C ARG A 337 -38.02 -38.05 20.13
N LEU A 338 -38.24 -36.76 19.85
CA LEU A 338 -38.39 -35.78 20.93
C LEU A 338 -39.59 -36.07 21.81
N ASP A 339 -40.76 -36.28 21.22
CA ASP A 339 -41.94 -36.61 22.02
C ASP A 339 -41.83 -37.96 22.70
N LYS A 340 -41.00 -38.85 22.17
CA LYS A 340 -40.70 -40.11 22.86
C LYS A 340 -39.81 -39.89 24.07
N GLU A 341 -38.81 -39.00 23.98
CA GLU A 341 -37.94 -38.74 25.12
C GLU A 341 -38.56 -37.86 26.19
N PHE A 342 -39.36 -36.86 25.81
CA PHE A 342 -39.89 -35.87 26.75
C PHE A 342 -41.41 -35.98 26.89
N SER A 343 -41.87 -36.19 28.11
CA SER A 343 -43.22 -35.79 28.46
C SER A 343 -43.31 -34.27 28.47
N LEU A 344 -44.44 -33.75 27.95
CA LEU A 344 -44.63 -32.30 27.92
C LEU A 344 -44.54 -31.68 29.31
N SER A 345 -44.97 -32.40 30.34
CA SER A 345 -44.84 -31.93 31.72
C SER A 345 -43.39 -31.68 32.12
N VAL A 346 -42.43 -32.44 31.57
CA VAL A 346 -41.03 -32.17 31.87
C VAL A 346 -40.58 -30.87 31.23
N TYR A 347 -40.94 -30.65 29.97
CA TYR A 347 -40.60 -29.38 29.33
C TYR A 347 -41.27 -28.20 30.02
N GLN A 348 -42.52 -28.38 30.44
CA GLN A 348 -43.18 -27.35 31.26
C GLN A 348 -42.43 -27.10 32.57
N LYS A 349 -41.99 -28.17 33.23
CA LYS A 349 -41.18 -28.01 34.44
C LYS A 349 -39.91 -27.23 34.18
N MET A 350 -39.19 -27.57 33.10
CA MET A 350 -38.01 -26.79 32.73
C MET A 350 -38.35 -25.32 32.55
N LYS A 351 -39.37 -25.03 31.76
CA LYS A 351 -39.72 -23.65 31.44
C LYS A 351 -40.20 -22.90 32.68
N PHE A 352 -40.93 -23.56 33.56
CA PHE A 352 -41.30 -22.95 34.84
C PHE A 352 -40.08 -22.57 35.68
N ASN A 353 -39.10 -23.47 35.78
CA ASN A 353 -37.89 -23.15 36.54
C ASN A 353 -37.20 -21.91 36.01
N VAL A 354 -37.02 -21.82 34.70
CA VAL A 354 -36.40 -20.61 34.12
C VAL A 354 -37.17 -19.36 34.50
N ALA A 355 -38.49 -19.42 34.42
CA ALA A 355 -39.28 -18.27 34.81
C ALA A 355 -39.15 -17.96 36.30
N MET A 356 -38.97 -18.99 37.12
CA MET A 356 -38.69 -18.77 38.54
C MET A 356 -37.26 -18.30 38.80
N GLY A 357 -36.37 -18.44 37.82
CA GLY A 357 -34.97 -18.14 38.03
C GLY A 357 -34.22 -19.13 38.88
N ILE A 358 -34.85 -20.23 39.26
CA ILE A 358 -34.16 -21.37 39.87
C ILE A 358 -33.41 -22.13 38.79
N GLY A 359 -32.51 -23.02 39.18
CA GLY A 359 -31.84 -23.88 38.21
C GLY A 359 -32.79 -24.75 37.42
N VAL A 360 -32.59 -24.82 36.10
CA VAL A 360 -33.18 -25.90 35.31
C VAL A 360 -32.53 -27.23 35.65
N LEU A 361 -33.22 -28.32 35.31
CA LEU A 361 -32.82 -29.67 35.72
C LEU A 361 -32.87 -29.83 37.24
N ASP A 362 -33.89 -29.24 37.87
CA ASP A 362 -34.03 -29.31 39.32
C ASP A 362 -35.50 -29.48 39.69
N LYS B 1 23.37 -38.73 -6.70
CA LYS B 1 22.37 -38.93 -5.65
C LYS B 1 21.65 -37.61 -5.35
N GLN B 2 20.48 -37.70 -4.70
CA GLN B 2 19.63 -36.54 -4.49
C GLN B 2 19.24 -36.35 -3.03
N VAL B 3 18.93 -35.11 -2.68
CA VAL B 3 18.51 -34.73 -1.34
C VAL B 3 17.17 -35.39 -1.02
N SER B 4 17.06 -35.98 0.17
CA SER B 4 15.76 -36.37 0.71
C SER B 4 15.05 -35.14 1.25
N TRP B 5 14.00 -34.70 0.56
CA TRP B 5 13.16 -33.64 1.10
C TRP B 5 12.45 -34.10 2.36
N LYS B 6 12.24 -35.40 2.50
CA LYS B 6 11.58 -35.96 3.67
C LYS B 6 12.39 -35.76 4.94
N LEU B 7 13.69 -36.07 4.89
CA LEU B 7 14.54 -35.87 6.08
C LEU B 7 14.55 -34.41 6.54
N VAL B 8 14.59 -33.45 5.62
CA VAL B 8 14.51 -32.05 6.03
C VAL B 8 13.16 -31.76 6.66
N THR B 9 12.09 -32.34 6.13
CA THR B 9 10.77 -32.14 6.72
C THR B 9 10.70 -32.75 8.11
N GLU B 10 11.28 -33.94 8.25
CA GLU B 10 11.31 -34.63 9.53
C GLU B 10 12.07 -33.86 10.60
N TYR B 11 13.26 -33.34 10.27
CA TYR B 11 13.99 -32.52 11.23
C TYR B 11 13.19 -31.29 11.66
N ALA B 12 12.53 -30.62 10.73
CA ALA B 12 11.72 -29.46 11.10
C ALA B 12 10.59 -29.84 12.03
N MET B 13 10.05 -31.05 11.89
CA MET B 13 9.00 -31.52 12.80
C MET B 13 9.55 -31.87 14.17
N GLU B 14 10.66 -32.59 14.21
CA GLU B 14 11.26 -32.97 15.49
C GLU B 14 11.70 -31.76 16.30
N THR B 15 12.06 -30.66 15.65
CA THR B 15 12.50 -29.45 16.35
C THR B 15 11.48 -28.32 16.29
N LYS B 16 10.35 -28.52 15.62
CA LYS B 16 9.29 -27.50 15.48
C LYS B 16 9.77 -26.17 14.90
N CYS B 17 10.72 -26.22 13.95
CA CYS B 17 11.10 -25.01 13.23
C CYS B 17 9.95 -24.54 12.34
N ASP B 18 9.50 -23.30 12.55
CA ASP B 18 8.52 -22.69 11.67
C ASP B 18 9.00 -21.34 11.14
N ASP B 19 10.31 -21.20 10.92
CA ASP B 19 10.89 -20.10 10.18
C ASP B 19 11.92 -20.64 9.20
N VAL B 20 11.83 -20.20 7.95
CA VAL B 20 12.68 -20.76 6.90
C VAL B 20 14.15 -20.42 7.11
N LEU B 21 14.46 -19.17 7.44
CA LEU B 21 15.85 -18.79 7.63
C LEU B 21 16.48 -19.54 8.80
N LEU B 22 15.70 -19.76 9.86
CA LEU B 22 16.21 -20.56 10.96
C LEU B 22 16.46 -22.01 10.54
N LEU B 23 15.49 -22.62 9.87
CA LEU B 23 15.65 -24.01 9.44
C LEU B 23 16.83 -24.15 8.48
N LEU B 24 16.94 -23.25 7.52
CA LEU B 24 18.08 -23.26 6.61
C LEU B 24 19.38 -23.07 7.36
N GLY B 25 19.40 -22.12 8.31
CA GLY B 25 20.60 -21.89 9.08
C GLY B 25 21.03 -23.11 9.88
N MET B 26 20.09 -23.75 10.56
CA MET B 26 20.40 -24.96 11.31
C MET B 26 20.88 -26.10 10.41
N TYR B 27 20.13 -26.41 9.36
CA TYR B 27 20.43 -27.63 8.61
C TYR B 27 21.74 -27.55 7.84
N LEU B 28 22.22 -26.36 7.52
CA LEU B 28 23.54 -26.22 6.91
C LEU B 28 24.69 -26.50 7.86
N GLU B 29 24.47 -26.45 9.18
CA GLU B 29 25.55 -26.79 10.09
C GLU B 29 25.98 -28.24 9.98
N PHE B 30 25.08 -29.11 9.53
CA PHE B 30 25.36 -30.54 9.48
C PHE B 30 26.29 -30.92 8.33
N GLN B 31 26.81 -29.96 7.57
CA GLN B 31 27.76 -30.27 6.52
C GLN B 31 29.00 -30.97 7.04
N TYR B 32 29.56 -30.49 8.14
CA TYR B 32 30.85 -30.97 8.63
C TYR B 32 30.68 -32.27 9.39
N SER B 33 31.74 -33.08 9.45
CA SER B 33 31.63 -34.39 10.06
C SER B 33 31.38 -34.29 11.56
N PHE B 34 30.39 -35.04 12.04
CA PHE B 34 30.12 -35.18 13.45
C PHE B 34 31.29 -35.80 14.21
N GLU B 35 32.18 -36.51 13.52
CA GLU B 35 33.33 -37.14 14.16
C GLU B 35 34.25 -36.12 14.83
N MET B 36 34.18 -34.86 14.41
CA MET B 36 35.04 -33.82 14.99
C MET B 36 34.27 -32.54 15.24
N CYS B 37 32.93 -32.58 15.18
CA CYS B 37 32.10 -31.40 15.32
C CYS B 37 32.21 -30.81 16.72
N LEU B 38 32.77 -29.60 16.81
CA LEU B 38 32.98 -28.98 18.10
C LEU B 38 31.68 -28.71 18.85
N LYS B 39 30.62 -28.35 18.13
CA LYS B 39 29.33 -28.15 18.80
C LYS B 39 28.78 -29.44 19.38
N CYS B 40 29.02 -30.57 18.71
CA CYS B 40 28.67 -31.86 19.30
C CYS B 40 29.55 -32.19 20.49
N ILE B 41 30.85 -31.96 20.37
CA ILE B 41 31.76 -32.23 21.47
C ILE B 41 31.38 -31.43 22.71
N LYS B 42 31.06 -30.15 22.55
CA LYS B 42 30.64 -29.31 23.67
C LYS B 42 29.23 -29.63 24.18
N LYS B 43 28.41 -30.31 23.40
CA LYS B 43 26.99 -30.51 23.71
C LYS B 43 26.29 -29.20 24.07
N GLU B 44 26.52 -28.18 23.26
CA GLU B 44 26.11 -26.82 23.59
C GLU B 44 24.62 -26.58 23.33
N GLN B 45 24.09 -27.08 22.20
CA GLN B 45 22.69 -26.90 21.84
C GLN B 45 22.03 -28.23 21.46
N PRO B 46 20.95 -28.64 22.13
CA PRO B 46 20.40 -29.98 21.87
C PRO B 46 19.83 -30.12 20.47
N SER B 47 19.21 -29.08 19.94
CA SER B 47 18.70 -29.10 18.58
C SER B 47 19.81 -29.22 17.54
N HIS B 48 21.06 -29.09 17.94
CA HIS B 48 22.17 -29.56 17.12
C HIS B 48 22.62 -30.96 17.50
N TYR B 49 23.13 -31.14 18.72
CA TYR B 49 23.92 -32.33 19.00
C TYR B 49 23.09 -33.62 19.04
N LYS B 50 21.78 -33.54 19.24
CA LYS B 50 20.96 -34.74 19.12
C LYS B 50 20.85 -35.26 17.70
N TYR B 51 21.01 -34.39 16.70
CA TYR B 51 20.59 -34.68 15.33
C TYR B 51 21.71 -34.72 14.31
N HIS B 52 22.85 -34.10 14.60
CA HIS B 52 23.91 -33.98 13.60
C HIS B 52 24.31 -35.31 12.99
N GLU B 53 24.59 -36.31 13.82
CA GLU B 53 25.02 -37.59 13.26
C GLU B 53 23.95 -38.25 12.41
N LYS B 54 22.68 -38.03 12.73
CA LYS B 54 21.60 -38.57 11.91
C LYS B 54 21.52 -37.91 10.55
N HIS B 55 21.68 -36.60 10.48
CA HIS B 55 21.43 -35.85 9.25
C HIS B 55 22.68 -35.52 8.45
N TYR B 56 23.87 -35.72 8.99
CA TYR B 56 25.10 -35.41 8.27
C TYR B 56 25.11 -35.94 6.83
N ALA B 57 24.74 -37.20 6.64
CA ALA B 57 24.81 -37.81 5.32
C ALA B 57 23.91 -37.11 4.30
N ASN B 58 22.76 -36.61 4.72
CA ASN B 58 21.87 -35.89 3.83
C ASN B 58 22.27 -34.44 3.64
N ALA B 59 22.69 -33.77 4.72
CA ALA B 59 23.08 -32.37 4.64
C ALA B 59 24.29 -32.16 3.73
N ALA B 60 25.21 -33.11 3.69
CA ALA B 60 26.33 -33.01 2.76
C ALA B 60 25.88 -32.90 1.31
N ILE B 61 24.72 -33.47 0.97
CA ILE B 61 24.17 -33.28 -0.37
C ILE B 61 23.41 -31.96 -0.44
N PHE B 62 22.62 -31.67 0.57
CA PHE B 62 21.82 -30.44 0.61
C PHE B 62 22.68 -29.20 0.40
N ALA B 63 23.92 -29.22 0.86
CA ALA B 63 24.81 -28.08 0.65
C ALA B 63 25.13 -27.80 -0.81
N ASP B 64 24.95 -28.77 -1.71
CA ASP B 64 25.20 -28.54 -3.13
C ASP B 64 23.98 -28.12 -3.93
N SER B 65 22.77 -28.35 -3.41
CA SER B 65 21.57 -28.14 -4.20
C SER B 65 21.29 -26.68 -4.51
N LYS B 66 20.67 -26.46 -5.67
CA LYS B 66 20.43 -25.14 -6.24
C LYS B 66 19.11 -24.51 -5.81
N ASN B 67 18.34 -25.16 -4.95
CA ASN B 67 16.99 -24.71 -4.60
C ASN B 67 16.72 -24.84 -3.11
N GLN B 68 17.77 -24.73 -2.30
CA GLN B 68 17.69 -24.98 -0.87
C GLN B 68 16.52 -24.29 -0.18
N LYS B 69 16.22 -23.04 -0.54
CA LYS B 69 15.14 -22.34 0.14
C LYS B 69 13.77 -22.94 -0.15
N THR B 70 13.59 -23.58 -1.31
CA THR B 70 12.33 -24.25 -1.58
C THR B 70 12.18 -25.52 -0.73
N ILE B 71 13.25 -26.29 -0.59
CA ILE B 71 13.18 -27.48 0.26
C ILE B 71 12.78 -27.11 1.67
N CYS B 72 13.34 -26.04 2.21
CA CYS B 72 12.96 -25.56 3.53
C CYS B 72 11.54 -25.04 3.58
N GLN B 73 11.05 -24.41 2.52
CA GLN B 73 9.68 -23.92 2.54
C GLN B 73 8.65 -25.04 2.71
N GLN B 74 8.81 -26.13 1.98
CA GLN B 74 7.89 -27.25 2.16
C GLN B 74 7.96 -27.82 3.55
N ALA B 75 9.15 -27.87 4.15
CA ALA B 75 9.27 -28.32 5.54
C ALA B 75 8.54 -27.39 6.50
N VAL B 76 8.77 -26.09 6.40
CA VAL B 76 8.12 -25.14 7.30
C VAL B 76 6.62 -25.15 7.13
N ASP B 77 6.12 -25.24 5.89
CA ASP B 77 4.68 -25.32 5.70
C ASP B 77 4.09 -26.62 6.26
N THR B 78 4.86 -27.72 6.26
CA THR B 78 4.39 -28.93 6.93
C THR B 78 4.23 -28.72 8.43
N VAL B 79 5.19 -28.05 9.06
CA VAL B 79 5.07 -27.76 10.49
C VAL B 79 3.85 -26.90 10.77
N LEU B 80 3.65 -25.84 9.97
CA LEU B 80 2.46 -25.03 10.14
C LEU B 80 1.18 -25.80 9.85
N ALA B 81 1.22 -26.71 8.88
CA ALA B 81 0.05 -27.52 8.59
C ALA B 81 -0.36 -28.40 9.75
N LYS B 82 0.58 -29.17 10.31
CA LYS B 82 0.29 -29.93 11.51
C LYS B 82 -0.19 -29.02 12.63
N LYS B 83 0.49 -27.90 12.83
CA LYS B 83 0.09 -26.98 13.88
C LYS B 83 -1.36 -26.53 13.75
N ARG B 84 -1.84 -26.30 12.53
CA ARG B 84 -3.24 -25.95 12.35
C ARG B 84 -4.19 -27.12 12.57
N VAL B 85 -3.84 -28.32 12.13
CA VAL B 85 -4.69 -29.48 12.44
C VAL B 85 -4.89 -29.59 13.94
N ASP B 86 -3.81 -29.51 14.70
CA ASP B 86 -3.91 -29.62 16.15
C ASP B 86 -4.81 -28.56 16.76
N SER B 87 -4.71 -27.31 16.30
CA SER B 87 -5.55 -26.25 16.84
C SER B 87 -7.04 -26.47 16.61
N LEU B 88 -7.42 -27.28 15.63
CA LEU B 88 -8.83 -27.56 15.38
C LEU B 88 -9.32 -28.83 16.04
N GLN B 89 -8.48 -29.86 16.11
CA GLN B 89 -8.92 -31.18 16.54
C GLN B 89 -8.68 -31.48 18.02
N LEU B 90 -7.73 -30.82 18.67
CA LEU B 90 -7.51 -31.03 20.10
C LEU B 90 -8.48 -30.21 20.95
N THR B 91 -8.79 -30.75 22.13
CA THR B 91 -9.47 -29.95 23.15
C THR B 91 -8.47 -29.07 23.88
N ARG B 92 -8.97 -27.99 24.46
CA ARG B 92 -8.09 -27.04 25.14
C ARG B 92 -7.34 -27.70 26.30
N GLU B 93 -7.92 -28.71 26.93
CA GLU B 93 -7.18 -29.46 27.94
C GLU B 93 -5.99 -30.19 27.34
N GLN B 94 -6.18 -30.81 26.19
CA GLN B 94 -5.08 -31.51 25.53
C GLN B 94 -3.98 -30.55 25.09
N MET B 95 -4.36 -29.39 24.57
CA MET B 95 -3.38 -28.39 24.20
C MET B 95 -2.55 -27.94 25.40
N LEU B 96 -3.20 -27.65 26.52
CA LEU B 96 -2.45 -27.32 27.72
C LEU B 96 -1.57 -28.48 28.17
N THR B 97 -2.05 -29.71 28.06
CA THR B 97 -1.25 -30.87 28.45
C THR B 97 0.00 -31.00 27.61
N ASN B 98 -0.08 -30.69 26.32
CA ASN B 98 1.13 -30.68 25.50
C ASN B 98 2.09 -29.58 25.96
N ARG B 99 1.58 -28.39 26.24
CA ARG B 99 2.44 -27.33 26.73
C ARG B 99 3.17 -27.71 28.01
N PHE B 100 2.48 -28.38 28.94
CA PHE B 100 3.15 -28.82 30.16
C PHE B 100 4.22 -29.86 29.89
N ASN B 101 4.02 -30.74 28.92
CA ASN B 101 5.13 -31.61 28.52
C ASN B 101 6.31 -30.81 28.00
N ASP B 102 6.07 -29.76 27.22
CA ASP B 102 7.17 -28.95 26.72
C ASP B 102 7.96 -28.31 27.85
N LEU B 103 7.26 -27.74 28.82
CA LEU B 103 7.94 -27.17 29.98
C LEU B 103 8.67 -28.24 30.78
N LEU B 104 8.04 -29.39 30.99
CA LEU B 104 8.68 -30.44 31.77
C LEU B 104 9.92 -30.99 31.07
N ASP B 105 9.89 -31.10 29.74
CA ASP B 105 11.10 -31.50 29.01
C ASP B 105 12.20 -30.47 29.18
N ARG B 106 11.88 -29.20 29.05
CA ARG B 106 12.86 -28.14 29.27
C ARG B 106 13.42 -28.20 30.69
N MET B 107 12.56 -28.44 31.68
CA MET B 107 13.02 -28.60 33.05
C MET B 107 13.93 -29.82 33.21
N ASP B 108 13.56 -30.95 32.60
CA ASP B 108 14.41 -32.14 32.72
C ASP B 108 15.80 -31.93 32.15
N ILE B 109 15.95 -31.08 31.15
CA ILE B 109 17.27 -30.67 30.71
C ILE B 109 17.85 -29.63 31.66
N MET B 110 17.08 -28.59 31.95
CA MET B 110 17.60 -27.44 32.67
C MET B 110 18.13 -27.81 34.06
N PHE B 111 17.49 -28.76 34.73
CA PHE B 111 17.96 -29.27 36.01
C PHE B 111 18.64 -30.62 35.89
N GLY B 112 18.94 -31.07 34.68
CA GLY B 112 19.73 -32.27 34.50
C GLY B 112 21.20 -32.06 34.81
N SER B 113 21.96 -33.16 34.81
CA SER B 113 23.37 -33.11 35.14
C SER B 113 24.17 -32.28 34.14
N THR B 114 23.69 -32.15 32.92
CA THR B 114 24.27 -31.26 31.93
C THR B 114 23.71 -29.84 32.04
N GLY B 115 22.65 -29.67 32.82
CA GLY B 115 21.99 -28.39 32.94
C GLY B 115 22.76 -27.39 33.82
N SER B 116 22.44 -26.11 33.60
CA SER B 116 23.08 -25.00 34.30
C SER B 116 22.39 -24.63 35.61
N ALA B 117 21.08 -24.82 35.71
CA ALA B 117 20.28 -24.28 36.81
C ALA B 117 20.48 -25.03 38.13
N ASP B 118 20.48 -24.28 39.23
CA ASP B 118 20.39 -24.84 40.58
C ASP B 118 19.00 -24.59 41.15
N ILE B 119 18.29 -25.68 41.45
CA ILE B 119 16.87 -25.61 41.80
C ILE B 119 16.61 -24.73 43.01
N GLU B 120 17.59 -24.57 43.89
CA GLU B 120 17.41 -23.72 45.07
C GLU B 120 17.14 -22.26 44.69
N GLU B 121 17.73 -21.79 43.61
CA GLU B 121 17.44 -20.44 43.14
C GLU B 121 16.01 -20.33 42.64
N TRP B 122 15.55 -21.34 41.91
CA TRP B 122 14.20 -21.31 41.34
C TRP B 122 13.12 -21.43 42.40
N MET B 123 13.33 -22.29 43.40
CA MET B 123 12.39 -22.37 44.51
C MET B 123 12.36 -21.10 45.35
N ALA B 124 13.47 -20.36 45.42
CA ALA B 124 13.40 -19.04 46.02
C ALA B 124 12.50 -18.12 45.18
N GLY B 125 12.55 -18.28 43.86
CA GLY B 125 11.58 -17.60 43.01
C GLY B 125 10.14 -17.99 43.30
N VAL B 126 9.89 -19.28 43.50
CA VAL B 126 8.55 -19.73 43.90
C VAL B 126 8.13 -19.08 45.21
N ALA B 127 9.05 -18.99 46.17
CA ALA B 127 8.73 -18.33 47.43
C ALA B 127 8.39 -16.85 47.23
N TRP B 128 9.18 -16.14 46.44
CA TRP B 128 8.89 -14.73 46.19
C TRP B 128 7.54 -14.53 45.51
N LEU B 129 7.27 -15.30 44.45
CA LEU B 129 5.98 -15.19 43.78
C LEU B 129 4.81 -15.52 44.69
N HIS B 130 4.94 -16.53 45.55
CA HIS B 130 3.84 -16.83 46.44
C HIS B 130 3.57 -15.72 47.45
N CYS B 131 4.53 -14.83 47.68
CA CYS B 131 4.28 -13.64 48.49
C CYS B 131 3.64 -12.50 47.71
N LEU B 132 3.60 -12.59 46.37
CA LEU B 132 3.09 -11.48 45.58
C LEU B 132 1.60 -11.27 45.81
N LEU B 133 0.80 -12.34 45.78
CA LEU B 133 -0.64 -12.26 45.94
C LEU B 133 -1.14 -13.27 46.97
N PRO B 134 -2.19 -12.93 47.72
CA PRO B 134 -2.82 -13.93 48.61
C PRO B 134 -3.26 -15.18 47.87
N LYS B 135 -2.96 -16.34 48.46
CA LYS B 135 -3.35 -17.64 47.91
C LYS B 135 -2.91 -17.78 46.44
N MET B 136 -1.68 -17.37 46.16
CA MET B 136 -1.19 -17.26 44.79
C MET B 136 -1.44 -18.53 43.98
N ASP B 137 -1.14 -19.70 44.55
CA ASP B 137 -1.32 -20.94 43.81
C ASP B 137 -2.77 -21.18 43.44
N SER B 138 -3.70 -20.77 44.29
CA SER B 138 -5.11 -20.86 43.94
C SER B 138 -5.48 -19.92 42.81
N VAL B 139 -4.91 -18.72 42.80
CA VAL B 139 -5.14 -17.78 41.71
C VAL B 139 -4.65 -18.34 40.38
N VAL B 140 -3.46 -18.93 40.36
CA VAL B 140 -2.93 -19.51 39.12
C VAL B 140 -3.79 -20.67 38.66
N TYR B 141 -4.18 -21.56 39.57
CA TYR B 141 -5.04 -22.68 39.18
C TYR B 141 -6.40 -22.21 38.68
N ASP B 142 -6.99 -21.20 39.33
CA ASP B 142 -8.24 -20.64 38.83
C ASP B 142 -8.09 -20.02 37.45
N PHE B 143 -6.95 -19.36 37.21
CA PHE B 143 -6.70 -18.81 35.88
C PHE B 143 -6.61 -19.90 34.82
N LEU B 144 -5.91 -20.99 35.09
CA LEU B 144 -5.82 -22.07 34.12
C LEU B 144 -7.20 -22.64 33.76
N LYS B 145 -8.05 -22.91 34.75
CA LYS B 145 -9.40 -23.36 34.45
C LYS B 145 -10.13 -22.35 33.57
N CYS B 146 -10.00 -21.07 33.88
CA CYS B 146 -10.65 -20.03 33.09
C CYS B 146 -10.21 -20.07 31.63
N MET B 147 -8.90 -20.18 31.39
CA MET B 147 -8.40 -20.22 30.02
C MET B 147 -8.75 -21.52 29.31
N VAL B 148 -8.99 -22.61 30.04
CA VAL B 148 -9.42 -23.86 29.40
C VAL B 148 -10.90 -23.84 29.06
N TYR B 149 -11.78 -23.40 29.96
CA TYR B 149 -13.20 -23.45 29.66
C TYR B 149 -13.63 -22.41 28.63
N ASN B 150 -12.97 -21.27 28.56
CA ASN B 150 -13.19 -20.32 27.47
C ASN B 150 -14.66 -19.94 27.29
N ILE B 151 -15.33 -19.68 28.40
CA ILE B 151 -16.79 -19.47 28.42
C ILE B 151 -17.15 -18.12 27.80
N PRO B 152 -18.12 -18.05 26.89
CA PRO B 152 -18.48 -16.77 26.25
C PRO B 152 -18.67 -15.61 27.22
N LYS B 153 -18.11 -14.46 26.84
CA LYS B 153 -18.18 -13.20 27.59
C LYS B 153 -17.62 -13.32 29.01
N LYS B 154 -16.88 -14.39 29.30
CA LYS B 154 -16.29 -14.64 30.61
C LYS B 154 -14.86 -15.16 30.41
N ARG B 155 -14.05 -14.38 29.71
CA ARG B 155 -12.80 -14.86 29.15
C ARG B 155 -11.57 -14.05 29.53
N TYR B 156 -11.73 -12.88 30.15
CA TYR B 156 -10.62 -11.98 30.43
C TYR B 156 -10.58 -11.57 31.89
N TRP B 157 -9.37 -11.49 32.43
CA TRP B 157 -9.10 -10.93 33.75
C TRP B 157 -8.37 -9.60 33.59
N LEU B 158 -8.65 -8.67 34.49
CA LEU B 158 -8.04 -7.34 34.50
C LEU B 158 -7.02 -7.25 35.64
N PHE B 159 -5.76 -7.00 35.28
CA PHE B 159 -4.71 -6.70 36.26
C PHE B 159 -4.55 -5.19 36.37
N LYS B 160 -4.84 -4.63 37.54
CA LYS B 160 -4.87 -3.19 37.71
C LYS B 160 -4.05 -2.77 38.94
N GLY B 161 -3.41 -1.61 38.86
CA GLY B 161 -2.61 -1.10 39.96
C GLY B 161 -1.48 -0.19 39.53
N PRO B 162 -0.88 0.54 40.50
CA PRO B 162 0.15 1.54 40.15
C PRO B 162 1.46 0.95 39.65
N ILE B 163 2.39 1.85 39.31
CA ILE B 163 3.71 1.48 38.81
C ILE B 163 4.44 0.53 39.75
N ASP B 164 5.21 -0.40 39.15
CA ASP B 164 6.04 -1.35 39.89
C ASP B 164 5.26 -2.16 40.92
N SER B 165 4.06 -2.60 40.54
CA SER B 165 3.23 -3.43 41.41
C SER B 165 3.28 -4.91 41.03
N GLY B 166 3.92 -5.26 39.92
CA GLY B 166 4.07 -6.64 39.51
C GLY B 166 3.11 -7.09 38.43
N LYS B 167 2.28 -6.19 37.90
CA LYS B 167 1.30 -6.59 36.89
C LYS B 167 2.00 -7.27 35.72
N THR B 168 3.00 -6.59 35.15
CA THR B 168 3.73 -7.13 34.01
C THR B 168 4.51 -8.38 34.39
N THR B 169 5.06 -8.41 35.59
CA THR B 169 5.82 -9.57 36.04
C THR B 169 4.98 -10.84 36.04
N LEU B 170 3.79 -10.79 36.65
CA LEU B 170 2.94 -11.97 36.67
C LEU B 170 2.36 -12.27 35.29
N ALA B 171 1.93 -11.25 34.56
CA ALA B 171 1.39 -11.46 33.22
C ALA B 171 2.40 -12.16 32.32
N ALA B 172 3.67 -11.74 32.38
CA ALA B 172 4.69 -12.39 31.57
C ALA B 172 4.92 -13.85 31.98
N ALA B 173 4.79 -14.17 33.27
CA ALA B 173 4.94 -15.56 33.70
C ALA B 173 3.79 -16.43 33.20
N LEU B 174 2.56 -15.96 33.33
CA LEU B 174 1.40 -16.70 32.84
C LEU B 174 1.42 -16.84 31.33
N LEU B 175 1.90 -15.81 30.64
CA LEU B 175 2.08 -15.89 29.19
C LEU B 175 3.05 -16.99 28.78
N GLU B 176 4.16 -17.17 29.50
CA GLU B 176 5.02 -18.30 29.21
C GLU B 176 4.40 -19.63 29.65
N LEU B 177 3.70 -19.64 30.78
CA LEU B 177 3.13 -20.90 31.27
C LEU B 177 2.20 -21.52 30.24
N CYS B 178 1.32 -20.71 29.64
CA CYS B 178 0.37 -21.20 28.64
C CYS B 178 0.90 -21.14 27.22
N GLY B 179 1.85 -20.24 26.93
CA GLY B 179 2.15 -19.86 25.57
C GLY B 179 1.12 -18.92 25.00
N GLY B 180 1.58 -17.92 24.26
CA GLY B 180 0.68 -16.89 23.76
C GLY B 180 1.48 -15.73 23.18
N LYS B 181 0.80 -14.60 22.98
CA LYS B 181 1.43 -13.38 22.48
C LYS B 181 0.98 -12.17 23.29
N ALA B 182 1.91 -11.26 23.55
CA ALA B 182 1.56 -9.91 23.96
C ALA B 182 1.15 -9.07 22.75
N LEU B 183 0.18 -8.17 22.96
CA LEU B 183 -0.29 -7.27 21.91
C LEU B 183 -0.28 -5.83 22.40
N ASN B 184 0.11 -4.90 21.53
CA ASN B 184 0.12 -3.48 21.83
C ASN B 184 -1.09 -2.81 21.15
N VAL B 185 -2.01 -2.27 21.96
CA VAL B 185 -3.19 -1.57 21.46
C VAL B 185 -3.12 -0.05 21.65
N ASN B 186 -1.99 0.48 22.11
CA ASN B 186 -1.87 1.93 22.22
C ASN B 186 -1.63 2.62 20.88
N LEU B 187 -1.30 1.88 19.83
CA LEU B 187 -1.21 2.42 18.48
C LEU B 187 -2.58 2.83 17.92
N PRO B 188 -2.60 3.70 16.92
CA PRO B 188 -3.87 4.10 16.30
C PRO B 188 -4.48 3.01 15.43
N LEU B 189 -5.79 3.13 15.23
CA LEU B 189 -6.58 2.07 14.57
C LEU B 189 -6.08 1.72 13.18
N ASP B 190 -5.47 2.66 12.46
CA ASP B 190 -5.20 2.44 11.04
C ASP B 190 -4.30 1.23 10.78
N ARG B 191 -3.34 0.97 11.66
CA ARG B 191 -2.48 -0.22 11.55
C ARG B 191 -2.73 -1.24 12.64
N LEU B 192 -3.65 -0.96 13.57
CA LEU B 192 -4.03 -1.94 14.58
C LEU B 192 -4.50 -3.23 13.94
N ASN B 193 -5.12 -3.15 12.76
CA ASN B 193 -5.59 -4.33 12.04
C ASN B 193 -4.53 -5.39 11.81
N PHE B 194 -3.27 -5.01 11.62
CA PHE B 194 -2.20 -6.00 11.48
C PHE B 194 -1.60 -6.46 12.81
N GLU B 195 -1.81 -5.73 13.89
CA GLU B 195 -1.36 -6.23 15.20
C GLU B 195 -2.23 -7.39 15.66
N LEU B 196 -3.54 -7.23 15.60
CA LEU B 196 -4.45 -8.28 16.04
C LEU B 196 -4.26 -9.57 15.25
N GLY B 197 -3.74 -9.49 14.03
CA GLY B 197 -3.41 -10.67 13.26
C GLY B 197 -2.37 -11.57 13.88
N VAL B 198 -1.60 -11.07 14.85
CA VAL B 198 -0.66 -11.91 15.58
C VAL B 198 -1.36 -12.96 16.44
N ALA B 199 -2.60 -12.72 16.84
CA ALA B 199 -3.36 -13.66 17.67
C ALA B 199 -3.81 -14.92 16.94
N ILE B 200 -3.60 -15.05 15.63
CA ILE B 200 -4.03 -16.24 14.91
C ILE B 200 -3.44 -17.50 15.55
N ASP B 201 -4.32 -18.48 15.77
CA ASP B 201 -3.98 -19.80 16.34
C ASP B 201 -3.30 -19.77 17.70
N GLN B 202 -3.30 -18.66 18.43
CA GLN B 202 -2.68 -18.63 19.75
C GLN B 202 -3.62 -19.12 20.84
N PHE B 203 -3.03 -19.63 21.93
CA PHE B 203 -3.80 -20.10 23.09
C PHE B 203 -4.20 -18.95 24.03
N LEU B 204 -3.35 -17.93 24.18
CA LEU B 204 -3.64 -16.73 24.95
C LEU B 204 -3.28 -15.50 24.15
N VAL B 205 -3.84 -14.35 24.53
CA VAL B 205 -3.20 -13.06 24.29
C VAL B 205 -3.17 -12.25 25.58
N VAL B 206 -2.19 -11.34 25.67
CA VAL B 206 -2.09 -10.37 26.75
C VAL B 206 -2.03 -8.97 26.16
N PHE B 207 -2.91 -8.09 26.63
CA PHE B 207 -2.86 -6.67 26.28
C PHE B 207 -2.10 -5.92 27.37
N GLU B 208 -0.98 -5.29 27.01
CA GLU B 208 -0.04 -4.75 27.99
C GLU B 208 -0.13 -3.24 28.18
N ASP B 209 -0.24 -2.84 29.44
CA ASP B 209 -0.33 -1.44 29.88
C ASP B 209 -1.16 -0.56 28.96
N VAL B 210 -2.43 -0.92 28.84
CA VAL B 210 -3.38 -0.23 27.97
C VAL B 210 -3.59 1.19 28.52
N LYS B 211 -3.11 2.21 27.80
CA LYS B 211 -3.22 3.59 28.26
C LYS B 211 -4.67 4.08 28.16
N GLY B 212 -5.22 4.54 29.28
CA GLY B 212 -6.54 5.14 29.33
C GLY B 212 -6.53 6.62 29.02
N THR B 213 -7.53 7.33 29.54
CA THR B 213 -7.65 8.77 29.36
C THR B 213 -8.16 9.42 30.63
N GLY B 214 -7.82 10.70 30.81
CA GLY B 214 -8.17 11.43 32.01
C GLY B 214 -7.32 11.11 33.23
N GLY B 215 -6.26 10.32 33.09
CA GLY B 215 -5.38 10.00 34.19
C GLY B 215 -4.46 11.13 34.63
N GLU B 216 -4.44 12.25 33.89
CA GLU B 216 -3.52 13.34 34.18
C GLU B 216 -3.75 13.96 35.56
N SER B 217 -4.95 13.81 36.13
CA SER B 217 -5.20 14.21 37.51
C SER B 217 -4.39 13.40 38.52
N ARG B 218 -3.73 12.34 38.06
CA ARG B 218 -2.77 11.58 38.86
C ARG B 218 -1.40 11.55 38.18
N ASP B 219 -1.19 12.46 37.23
CA ASP B 219 -0.01 12.49 36.36
C ASP B 219 0.22 11.16 35.63
N LEU B 220 -0.86 10.55 35.15
CA LEU B 220 -0.76 9.46 34.18
C LEU B 220 -1.12 9.99 32.80
N PRO B 221 -0.21 9.95 31.82
CA PRO B 221 -0.54 10.50 30.50
C PRO B 221 -1.57 9.66 29.75
N SER B 222 -2.42 10.33 28.98
CA SER B 222 -3.53 9.71 28.28
C SER B 222 -3.11 9.10 26.94
N GLY B 223 -3.96 8.21 26.44
CA GLY B 223 -3.73 7.60 25.14
C GLY B 223 -4.98 6.89 24.63
N GLN B 224 -4.79 6.11 23.55
CA GLN B 224 -5.89 5.50 22.82
C GLN B 224 -6.21 4.06 23.24
N GLY B 225 -5.42 3.47 24.13
CA GLY B 225 -5.60 2.05 24.43
C GLY B 225 -7.01 1.64 24.77
N ILE B 226 -7.62 2.31 25.76
CA ILE B 226 -8.98 1.94 26.16
C ILE B 226 -9.98 2.22 25.04
N ASN B 227 -9.83 3.34 24.33
CA ASN B 227 -10.73 3.60 23.21
C ASN B 227 -10.65 2.51 22.16
N ASN B 228 -9.46 1.96 21.92
CA ASN B 228 -9.33 0.89 20.95
C ASN B 228 -9.97 -0.42 21.42
N LEU B 229 -9.76 -0.82 22.67
CA LEU B 229 -10.41 -2.04 23.15
C LEU B 229 -11.92 -1.93 23.12
N ASP B 230 -12.46 -0.76 23.44
CA ASP B 230 -13.90 -0.57 23.36
C ASP B 230 -14.45 -0.67 21.93
N ASN B 231 -13.59 -0.70 20.92
CA ASN B 231 -14.00 -1.00 19.55
C ASN B 231 -13.87 -2.46 19.17
N LEU B 232 -13.31 -3.31 20.04
CA LEU B 232 -13.04 -4.71 19.74
C LEU B 232 -13.86 -5.65 20.62
N ARG B 233 -15.02 -5.19 21.08
CA ARG B 233 -15.75 -5.90 22.12
C ARG B 233 -16.16 -7.31 21.68
N ASP B 234 -16.56 -7.48 20.43
CA ASP B 234 -16.83 -8.83 19.91
C ASP B 234 -15.59 -9.73 19.95
N TYR B 235 -14.38 -9.15 19.83
CA TYR B 235 -13.20 -9.99 19.99
C TYR B 235 -13.05 -10.47 21.43
N LEU B 236 -13.25 -9.57 22.39
CA LEU B 236 -13.18 -9.99 23.79
C LEU B 236 -14.28 -10.99 24.14
N ASP B 237 -15.50 -10.75 23.66
CA ASP B 237 -16.63 -11.60 24.02
C ASP B 237 -16.39 -13.07 23.65
N GLY B 238 -15.90 -13.33 22.45
CA GLY B 238 -15.77 -14.70 21.99
C GLY B 238 -17.07 -15.44 21.77
N SER B 239 -18.20 -14.73 21.75
CA SER B 239 -19.46 -15.36 21.37
C SER B 239 -19.47 -15.79 19.92
N VAL B 240 -18.79 -15.05 19.05
CA VAL B 240 -18.87 -15.26 17.60
C VAL B 240 -17.49 -15.10 16.99
N LYS B 241 -17.29 -15.77 15.85
CA LYS B 241 -16.00 -15.72 15.16
C LYS B 241 -15.69 -14.32 14.63
N VAL B 242 -14.40 -14.07 14.45
CA VAL B 242 -13.88 -12.83 13.90
C VAL B 242 -12.84 -13.16 12.84
N ASN B 243 -12.54 -12.16 12.00
CA ASN B 243 -11.67 -12.31 10.84
C ASN B 243 -10.31 -11.66 11.11
N LEU B 244 -9.24 -12.44 11.02
CA LEU B 244 -7.89 -12.02 11.39
C LEU B 244 -6.95 -12.08 10.18
N GLU B 245 -6.00 -11.15 10.11
CA GLU B 245 -5.33 -10.84 8.86
C GLU B 245 -3.81 -10.73 9.03
N LYS B 246 -3.07 -11.28 8.05
CA LYS B 246 -1.63 -11.12 7.92
C LYS B 246 -1.30 -10.48 6.57
N LYS B 247 -0.17 -9.78 6.50
CA LYS B 247 0.20 -9.13 5.24
C LYS B 247 0.31 -10.15 4.11
N HIS B 248 -0.29 -9.81 2.97
CA HIS B 248 -0.31 -10.66 1.78
C HIS B 248 -0.94 -12.03 2.00
N LEU B 249 -1.73 -12.22 3.05
CA LEU B 249 -2.54 -13.42 3.22
C LEU B 249 -4.01 -13.05 3.41
N ASN B 250 -4.88 -13.93 2.93
CA ASN B 250 -6.32 -13.77 3.12
C ASN B 250 -6.74 -14.10 4.54
N LYS B 251 -7.88 -13.53 4.95
CA LYS B 251 -8.30 -13.57 6.34
C LYS B 251 -8.61 -14.98 6.85
N ARG B 252 -8.05 -15.32 8.01
CA ARG B 252 -8.51 -16.44 8.83
C ARG B 252 -9.77 -16.05 9.59
N THR B 253 -10.70 -16.99 9.72
CA THR B 253 -11.88 -16.81 10.56
C THR B 253 -11.84 -17.77 11.73
N GLN B 254 -11.86 -17.24 12.95
CA GLN B 254 -11.75 -18.04 14.16
C GLN B 254 -12.31 -17.25 15.33
N ILE B 255 -12.54 -17.95 16.45
CA ILE B 255 -12.80 -17.28 17.72
C ILE B 255 -11.50 -16.73 18.28
N PHE B 256 -11.52 -15.48 18.73
CA PHE B 256 -10.34 -14.83 19.28
C PHE B 256 -9.95 -15.44 20.63
N PRO B 257 -8.66 -15.59 20.92
CA PRO B 257 -8.21 -16.21 22.19
C PRO B 257 -8.67 -15.46 23.43
N PRO B 258 -8.77 -16.16 24.59
CA PRO B 258 -8.94 -15.50 25.89
C PRO B 258 -7.64 -14.88 26.39
N GLY B 259 -7.61 -14.18 27.53
CA GLY B 259 -6.36 -13.58 27.94
C GLY B 259 -6.44 -12.66 29.16
N ILE B 260 -5.45 -11.77 29.25
CA ILE B 260 -5.26 -10.81 30.34
C ILE B 260 -5.16 -9.41 29.76
N VAL B 261 -5.76 -8.43 30.45
CA VAL B 261 -5.49 -7.01 30.23
C VAL B 261 -4.77 -6.46 31.45
N THR B 262 -3.66 -5.75 31.23
CA THR B 262 -2.93 -5.07 32.30
C THR B 262 -3.06 -3.56 32.17
N MET B 263 -3.28 -2.88 33.30
CA MET B 263 -3.53 -1.45 33.32
C MET B 263 -2.94 -0.78 34.54
N ASN B 264 -2.47 0.45 34.36
CA ASN B 264 -2.40 1.40 35.46
C ASN B 264 -3.77 2.07 35.65
N GLU B 265 -3.91 2.83 36.74
CA GLU B 265 -5.21 3.10 37.33
C GLU B 265 -6.08 4.16 36.63
N TYR B 266 -6.25 4.04 35.31
CA TYR B 266 -7.27 4.80 34.59
C TYR B 266 -8.68 4.27 34.92
N SER B 267 -9.70 5.04 34.51
CA SER B 267 -11.10 4.61 34.54
C SER B 267 -11.50 3.86 33.27
N VAL B 268 -12.58 3.07 33.37
CA VAL B 268 -13.01 2.19 32.28
C VAL B 268 -14.49 2.34 31.94
N PRO B 269 -14.85 2.51 30.66
CA PRO B 269 -16.26 2.51 30.26
C PRO B 269 -16.98 1.21 30.59
N LYS B 270 -18.23 1.32 31.03
CA LYS B 270 -18.98 0.14 31.46
C LYS B 270 -19.18 -0.86 30.32
N THR B 271 -19.29 -0.36 29.08
CA THR B 271 -19.36 -1.25 27.91
C THR B 271 -18.18 -2.21 27.86
N LEU B 272 -16.99 -1.73 28.19
CA LEU B 272 -15.82 -2.58 28.23
C LEU B 272 -15.73 -3.35 29.55
N GLN B 273 -16.02 -2.68 30.66
CA GLN B 273 -15.92 -3.32 31.98
C GLN B 273 -16.72 -4.61 32.06
N ALA B 274 -17.87 -4.67 31.39
CA ALA B 274 -18.70 -5.87 31.42
C ALA B 274 -17.99 -7.12 30.90
N ARG B 275 -16.92 -6.99 30.13
CA ARG B 275 -16.23 -8.15 29.57
C ARG B 275 -15.35 -8.90 30.57
N PHE B 276 -15.00 -8.31 31.71
CA PHE B 276 -14.03 -8.91 32.61
C PHE B 276 -14.70 -9.75 33.70
N VAL B 277 -14.24 -11.00 33.84
CA VAL B 277 -14.74 -11.87 34.89
C VAL B 277 -14.24 -11.40 36.24
N LYS B 278 -12.98 -10.99 36.32
CA LYS B 278 -12.32 -10.75 37.58
C LYS B 278 -11.33 -9.61 37.43
N GLN B 279 -11.20 -8.80 38.48
CA GLN B 279 -10.17 -7.79 38.58
C GLN B 279 -9.26 -8.12 39.75
N ILE B 280 -7.95 -8.06 39.52
CA ILE B 280 -6.96 -8.21 40.58
C ILE B 280 -6.25 -6.87 40.77
N ASP B 281 -6.29 -6.36 41.99
CA ASP B 281 -5.61 -5.14 42.37
C ASP B 281 -4.21 -5.46 42.89
N PHE B 282 -3.18 -4.98 42.19
CA PHE B 282 -1.80 -5.12 42.61
C PHE B 282 -1.37 -3.86 43.36
N ARG B 283 -0.59 -4.04 44.43
CA ARG B 283 -0.05 -2.92 45.19
C ARG B 283 1.40 -3.18 45.57
N PRO B 284 2.24 -2.14 45.60
CA PRO B 284 3.65 -2.34 45.95
C PRO B 284 3.83 -2.71 47.41
N LYS B 285 4.73 -3.65 47.66
CA LYS B 285 5.04 -4.15 48.99
C LYS B 285 6.52 -3.97 49.28
N ASP B 286 6.83 -3.14 50.27
CA ASP B 286 8.19 -2.64 50.46
C ASP B 286 9.19 -3.77 50.69
N TYR B 287 8.81 -4.77 51.48
CA TYR B 287 9.70 -5.90 51.74
C TYR B 287 10.04 -6.68 50.48
N LEU B 288 9.12 -6.79 49.53
CA LEU B 288 9.45 -7.46 48.28
C LEU B 288 10.52 -6.70 47.51
N LYS B 289 10.41 -5.38 47.47
CA LYS B 289 11.44 -4.57 46.82
C LYS B 289 12.79 -4.75 47.49
N HIS B 290 12.83 -4.61 48.82
CA HIS B 290 14.06 -4.82 49.57
C HIS B 290 14.67 -6.18 49.30
N CYS B 291 13.85 -7.22 49.20
CA CYS B 291 14.35 -8.58 49.04
C CYS B 291 15.17 -8.74 47.76
N LEU B 292 14.66 -8.27 46.64
CA LEU B 292 15.36 -8.45 45.37
C LEU B 292 16.73 -7.79 45.38
N GLU B 293 16.89 -6.67 46.07
CA GLU B 293 18.18 -6.00 46.13
C GLU B 293 19.25 -6.83 46.85
N ARG B 294 18.86 -7.81 47.66
CA ARG B 294 19.81 -8.73 48.26
C ARG B 294 19.90 -10.06 47.53
N SER B 295 19.21 -10.19 46.39
CA SER B 295 19.09 -11.46 45.70
C SER B 295 18.85 -11.22 44.21
N GLU B 296 19.70 -10.39 43.61
CA GLU B 296 19.47 -9.89 42.26
C GLU B 296 19.50 -10.97 41.20
N PHE B 297 20.06 -12.15 41.50
CA PHE B 297 20.02 -13.27 40.56
C PHE B 297 18.61 -13.59 40.09
N LEU B 298 17.60 -13.33 40.91
CA LEU B 298 16.22 -13.54 40.51
C LEU B 298 15.85 -12.71 39.28
N LEU B 299 16.37 -11.50 39.17
CA LEU B 299 16.17 -10.68 37.99
C LEU B 299 17.18 -10.97 36.89
N GLU B 300 18.45 -11.14 37.23
CA GLU B 300 19.45 -11.40 36.20
C GLU B 300 19.16 -12.66 35.40
N LYS B 301 18.68 -13.71 36.06
CA LYS B 301 18.27 -14.93 35.36
C LYS B 301 16.76 -14.98 35.08
N ARG B 302 16.05 -13.88 35.32
CA ARG B 302 14.62 -13.75 34.98
C ARG B 302 13.76 -14.85 35.59
N ILE B 303 14.08 -15.27 36.80
CA ILE B 303 13.40 -16.40 37.42
C ILE B 303 11.96 -16.06 37.75
N ILE B 304 11.73 -15.00 38.53
CA ILE B 304 10.37 -14.66 38.94
C ILE B 304 9.49 -14.31 37.76
N GLN B 305 10.07 -14.00 36.62
CA GLN B 305 9.34 -13.68 35.40
C GLN B 305 8.97 -14.91 34.58
N SER B 306 9.62 -16.04 34.81
CA SER B 306 9.47 -17.22 33.96
C SER B 306 8.19 -17.99 34.26
N GLY B 307 7.71 -18.71 33.25
CA GLY B 307 6.61 -19.63 33.44
C GLY B 307 6.98 -20.84 34.27
N ILE B 308 8.22 -21.28 34.20
CA ILE B 308 8.68 -22.42 34.99
C ILE B 308 8.59 -22.14 36.48
N ALA B 309 8.83 -20.89 36.89
CA ALA B 309 8.63 -20.53 38.28
C ALA B 309 7.16 -20.62 38.71
N LEU B 310 6.21 -20.57 37.78
CA LEU B 310 4.82 -20.88 38.14
C LEU B 310 4.54 -22.37 38.09
N LEU B 311 5.11 -23.09 37.12
CA LEU B 311 4.88 -24.53 37.06
C LEU B 311 5.43 -25.23 38.30
N LEU B 312 6.61 -24.83 38.76
CA LEU B 312 7.12 -25.36 40.02
C LEU B 312 6.21 -25.02 41.20
N MET B 313 5.58 -23.85 41.20
CA MET B 313 4.61 -23.55 42.25
C MET B 313 3.45 -24.52 42.22
N LEU B 314 2.89 -24.77 41.04
CA LEU B 314 1.77 -25.71 40.93
C LEU B 314 2.17 -27.11 41.37
N ILE B 315 3.33 -27.58 40.92
CA ILE B 315 3.80 -28.90 41.33
C ILE B 315 3.97 -28.97 42.84
N TRP B 316 4.45 -27.89 43.45
CA TRP B 316 4.63 -27.88 44.89
C TRP B 316 3.30 -27.89 45.63
N TYR B 317 2.42 -26.93 45.33
CA TYR B 317 1.22 -26.74 46.13
C TYR B 317 0.07 -27.69 45.78
N ARG B 318 -0.17 -27.97 44.50
CA ARG B 318 -1.45 -28.57 44.12
C ARG B 318 -1.45 -30.09 44.25
N PRO B 319 -2.60 -30.69 44.61
CA PRO B 319 -2.75 -32.15 44.55
C PRO B 319 -2.54 -32.71 43.14
N VAL B 320 -2.04 -33.95 43.09
CA VAL B 320 -1.86 -34.64 41.81
C VAL B 320 -3.17 -34.77 41.05
N ALA B 321 -4.29 -34.83 41.76
CA ALA B 321 -5.61 -34.94 41.12
C ALA B 321 -5.97 -33.76 40.25
N GLU B 322 -5.28 -32.64 40.35
CA GLU B 322 -5.61 -31.45 39.56
C GLU B 322 -4.94 -31.41 38.19
N PHE B 323 -4.20 -32.46 37.79
CA PHE B 323 -3.50 -32.51 36.52
C PHE B 323 -4.02 -33.65 35.65
N ALA B 324 -3.97 -33.43 34.34
CA ALA B 324 -4.44 -34.43 33.38
C ALA B 324 -3.69 -35.75 33.51
N GLN B 325 -4.43 -36.85 33.37
CA GLN B 325 -3.91 -38.18 33.66
C GLN B 325 -2.61 -38.49 32.90
N SER B 326 -2.51 -38.04 31.66
CA SER B 326 -1.34 -38.34 30.83
C SER B 326 -0.01 -37.85 31.41
N ILE B 327 -0.02 -36.88 32.33
CA ILE B 327 1.21 -36.37 32.92
C ILE B 327 1.32 -36.62 34.42
N GLN B 328 0.33 -37.24 35.03
CA GLN B 328 0.39 -37.44 36.48
C GLN B 328 1.63 -38.22 36.89
N SER B 329 2.07 -39.17 36.07
CA SER B 329 3.32 -39.86 36.34
C SER B 329 4.49 -38.89 36.47
N ARG B 330 4.68 -38.01 35.49
CA ARG B 330 5.79 -37.07 35.54
C ARG B 330 5.68 -36.11 36.72
N ILE B 331 4.46 -35.66 37.03
CA ILE B 331 4.28 -34.72 38.13
C ILE B 331 4.52 -35.39 39.48
N VAL B 332 4.12 -36.65 39.63
CA VAL B 332 4.48 -37.39 40.84
C VAL B 332 6.00 -37.50 40.94
N GLU B 333 6.66 -37.88 39.86
CA GLU B 333 8.12 -37.95 39.88
C GLU B 333 8.75 -36.61 40.23
N TRP B 334 8.22 -35.51 39.70
CA TRP B 334 8.76 -34.20 40.06
C TRP B 334 8.42 -33.80 41.49
N LYS B 335 7.25 -34.18 42.00
CA LYS B 335 7.00 -34.00 43.43
C LYS B 335 8.03 -34.78 44.26
N GLU B 336 8.26 -36.04 43.90
CA GLU B 336 9.26 -36.84 44.60
C GLU B 336 10.66 -36.23 44.52
N ARG B 337 11.06 -35.74 43.36
CA ARG B 337 12.36 -35.08 43.25
C ARG B 337 12.46 -33.88 44.19
N LEU B 338 11.46 -33.00 44.17
CA LEU B 338 11.47 -31.87 45.10
C LEU B 338 11.46 -32.33 46.55
N ASP B 339 10.77 -33.41 46.86
CA ASP B 339 10.81 -33.98 48.21
C ASP B 339 12.18 -34.52 48.61
N LYS B 340 13.08 -34.80 47.67
CA LYS B 340 14.45 -35.11 48.03
C LYS B 340 15.32 -33.86 48.16
N GLU B 341 15.18 -32.92 47.24
CA GLU B 341 16.05 -31.75 47.22
C GLU B 341 15.64 -30.66 48.21
N PHE B 342 14.45 -30.72 48.79
CA PHE B 342 14.00 -29.70 49.74
C PHE B 342 13.34 -30.34 50.96
N SER B 343 13.19 -29.51 51.98
CA SER B 343 12.36 -29.78 53.14
C SER B 343 11.56 -28.53 53.49
N LEU B 344 10.41 -28.74 54.12
CA LEU B 344 9.52 -27.62 54.45
C LEU B 344 10.24 -26.54 55.26
N SER B 345 11.19 -26.94 56.10
CA SER B 345 11.97 -25.98 56.85
C SER B 345 12.72 -25.01 55.94
N VAL B 346 13.33 -25.52 54.87
CA VAL B 346 14.05 -24.65 53.94
C VAL B 346 13.10 -23.68 53.26
N TYR B 347 11.96 -24.18 52.79
CA TYR B 347 11.01 -23.31 52.11
C TYR B 347 10.41 -22.27 53.06
N GLN B 348 10.10 -22.66 54.29
CA GLN B 348 9.63 -21.69 55.28
C GLN B 348 10.68 -20.64 55.59
N LYS B 349 11.94 -21.04 55.68
CA LYS B 349 13.02 -20.08 55.84
C LYS B 349 13.07 -19.07 54.70
N MET B 350 12.98 -19.56 53.45
CA MET B 350 12.91 -18.64 52.32
C MET B 350 11.75 -17.66 52.43
N LYS B 351 10.55 -18.16 52.69
CA LYS B 351 9.40 -17.27 52.85
C LYS B 351 9.60 -16.26 53.96
N PHE B 352 10.11 -16.72 55.10
CA PHE B 352 10.34 -15.81 56.22
C PHE B 352 11.32 -14.70 55.85
N ASN B 353 12.40 -15.05 55.15
CA ASN B 353 13.33 -14.05 54.66
C ASN B 353 12.65 -13.04 53.73
N VAL B 354 11.88 -13.53 52.76
CA VAL B 354 11.18 -12.63 51.84
C VAL B 354 10.27 -11.67 52.59
N ALA B 355 9.50 -12.20 53.54
CA ALA B 355 8.59 -11.35 54.31
C ALA B 355 9.32 -10.27 55.10
N MET B 356 10.59 -10.48 55.42
CA MET B 356 11.41 -9.49 56.11
C MET B 356 12.26 -8.64 55.18
N GLY B 357 12.25 -8.91 53.88
CA GLY B 357 13.13 -8.21 52.95
C GLY B 357 14.58 -8.62 53.04
N ILE B 358 14.86 -9.75 53.68
CA ILE B 358 16.20 -10.32 53.73
C ILE B 358 16.50 -11.01 52.41
N GLY B 359 17.79 -11.26 52.15
CA GLY B 359 18.13 -12.11 51.02
C GLY B 359 17.52 -13.49 51.11
N VAL B 360 17.05 -13.99 49.96
CA VAL B 360 16.26 -15.23 49.96
C VAL B 360 17.09 -16.45 50.31
N LEU B 361 18.39 -16.44 50.04
CA LEU B 361 19.18 -17.65 50.24
C LEU B 361 19.48 -17.88 51.71
N ASP B 362 19.98 -16.87 52.40
CA ASP B 362 20.09 -16.96 53.86
C ASP B 362 20.23 -15.58 54.48
N LYS C 1 31.65 -26.45 -18.69
CA LYS C 1 31.72 -26.72 -17.26
C LYS C 1 30.83 -25.75 -16.50
N GLN C 2 30.10 -26.25 -15.51
CA GLN C 2 29.13 -25.45 -14.78
C GLN C 2 29.78 -24.50 -13.77
N VAL C 3 29.06 -23.40 -13.50
CA VAL C 3 29.40 -22.51 -12.39
C VAL C 3 29.09 -23.19 -11.06
N SER C 4 29.96 -22.98 -10.08
CA SER C 4 29.74 -23.47 -8.72
C SER C 4 28.93 -22.48 -7.90
N TRP C 5 27.72 -22.88 -7.49
CA TRP C 5 26.96 -22.08 -6.54
C TRP C 5 27.62 -22.08 -5.17
N LYS C 6 28.40 -23.12 -4.88
CA LYS C 6 29.05 -23.24 -3.58
C LYS C 6 30.11 -22.17 -3.36
N LEU C 7 30.97 -21.95 -4.35
CA LEU C 7 32.01 -20.94 -4.21
C LEU C 7 31.45 -19.53 -4.04
N VAL C 8 30.38 -19.19 -4.76
CA VAL C 8 29.76 -17.88 -4.54
C VAL C 8 29.22 -17.78 -3.13
N THR C 9 28.64 -18.86 -2.62
CA THR C 9 28.15 -18.84 -1.25
C THR C 9 29.29 -18.66 -0.26
N GLU C 10 30.38 -19.37 -0.48
CA GLU C 10 31.55 -19.26 0.39
C GLU C 10 32.14 -17.85 0.40
N TYR C 11 32.27 -17.23 -0.78
CA TYR C 11 32.75 -15.84 -0.81
C TYR C 11 31.83 -14.91 -0.05
N ALA C 12 30.52 -15.06 -0.21
CA ALA C 12 29.59 -14.24 0.55
C ALA C 12 29.72 -14.47 2.05
N MET C 13 29.96 -15.72 2.45
CA MET C 13 30.14 -16.03 3.86
C MET C 13 31.40 -15.40 4.43
N GLU C 14 32.53 -15.54 3.73
CA GLU C 14 33.77 -14.92 4.21
C GLU C 14 33.66 -13.41 4.24
N THR C 15 33.03 -12.82 3.24
CA THR C 15 32.92 -11.36 3.17
C THR C 15 31.78 -10.84 4.02
N LYS C 16 30.85 -11.70 4.41
CA LYS C 16 29.62 -11.31 5.10
C LYS C 16 28.77 -10.33 4.29
N CYS C 17 28.68 -10.55 2.98
CA CYS C 17 27.76 -9.82 2.13
C CYS C 17 26.33 -10.26 2.38
N ASP C 18 25.43 -9.30 2.52
CA ASP C 18 23.99 -9.60 2.61
C ASP C 18 23.17 -8.60 1.81
N ASP C 19 23.78 -8.01 0.78
CA ASP C 19 23.08 -7.23 -0.24
C ASP C 19 23.33 -7.91 -1.58
N VAL C 20 22.25 -8.28 -2.29
CA VAL C 20 22.38 -9.04 -3.54
C VAL C 20 23.12 -8.24 -4.60
N LEU C 21 22.88 -6.93 -4.68
CA LEU C 21 23.58 -6.15 -5.69
C LEU C 21 25.04 -5.96 -5.37
N LEU C 22 25.37 -5.75 -4.09
CA LEU C 22 26.78 -5.67 -3.71
C LEU C 22 27.50 -6.98 -4.00
N LEU C 23 26.91 -8.12 -3.64
CA LEU C 23 27.56 -9.39 -3.94
C LEU C 23 27.73 -9.59 -5.44
N LEU C 24 26.70 -9.28 -6.23
CA LEU C 24 26.82 -9.37 -7.68
C LEU C 24 27.89 -8.43 -8.20
N GLY C 25 27.91 -7.20 -7.71
CA GLY C 25 28.89 -6.23 -8.16
C GLY C 25 30.31 -6.62 -7.83
N MET C 26 30.55 -7.10 -6.61
CA MET C 26 31.87 -7.60 -6.24
C MET C 26 32.29 -8.80 -7.07
N TYR C 27 31.45 -9.82 -7.15
CA TYR C 27 31.90 -11.07 -7.73
C TYR C 27 32.19 -10.96 -9.22
N LEU C 28 31.52 -10.04 -9.92
CA LEU C 28 31.82 -9.82 -11.33
C LEU C 28 33.20 -9.22 -11.58
N GLU C 29 33.79 -8.57 -10.57
CA GLU C 29 35.15 -8.06 -10.76
C GLU C 29 36.16 -9.17 -10.99
N PHE C 30 35.91 -10.35 -10.45
CA PHE C 30 36.88 -11.44 -10.56
C PHE C 30 36.96 -12.03 -11.96
N GLN C 31 36.10 -11.63 -12.88
CA GLN C 31 36.11 -12.23 -14.21
C GLN C 31 37.36 -11.89 -15.02
N TYR C 32 38.06 -10.81 -14.70
CA TYR C 32 39.29 -10.46 -15.40
C TYR C 32 40.49 -11.22 -14.84
N SER C 33 41.51 -11.39 -15.67
CA SER C 33 42.69 -12.15 -15.28
C SER C 33 43.40 -11.52 -14.10
N PHE C 34 43.87 -12.38 -13.19
CA PHE C 34 44.54 -11.92 -11.97
C PHE C 34 45.87 -11.23 -12.24
N GLU C 35 46.63 -11.71 -13.24
CA GLU C 35 47.99 -11.23 -13.44
C GLU C 35 48.03 -9.72 -13.70
N MET C 36 47.05 -9.20 -14.42
CA MET C 36 47.01 -7.80 -14.79
C MET C 36 46.15 -6.96 -13.84
N CYS C 37 45.59 -7.57 -12.81
CA CYS C 37 44.54 -6.92 -12.03
C CYS C 37 45.09 -5.74 -11.24
N LEU C 38 44.76 -4.53 -11.70
CA LEU C 38 45.29 -3.31 -11.10
C LEU C 38 44.87 -3.14 -9.65
N LYS C 39 43.66 -3.59 -9.28
CA LYS C 39 43.25 -3.57 -7.88
C LYS C 39 44.09 -4.50 -7.01
N CYS C 40 44.48 -5.66 -7.53
CA CYS C 40 45.37 -6.54 -6.78
C CYS C 40 46.80 -6.01 -6.74
N ILE C 41 47.21 -5.21 -7.71
CA ILE C 41 48.50 -4.54 -7.62
C ILE C 41 48.48 -3.44 -6.57
N LYS C 42 47.48 -2.56 -6.63
CA LYS C 42 47.41 -1.46 -5.67
C LYS C 42 46.99 -1.91 -4.28
N LYS C 43 46.24 -3.01 -4.18
CA LYS C 43 45.75 -3.54 -2.90
C LYS C 43 44.92 -2.52 -2.11
N GLU C 44 43.96 -1.91 -2.81
CA GLU C 44 43.09 -0.91 -2.19
C GLU C 44 42.08 -1.56 -1.25
N GLN C 45 41.43 -2.62 -1.68
CA GLN C 45 40.30 -3.22 -0.95
C GLN C 45 40.54 -4.69 -0.64
N PRO C 46 40.55 -5.09 0.64
CA PRO C 46 40.84 -6.50 0.94
C PRO C 46 39.77 -7.44 0.42
N SER C 47 38.51 -7.00 0.44
CA SER C 47 37.42 -7.77 -0.14
C SER C 47 37.65 -8.11 -1.60
N HIS C 48 38.56 -7.41 -2.28
CA HIS C 48 39.02 -7.84 -3.60
C HIS C 48 40.30 -8.65 -3.55
N TYR C 49 41.40 -8.04 -3.09
CA TYR C 49 42.71 -8.63 -3.37
C TYR C 49 43.00 -9.90 -2.61
N LYS C 50 42.29 -10.19 -1.52
CA LYS C 50 42.48 -11.48 -0.87
C LYS C 50 41.88 -12.64 -1.64
N TYR C 51 40.94 -12.39 -2.55
CA TYR C 51 40.08 -13.43 -3.07
C TYR C 51 40.17 -13.66 -4.57
N HIS C 52 40.70 -12.69 -5.32
CA HIS C 52 40.67 -12.78 -6.78
C HIS C 52 41.36 -14.03 -7.31
N GLU C 53 42.53 -14.39 -6.77
CA GLU C 53 43.18 -15.64 -7.19
C GLU C 53 42.29 -16.85 -6.95
N LYS C 54 41.68 -16.91 -5.77
CA LYS C 54 40.87 -18.06 -5.41
C LYS C 54 39.67 -18.24 -6.33
N HIS C 55 39.04 -17.14 -6.73
CA HIS C 55 37.76 -17.21 -7.43
C HIS C 55 37.82 -17.01 -8.94
N TYR C 56 38.92 -16.50 -9.49
CA TYR C 56 39.00 -16.21 -10.91
C TYR C 56 38.45 -17.33 -11.80
N ALA C 57 38.84 -18.56 -11.53
CA ALA C 57 38.41 -19.67 -12.38
C ALA C 57 36.90 -19.86 -12.39
N ASN C 58 36.24 -19.66 -11.25
CA ASN C 58 34.79 -19.76 -11.21
C ASN C 58 34.10 -18.52 -11.75
N ALA C 59 34.62 -17.34 -11.44
CA ALA C 59 33.99 -16.10 -11.88
C ALA C 59 33.95 -15.98 -13.39
N ALA C 60 34.97 -16.49 -14.08
CA ALA C 60 34.95 -16.50 -15.55
C ALA C 60 33.79 -17.29 -16.11
N ILE C 61 33.33 -18.33 -15.41
CA ILE C 61 32.15 -19.06 -15.84
C ILE C 61 30.88 -18.31 -15.43
N PHE C 62 30.86 -17.81 -14.20
CA PHE C 62 29.72 -17.05 -13.70
C PHE C 62 29.38 -15.88 -14.62
N ALA C 63 30.39 -15.23 -15.18
CA ALA C 63 30.15 -14.10 -16.08
C ALA C 63 29.30 -14.46 -17.29
N ASP C 64 29.32 -15.72 -17.73
CA ASP C 64 28.51 -16.16 -18.86
C ASP C 64 27.15 -16.73 -18.47
N SER C 65 26.87 -16.84 -17.18
CA SER C 65 25.62 -17.42 -16.71
C SER C 65 24.41 -16.55 -17.03
N LYS C 66 23.25 -17.20 -17.11
CA LYS C 66 21.96 -16.55 -17.23
C LYS C 66 21.22 -16.47 -15.89
N ASN C 67 21.77 -17.03 -14.82
CA ASN C 67 21.12 -17.12 -13.52
C ASN C 67 21.60 -16.09 -12.53
N GLN C 68 22.42 -15.14 -12.96
CA GLN C 68 23.36 -14.48 -12.04
C GLN C 68 22.70 -13.93 -10.79
N LYS C 69 21.50 -13.39 -10.90
CA LYS C 69 20.86 -12.87 -9.69
C LYS C 69 20.30 -13.95 -8.77
N THR C 70 19.88 -15.10 -9.29
CA THR C 70 19.42 -16.16 -8.40
C THR C 70 20.57 -16.90 -7.73
N ILE C 71 21.73 -17.01 -8.38
CA ILE C 71 22.91 -17.53 -7.70
C ILE C 71 23.24 -16.65 -6.50
N CYS C 72 23.29 -15.34 -6.70
CA CYS C 72 23.58 -14.44 -5.59
C CYS C 72 22.51 -14.47 -4.52
N GLN C 73 21.25 -14.68 -4.89
CA GLN C 73 20.18 -14.70 -3.90
C GLN C 73 20.33 -15.85 -2.92
N GLN C 74 20.68 -17.04 -3.38
CA GLN C 74 20.91 -18.14 -2.45
C GLN C 74 22.08 -17.85 -1.52
N ALA C 75 23.15 -17.27 -2.06
CA ALA C 75 24.30 -16.91 -1.22
C ALA C 75 23.94 -15.89 -0.15
N VAL C 76 23.20 -14.84 -0.50
CA VAL C 76 22.80 -13.84 0.48
C VAL C 76 21.87 -14.41 1.55
N ASP C 77 20.91 -15.24 1.16
CA ASP C 77 20.06 -15.87 2.17
C ASP C 77 20.82 -16.84 3.06
N THR C 78 21.88 -17.46 2.55
CA THR C 78 22.72 -18.27 3.42
C THR C 78 23.41 -17.43 4.48
N VAL C 79 23.90 -16.25 4.11
CA VAL C 79 24.48 -15.35 5.11
C VAL C 79 23.45 -14.88 6.12
N LEU C 80 22.26 -14.50 5.66
CA LEU C 80 21.21 -14.13 6.61
C LEU C 80 20.81 -15.29 7.50
N ALA C 81 20.76 -16.51 6.95
CA ALA C 81 20.40 -17.66 7.77
C ALA C 81 21.40 -17.90 8.89
N LYS C 82 22.70 -17.79 8.61
CA LYS C 82 23.68 -17.85 9.70
C LYS C 82 23.43 -16.74 10.72
N LYS C 83 23.25 -15.51 10.25
CA LYS C 83 23.03 -14.40 11.14
C LYS C 83 21.80 -14.59 12.01
N ARG C 84 20.76 -15.25 11.49
CA ARG C 84 19.58 -15.57 12.28
C ARG C 84 19.82 -16.65 13.32
N VAL C 85 20.57 -17.70 12.99
CA VAL C 85 20.93 -18.70 13.99
C VAL C 85 21.73 -18.07 15.11
N ASP C 86 22.77 -17.31 14.78
CA ASP C 86 23.60 -16.71 15.82
C ASP C 86 22.81 -15.80 16.74
N SER C 87 21.83 -15.09 16.19
CA SER C 87 20.98 -14.25 17.03
C SER C 87 20.23 -15.02 18.09
N LEU C 88 19.78 -16.24 17.79
CA LEU C 88 19.04 -17.02 18.77
C LEU C 88 19.91 -17.84 19.72
N GLN C 89 21.09 -18.27 19.30
CA GLN C 89 21.81 -19.29 20.03
C GLN C 89 23.08 -18.82 20.75
N LEU C 90 23.62 -17.66 20.40
CA LEU C 90 24.74 -17.10 21.15
C LEU C 90 24.26 -16.42 22.43
N THR C 91 25.11 -16.43 23.45
CA THR C 91 24.93 -15.55 24.60
C THR C 91 25.37 -14.13 24.24
N ARG C 92 24.84 -13.16 24.98
CA ARG C 92 25.21 -11.77 24.74
C ARG C 92 26.70 -11.52 24.99
N GLU C 93 27.34 -12.32 25.84
CA GLU C 93 28.80 -12.28 25.96
C GLU C 93 29.49 -12.65 24.65
N GLN C 94 29.06 -13.74 24.03
CA GLN C 94 29.68 -14.14 22.77
C GLN C 94 29.42 -13.11 21.67
N MET C 95 28.22 -12.54 21.63
CA MET C 95 27.95 -11.49 20.65
C MET C 95 28.93 -10.33 20.79
N LEU C 96 29.07 -9.81 22.01
CA LEU C 96 30.02 -8.72 22.22
C LEU C 96 31.45 -9.16 21.96
N THR C 97 31.80 -10.40 22.27
CA THR C 97 33.15 -10.89 21.99
C THR C 97 33.42 -10.93 20.49
N ASN C 98 32.43 -11.33 19.70
CA ASN C 98 32.59 -11.27 18.26
C ASN C 98 32.77 -9.84 17.77
N ARG C 99 31.98 -8.91 18.31
CA ARG C 99 32.14 -7.52 17.92
C ARG C 99 33.54 -7.01 18.21
N PHE C 100 34.10 -7.34 19.37
CA PHE C 100 35.45 -6.88 19.66
C PHE C 100 36.49 -7.51 18.75
N ASN C 101 36.30 -8.76 18.34
CA ASN C 101 37.17 -9.30 17.30
C ASN C 101 37.07 -8.51 16.00
N ASP C 102 35.87 -8.09 15.61
CA ASP C 102 35.76 -7.30 14.40
C ASP C 102 36.45 -5.94 14.53
N LEU C 103 36.29 -5.27 15.65
CA LEU C 103 37.01 -4.01 15.85
C LEU C 103 38.52 -4.21 15.90
N LEU C 104 38.98 -5.27 16.54
CA LEU C 104 40.42 -5.53 16.57
C LEU C 104 40.95 -5.82 15.18
N ASP C 105 40.19 -6.53 14.35
CA ASP C 105 40.59 -6.72 12.96
C ASP C 105 40.72 -5.39 12.21
N ARG C 106 39.77 -4.48 12.40
CA ARG C 106 39.90 -3.15 11.83
C ARG C 106 41.16 -2.45 12.34
N MET C 107 41.39 -2.49 13.65
CA MET C 107 42.58 -1.84 14.20
C MET C 107 43.86 -2.45 13.63
N ASP C 108 43.90 -3.76 13.48
CA ASP C 108 45.07 -4.40 12.88
C ASP C 108 45.33 -3.96 11.44
N ILE C 109 44.29 -3.53 10.73
CA ILE C 109 44.52 -2.86 9.45
C ILE C 109 44.88 -1.39 9.65
N MET C 110 44.08 -0.65 10.40
CA MET C 110 44.25 0.79 10.48
C MET C 110 45.66 1.18 10.93
N PHE C 111 46.22 0.45 11.88
CA PHE C 111 47.55 0.71 12.38
C PHE C 111 48.59 -0.25 11.83
N GLY C 112 48.25 -1.01 10.79
CA GLY C 112 49.21 -1.82 10.09
C GLY C 112 50.15 -0.98 9.23
N SER C 113 51.17 -1.65 8.69
CA SER C 113 52.18 -0.95 7.88
C SER C 113 51.60 -0.34 6.62
N THR C 114 50.46 -0.82 6.14
CA THR C 114 49.75 -0.20 5.04
C THR C 114 48.71 0.83 5.52
N GLY C 115 48.55 0.99 6.83
CA GLY C 115 47.45 1.79 7.36
C GLY C 115 47.74 3.28 7.38
N SER C 116 46.66 4.05 7.26
CA SER C 116 46.73 5.50 7.16
C SER C 116 46.70 6.22 8.51
N ALA C 117 46.25 5.56 9.56
CA ALA C 117 46.17 6.17 10.89
C ALA C 117 47.55 6.21 11.55
N ASP C 118 47.65 7.01 12.62
CA ASP C 118 48.76 6.88 13.56
C ASP C 118 48.30 7.17 14.98
N ILE C 119 48.94 6.48 15.93
CA ILE C 119 48.35 6.25 17.24
C ILE C 119 48.22 7.52 18.09
N GLU C 120 49.14 8.48 17.95
CA GLU C 120 49.06 9.65 18.85
C GLU C 120 47.75 10.42 18.67
N GLU C 121 47.23 10.48 17.45
CA GLU C 121 45.98 11.20 17.26
C GLU C 121 44.81 10.44 17.87
N TRP C 122 44.77 9.12 17.68
CA TRP C 122 43.74 8.32 18.33
C TRP C 122 43.90 8.36 19.85
N MET C 123 45.13 8.35 20.34
CA MET C 123 45.35 8.38 21.79
C MET C 123 45.06 9.74 22.38
N ALA C 124 45.28 10.83 21.63
CA ALA C 124 44.74 12.11 22.03
C ALA C 124 43.22 12.06 22.16
N GLY C 125 42.57 11.34 21.26
CA GLY C 125 41.14 11.11 21.40
C GLY C 125 40.77 10.45 22.72
N VAL C 126 41.50 9.41 23.10
CA VAL C 126 41.31 8.80 24.42
C VAL C 126 41.52 9.82 25.53
N ALA C 127 42.55 10.64 25.41
CA ALA C 127 42.83 11.63 26.46
C ALA C 127 41.71 12.66 26.57
N TRP C 128 41.17 13.13 25.45
CA TRP C 128 40.04 14.06 25.51
C TRP C 128 38.79 13.39 26.08
N LEU C 129 38.46 12.19 25.59
CA LEU C 129 37.28 11.49 26.09
C LEU C 129 37.35 11.22 27.58
N HIS C 130 38.52 10.82 28.09
CA HIS C 130 38.64 10.58 29.52
C HIS C 130 38.47 11.85 30.37
N CYS C 131 38.46 13.03 29.76
CA CYS C 131 38.10 14.26 30.46
C CYS C 131 36.63 14.62 30.35
N LEU C 132 35.88 13.98 29.46
CA LEU C 132 34.48 14.36 29.26
C LEU C 132 33.63 14.02 30.49
N LEU C 133 33.93 12.92 31.19
CA LEU C 133 33.23 12.54 32.41
C LEU C 133 34.22 12.01 33.42
N PRO C 134 33.92 12.16 34.72
CA PRO C 134 34.78 11.54 35.74
C PRO C 134 34.72 10.01 35.70
N LYS C 135 35.87 9.38 35.91
CA LYS C 135 36.00 7.92 35.86
C LYS C 135 35.43 7.34 34.56
N MET C 136 35.74 7.99 33.45
CA MET C 136 35.12 7.65 32.18
C MET C 136 35.19 6.16 31.85
N ASP C 137 36.36 5.55 32.02
CA ASP C 137 36.49 4.13 31.69
C ASP C 137 35.61 3.25 32.57
N SER C 138 35.40 3.63 33.83
CA SER C 138 34.43 2.91 34.65
C SER C 138 33.01 3.07 34.11
N VAL C 139 32.67 4.28 33.65
CA VAL C 139 31.36 4.51 33.06
C VAL C 139 31.16 3.66 31.82
N VAL C 140 32.17 3.56 30.95
CA VAL C 140 32.07 2.67 29.79
C VAL C 140 31.96 1.23 30.24
N TYR C 141 32.78 0.81 31.19
CA TYR C 141 32.73 -0.57 31.63
C TYR C 141 31.38 -0.92 32.26
N ASP C 142 30.85 -0.03 33.10
CA ASP C 142 29.51 -0.25 33.64
C ASP C 142 28.45 -0.32 32.56
N PHE C 143 28.58 0.49 31.50
CA PHE C 143 27.62 0.42 30.40
C PHE C 143 27.65 -0.94 29.71
N LEU C 144 28.83 -1.42 29.34
CA LEU C 144 28.90 -2.72 28.68
C LEU C 144 28.34 -3.82 29.56
N LYS C 145 28.71 -3.81 30.84
CA LYS C 145 28.16 -4.77 31.78
C LYS C 145 26.64 -4.70 31.82
N CYS C 146 26.06 -3.50 31.82
CA CYS C 146 24.61 -3.35 31.77
C CYS C 146 24.01 -3.89 30.46
N MET C 147 24.59 -3.52 29.32
CA MET C 147 24.05 -4.00 28.05
C MET C 147 24.19 -5.51 27.87
N VAL C 148 25.14 -6.14 28.54
CA VAL C 148 25.26 -7.60 28.47
C VAL C 148 24.25 -8.30 29.38
N TYR C 149 24.05 -7.83 30.60
CA TYR C 149 23.09 -8.50 31.48
C TYR C 149 21.64 -8.28 31.08
N ASN C 150 21.32 -7.16 30.44
CA ASN C 150 19.99 -6.98 29.84
C ASN C 150 18.86 -7.25 30.83
N ILE C 151 19.05 -6.82 32.06
CA ILE C 151 18.14 -7.13 33.17
C ILE C 151 16.79 -6.45 32.94
N PRO C 152 15.66 -7.14 33.08
CA PRO C 152 14.36 -6.53 32.76
C PRO C 152 14.07 -5.29 33.59
N LYS C 153 13.58 -4.25 32.92
CA LYS C 153 13.26 -2.95 33.50
C LYS C 153 14.44 -2.24 34.16
N LYS C 154 15.66 -2.75 33.97
CA LYS C 154 16.87 -2.13 34.50
C LYS C 154 17.95 -2.13 33.41
N ARG C 155 17.64 -1.52 32.27
CA ARG C 155 18.48 -1.69 31.09
C ARG C 155 18.51 -0.50 30.14
N TYR C 156 18.06 0.69 30.55
CA TYR C 156 18.22 1.92 29.77
C TYR C 156 18.89 2.99 30.61
N TRP C 157 19.78 3.76 29.99
CA TRP C 157 20.44 4.90 30.62
C TRP C 157 20.02 6.19 29.92
N LEU C 158 19.93 7.26 30.70
CA LEU C 158 19.52 8.57 30.21
C LEU C 158 20.72 9.52 30.19
N PHE C 159 21.01 10.11 29.04
CA PHE C 159 21.99 11.18 28.90
C PHE C 159 21.26 12.51 28.77
N LYS C 160 21.43 13.41 29.73
CA LYS C 160 20.64 14.63 29.77
C LYS C 160 21.52 15.85 30.02
N GLY C 161 21.21 16.96 29.34
CA GLY C 161 21.93 18.21 29.54
C GLY C 161 21.68 19.25 28.46
N PRO C 162 22.35 20.40 28.56
CA PRO C 162 22.30 21.39 27.48
C PRO C 162 22.79 20.87 26.14
N ILE C 163 22.45 21.61 25.09
CA ILE C 163 23.06 21.44 23.78
C ILE C 163 24.56 21.76 23.81
N ASP C 164 25.30 21.15 22.88
CA ASP C 164 26.77 21.20 22.86
C ASP C 164 27.37 20.77 24.19
N SER C 165 26.90 19.64 24.70
CA SER C 165 27.44 19.05 25.92
C SER C 165 28.01 17.66 25.70
N GLY C 166 28.17 17.24 24.45
CA GLY C 166 28.83 15.98 24.18
C GLY C 166 27.99 14.74 24.30
N LYS C 167 26.67 14.87 24.47
CA LYS C 167 25.84 13.68 24.66
C LYS C 167 25.96 12.73 23.48
N THR C 168 25.69 13.22 22.28
CA THR C 168 25.72 12.35 21.11
C THR C 168 27.13 12.10 20.60
N THR C 169 28.08 12.97 20.93
CA THR C 169 29.49 12.62 20.71
C THR C 169 29.85 11.32 21.42
N LEU C 170 29.45 11.18 22.68
CA LEU C 170 29.68 9.93 23.40
C LEU C 170 28.78 8.81 22.91
N ALA C 171 27.49 9.07 22.79
CA ALA C 171 26.55 8.02 22.43
C ALA C 171 26.88 7.39 21.08
N ALA C 172 27.37 8.19 20.13
CA ALA C 172 27.80 7.63 18.85
C ALA C 172 29.00 6.71 18.99
N ALA C 173 29.90 6.98 19.94
CA ALA C 173 31.04 6.09 20.13
C ALA C 173 30.63 4.78 20.78
N LEU C 174 29.79 4.84 21.81
CA LEU C 174 29.24 3.62 22.40
C LEU C 174 28.47 2.79 21.39
N LEU C 175 27.77 3.46 20.48
CA LEU C 175 27.02 2.74 19.46
C LEU C 175 27.91 2.02 18.47
N GLU C 176 29.00 2.64 18.02
CA GLU C 176 29.94 1.88 17.20
C GLU C 176 30.63 0.79 18.00
N LEU C 177 30.94 1.04 19.27
CA LEU C 177 31.62 0.04 20.07
C LEU C 177 30.82 -1.25 20.16
N CYS C 178 29.52 -1.15 20.42
CA CYS C 178 28.67 -2.34 20.52
C CYS C 178 28.11 -2.80 19.18
N GLY C 179 27.96 -1.90 18.22
CA GLY C 179 27.07 -2.12 17.10
C GLY C 179 25.62 -1.96 17.49
N GLY C 180 24.82 -1.41 16.59
CA GLY C 180 23.46 -1.04 16.88
C GLY C 180 23.04 0.13 16.00
N LYS C 181 21.83 0.65 16.24
CA LYS C 181 21.30 1.74 15.43
C LYS C 181 20.64 2.81 16.27
N ALA C 182 20.72 4.05 15.80
CA ALA C 182 20.01 5.19 16.37
C ALA C 182 18.62 5.33 15.79
N LEU C 183 17.70 5.82 16.61
CA LEU C 183 16.28 5.97 16.27
C LEU C 183 15.82 7.39 16.60
N ASN C 184 14.89 7.90 15.78
CA ASN C 184 14.26 9.20 16.03
C ASN C 184 12.77 9.00 16.35
N VAL C 185 12.39 9.32 17.59
CA VAL C 185 11.03 9.12 18.07
C VAL C 185 10.15 10.37 17.98
N ASN C 186 10.68 11.49 17.49
CA ASN C 186 9.89 12.71 17.35
C ASN C 186 8.91 12.68 16.19
N LEU C 187 8.83 11.60 15.45
CA LEU C 187 7.94 11.48 14.29
C LEU C 187 6.45 11.60 14.66
N PRO C 188 5.60 11.84 13.66
CA PRO C 188 4.17 11.56 13.83
C PRO C 188 3.93 10.07 14.04
N LEU C 189 3.05 9.76 14.98
CA LEU C 189 2.87 8.39 15.45
C LEU C 189 2.54 7.42 14.32
N ASP C 190 1.85 7.88 13.28
CA ASP C 190 1.52 6.99 12.15
C ASP C 190 2.74 6.41 11.47
N ARG C 191 3.85 7.14 11.41
CA ARG C 191 5.07 6.62 10.81
C ARG C 191 6.02 6.00 11.82
N LEU C 192 5.89 6.36 13.10
CA LEU C 192 6.75 5.79 14.13
C LEU C 192 6.76 4.27 14.11
N ASN C 193 5.64 3.67 13.75
CA ASN C 193 5.55 2.21 13.67
C ASN C 193 6.56 1.59 12.73
N PHE C 194 7.02 2.32 11.70
CA PHE C 194 8.12 1.83 10.87
C PHE C 194 9.50 2.20 11.36
N GLU C 195 9.62 3.25 12.18
CA GLU C 195 10.91 3.60 12.75
C GLU C 195 11.42 2.50 13.69
N LEU C 196 10.56 2.01 14.56
CA LEU C 196 10.94 0.93 15.45
C LEU C 196 11.33 -0.34 14.71
N GLY C 197 10.89 -0.50 13.46
CA GLY C 197 11.34 -1.61 12.63
C GLY C 197 12.84 -1.62 12.37
N VAL C 198 13.51 -0.49 12.57
CA VAL C 198 14.97 -0.46 12.46
C VAL C 198 15.64 -1.31 13.53
N ALA C 199 15.01 -1.45 14.70
CA ALA C 199 15.64 -2.11 15.84
C ALA C 199 15.77 -3.61 15.72
N ILE C 200 15.18 -4.25 14.72
CA ILE C 200 15.16 -5.71 14.65
C ILE C 200 16.57 -6.27 14.63
N ASP C 201 16.82 -7.25 15.50
CA ASP C 201 18.08 -7.99 15.65
C ASP C 201 19.29 -7.12 16.00
N GLN C 202 19.10 -5.87 16.42
CA GLN C 202 20.22 -5.07 16.88
C GLN C 202 20.59 -5.41 18.32
N PHE C 203 21.89 -5.30 18.63
CA PHE C 203 22.37 -5.52 19.99
C PHE C 203 22.01 -4.35 20.91
N LEU C 204 21.89 -3.15 20.35
CA LEU C 204 21.76 -1.92 21.11
C LEU C 204 20.96 -0.93 20.27
N VAL C 205 20.22 -0.03 20.91
CA VAL C 205 19.65 1.13 20.22
C VAL C 205 19.87 2.41 21.02
N VAL C 206 19.92 3.54 20.31
CA VAL C 206 20.00 4.87 20.90
C VAL C 206 18.82 5.70 20.41
N PHE C 207 17.99 6.17 21.34
CA PHE C 207 16.97 7.17 21.03
C PHE C 207 17.60 8.55 21.14
N GLU C 208 17.87 9.19 20.00
CA GLU C 208 18.56 10.47 20.02
C GLU C 208 17.64 11.68 20.02
N ASP C 209 18.01 12.68 20.81
CA ASP C 209 17.40 14.01 20.79
C ASP C 209 15.87 13.96 20.97
N VAL C 210 15.42 13.25 21.99
CA VAL C 210 13.99 13.17 22.30
C VAL C 210 13.51 14.53 22.78
N LYS C 211 12.49 15.08 22.12
CA LYS C 211 11.93 16.39 22.46
C LYS C 211 10.64 16.28 23.24
N GLY C 212 10.51 17.13 24.27
CA GLY C 212 9.29 17.23 25.07
C GLY C 212 8.43 18.43 24.70
N THR C 213 7.26 18.50 25.34
CA THR C 213 6.50 19.72 25.45
C THR C 213 6.95 20.52 26.67
N GLY C 214 6.48 21.77 26.74
CA GLY C 214 6.99 22.71 27.72
C GLY C 214 8.44 23.09 27.41
N GLY C 215 9.08 23.74 28.39
CA GLY C 215 10.46 24.14 28.25
C GLY C 215 10.72 25.22 27.23
N GLU C 216 9.69 25.76 26.59
CA GLU C 216 9.87 26.86 25.65
C GLU C 216 10.36 28.12 26.35
N SER C 217 10.03 28.28 27.63
CA SER C 217 10.63 29.35 28.45
C SER C 217 12.11 29.11 28.67
N ARG C 218 12.59 27.88 28.55
CA ARG C 218 14.01 27.58 28.50
C ARG C 218 14.56 27.67 27.08
N ASP C 219 13.74 28.16 26.14
CA ASP C 219 14.02 28.19 24.71
C ASP C 219 14.22 26.80 24.09
N LEU C 220 13.67 25.76 24.69
CA LEU C 220 13.67 24.46 24.04
C LEU C 220 12.54 24.38 23.02
N PRO C 221 12.82 23.97 21.78
CA PRO C 221 11.74 23.63 20.86
C PRO C 221 10.84 22.53 21.41
N SER C 222 9.53 22.70 21.25
CA SER C 222 8.58 21.65 21.61
C SER C 222 8.61 20.49 20.63
N GLY C 223 8.22 19.31 21.10
CA GLY C 223 8.07 18.16 20.22
C GLY C 223 7.36 17.01 20.90
N GLN C 224 6.95 16.03 20.09
CA GLN C 224 6.17 14.88 20.53
C GLN C 224 7.02 13.70 21.02
N GLY C 225 8.35 13.80 20.99
CA GLY C 225 9.19 12.67 21.33
C GLY C 225 8.84 11.99 22.65
N ILE C 226 8.80 12.78 23.73
CA ILE C 226 8.51 12.20 25.04
C ILE C 226 7.14 11.53 25.05
N ASN C 227 6.15 12.16 24.42
CA ASN C 227 4.81 11.58 24.42
C ASN C 227 4.76 10.28 23.63
N ASN C 228 5.47 10.21 22.51
CA ASN C 228 5.57 8.94 21.79
C ASN C 228 6.31 7.88 22.60
N LEU C 229 7.44 8.26 23.17
CA LEU C 229 8.26 7.30 23.91
C LEU C 229 7.48 6.67 25.05
N ASP C 230 6.61 7.45 25.69
CA ASP C 230 5.78 6.94 26.77
C ASP C 230 4.75 5.91 26.32
N ASN C 231 4.45 5.78 25.03
CA ASN C 231 3.65 4.65 24.57
C ASN C 231 4.43 3.34 24.53
N LEU C 232 5.76 3.38 24.53
CA LEU C 232 6.60 2.21 24.26
C LEU C 232 7.10 1.54 25.53
N ARG C 233 6.35 1.64 26.63
CA ARG C 233 6.82 1.18 27.93
C ARG C 233 7.25 -0.28 27.90
N ASP C 234 6.45 -1.16 27.29
CA ASP C 234 6.84 -2.56 27.17
C ASP C 234 8.05 -2.77 26.27
N TYR C 235 8.36 -1.83 25.39
CA TYR C 235 9.59 -1.93 24.63
C TYR C 235 10.80 -1.60 25.50
N LEU C 236 10.70 -0.57 26.33
CA LEU C 236 11.79 -0.28 27.26
C LEU C 236 11.98 -1.42 28.27
N ASP C 237 10.89 -1.92 28.84
CA ASP C 237 10.97 -2.94 29.89
C ASP C 237 11.75 -4.15 29.45
N GLY C 238 11.45 -4.69 28.27
CA GLY C 238 11.97 -5.98 27.87
C GLY C 238 11.40 -7.15 28.64
N SER C 239 10.32 -6.94 29.39
CA SER C 239 9.67 -8.03 30.12
C SER C 239 8.92 -8.99 29.20
N VAL C 240 8.54 -8.55 28.00
CA VAL C 240 7.83 -9.40 27.04
C VAL C 240 8.36 -9.15 25.64
N LYS C 241 8.20 -10.14 24.78
CA LYS C 241 8.50 -9.97 23.37
C LYS C 241 7.51 -9.02 22.72
N VAL C 242 8.02 -7.99 22.05
CA VAL C 242 7.18 -7.09 21.28
C VAL C 242 7.16 -7.54 19.82
N ASN C 243 6.20 -7.00 19.07
CA ASN C 243 6.05 -7.30 17.64
C ASN C 243 6.58 -6.14 16.81
N LEU C 244 7.49 -6.44 15.88
CA LEU C 244 8.19 -5.45 15.08
C LEU C 244 7.99 -5.77 13.61
N GLU C 245 7.91 -4.73 12.77
CA GLU C 245 7.65 -4.94 11.35
C GLU C 245 8.47 -4.01 10.47
N LYS C 246 8.56 -4.39 9.20
CA LYS C 246 9.18 -3.61 8.14
C LYS C 246 8.19 -3.50 6.98
N LYS C 247 8.44 -2.54 6.09
CA LYS C 247 7.58 -2.41 4.92
C LYS C 247 7.55 -3.71 4.13
N HIS C 248 6.35 -4.17 3.80
CA HIS C 248 6.14 -5.41 3.04
C HIS C 248 6.62 -6.67 3.74
N LEU C 249 6.86 -6.65 5.05
CA LEU C 249 7.24 -7.86 5.78
C LEU C 249 6.28 -8.12 6.93
N ASN C 250 5.98 -9.39 7.17
CA ASN C 250 5.21 -9.80 8.33
C ASN C 250 6.00 -9.64 9.63
N LYS C 251 5.28 -9.42 10.73
CA LYS C 251 5.90 -9.04 11.99
C LYS C 251 6.85 -10.11 12.54
N ARG C 252 8.03 -9.67 12.98
CA ARG C 252 8.88 -10.43 13.88
C ARG C 252 8.43 -10.21 15.32
N THR C 253 8.57 -11.23 16.15
CA THR C 253 8.31 -11.10 17.59
C THR C 253 9.59 -11.40 18.37
N GLN C 254 10.09 -10.41 19.10
CA GLN C 254 11.35 -10.54 19.84
C GLN C 254 11.41 -9.50 20.94
N ILE C 255 12.34 -9.69 21.88
CA ILE C 255 12.57 -8.71 22.94
C ILE C 255 13.27 -7.48 22.37
N PHE C 256 12.73 -6.30 22.68
CA PHE C 256 13.34 -5.07 22.17
C PHE C 256 14.73 -4.87 22.78
N PRO C 257 15.70 -4.35 22.01
CA PRO C 257 17.07 -4.12 22.53
C PRO C 257 17.13 -3.16 23.71
N PRO C 258 18.17 -3.27 24.54
CA PRO C 258 18.48 -2.23 25.54
C PRO C 258 19.15 -1.02 24.90
N GLY C 259 19.38 0.02 25.71
CA GLY C 259 20.19 1.13 25.23
C GLY C 259 20.13 2.49 25.91
N ILE C 260 20.16 3.57 25.13
CA ILE C 260 20.40 4.92 25.62
C ILE C 260 19.29 5.86 25.13
N VAL C 261 18.90 6.82 25.98
CA VAL C 261 18.12 7.99 25.57
C VAL C 261 18.97 9.25 25.78
N THR C 262 19.09 10.08 24.75
CA THR C 262 19.73 11.39 24.86
C THR C 262 18.69 12.50 24.77
N MET C 263 18.78 13.47 25.68
CA MET C 263 17.71 14.43 25.88
C MET C 263 18.25 15.79 26.31
N ASN C 264 17.56 16.86 25.90
CA ASN C 264 17.78 18.17 26.46
C ASN C 264 16.85 18.37 27.67
N GLU C 265 16.86 19.57 28.25
CA GLU C 265 16.35 19.75 29.61
C GLU C 265 14.84 19.91 29.75
N TYR C 266 14.08 19.06 29.08
CA TYR C 266 12.64 18.94 29.28
C TYR C 266 12.31 18.30 30.64
N SER C 267 11.03 18.36 31.01
CA SER C 267 10.47 17.52 32.07
C SER C 267 10.14 16.11 31.56
N VAL C 268 10.13 15.14 32.48
CA VAL C 268 9.90 13.74 32.14
C VAL C 268 8.81 13.08 32.99
N PRO C 269 7.84 12.41 32.36
CA PRO C 269 6.83 11.65 33.13
C PRO C 269 7.42 10.54 34.00
N LYS C 270 6.83 10.37 35.19
CA LYS C 270 7.23 9.30 36.11
C LYS C 270 7.11 7.92 35.48
N THR C 271 6.15 7.74 34.56
CA THR C 271 6.01 6.46 33.86
C THR C 271 7.24 6.11 33.03
N LEU C 272 7.93 7.11 32.48
CA LEU C 272 9.22 6.87 31.85
C LEU C 272 10.36 6.85 32.86
N GLN C 273 10.37 7.80 33.79
CA GLN C 273 11.50 7.92 34.71
C GLN C 273 11.73 6.63 35.49
N ALA C 274 10.67 5.90 35.82
CA ALA C 274 10.79 4.60 36.48
C ALA C 274 11.52 3.56 35.63
N ARG C 275 11.70 3.78 34.34
CA ARG C 275 12.27 2.80 33.43
C ARG C 275 13.73 3.06 33.05
N PHE C 276 14.36 4.10 33.59
CA PHE C 276 15.78 4.35 33.41
C PHE C 276 16.57 4.00 34.67
N VAL C 277 17.63 3.21 34.51
CA VAL C 277 18.48 2.85 35.64
C VAL C 277 19.26 4.06 36.13
N LYS C 278 19.89 4.76 35.21
CA LYS C 278 20.91 5.76 35.53
C LYS C 278 20.68 6.99 34.67
N GLN C 279 20.80 8.16 35.29
CA GLN C 279 20.85 9.42 34.56
C GLN C 279 22.24 10.01 34.72
N ILE C 280 22.88 10.32 33.60
CA ILE C 280 24.15 11.01 33.56
C ILE C 280 23.90 12.44 33.10
N ASP C 281 24.23 13.40 33.95
CA ASP C 281 24.19 14.81 33.58
C ASP C 281 25.44 15.22 32.80
N PHE C 282 25.24 15.81 31.63
CA PHE C 282 26.32 16.44 30.88
C PHE C 282 26.17 17.95 31.01
N ARG C 283 27.26 18.63 31.35
CA ARG C 283 27.25 20.09 31.41
C ARG C 283 28.48 20.67 30.72
N PRO C 284 28.34 21.85 30.11
CA PRO C 284 29.45 22.43 29.33
C PRO C 284 30.60 22.92 30.21
N LYS C 285 31.82 22.73 29.71
CA LYS C 285 33.04 23.13 30.41
C LYS C 285 34.11 23.45 29.36
N ASP C 286 34.33 24.76 29.14
CA ASP C 286 34.86 25.28 27.89
C ASP C 286 36.28 24.85 27.55
N TYR C 287 37.09 24.43 28.51
CA TYR C 287 38.44 23.98 28.15
C TYR C 287 38.41 22.85 27.13
N LEU C 288 37.40 21.98 27.19
CA LEU C 288 37.27 20.94 26.18
C LEU C 288 37.05 21.54 24.80
N LYS C 289 36.28 22.62 24.73
CA LYS C 289 36.08 23.33 23.47
C LYS C 289 37.34 24.08 23.03
N HIS C 290 37.97 24.80 23.94
CA HIS C 290 39.20 25.51 23.59
C HIS C 290 40.26 24.55 23.08
N CYS C 291 40.33 23.36 23.67
CA CYS C 291 41.24 22.34 23.17
C CYS C 291 40.91 21.95 21.73
N LEU C 292 39.65 21.65 21.46
CA LEU C 292 39.23 21.30 20.10
C LEU C 292 39.45 22.43 19.11
N GLU C 293 39.27 23.68 19.53
CA GLU C 293 39.60 24.80 18.65
C GLU C 293 41.07 24.82 18.26
N ARG C 294 41.94 24.35 19.15
CA ARG C 294 43.37 24.44 18.96
C ARG C 294 44.00 23.15 18.45
N SER C 295 43.25 22.05 18.42
CA SER C 295 43.70 20.83 17.76
C SER C 295 42.47 20.15 17.13
N GLU C 296 42.19 20.50 15.88
CA GLU C 296 40.95 20.14 15.21
C GLU C 296 40.90 18.71 14.67
N PHE C 297 42.05 18.06 14.47
CA PHE C 297 42.07 16.77 13.77
C PHE C 297 41.13 15.74 14.39
N LEU C 298 40.85 15.87 15.69
CA LEU C 298 39.89 15.00 16.36
C LEU C 298 38.53 15.01 15.68
N LEU C 299 38.09 16.18 15.22
CA LEU C 299 36.85 16.26 14.44
C LEU C 299 37.06 15.87 12.99
N GLU C 300 38.11 16.39 12.35
CA GLU C 300 38.28 16.21 10.92
C GLU C 300 38.44 14.75 10.54
N LYS C 301 39.01 13.93 11.41
CA LYS C 301 39.14 12.50 11.16
C LYS C 301 38.05 11.67 11.84
N ARG C 302 37.07 12.32 12.47
CA ARG C 302 35.99 11.64 13.21
C ARG C 302 36.52 10.66 14.26
N ILE C 303 37.69 10.94 14.81
CA ILE C 303 38.26 10.09 15.85
C ILE C 303 37.40 10.16 17.12
N ILE C 304 37.03 11.38 17.51
CA ILE C 304 36.36 11.63 18.78
C ILE C 304 35.01 10.91 18.90
N GLN C 305 34.30 10.68 17.80
CA GLN C 305 33.05 9.93 17.84
C GLN C 305 33.22 8.43 17.69
N SER C 306 34.41 7.92 17.40
CA SER C 306 34.55 6.53 16.97
C SER C 306 34.60 5.56 18.16
N GLY C 307 33.93 4.42 17.99
CA GLY C 307 33.99 3.37 19.00
C GLY C 307 35.37 2.79 19.20
N ILE C 308 36.22 2.83 18.18
CA ILE C 308 37.60 2.38 18.33
C ILE C 308 38.37 3.26 19.31
N ALA C 309 38.01 4.53 19.44
CA ALA C 309 38.60 5.34 20.49
C ALA C 309 38.22 4.85 21.87
N LEU C 310 37.00 4.34 22.06
CA LEU C 310 36.65 3.72 23.34
C LEU C 310 37.34 2.39 23.55
N LEU C 311 37.46 1.57 22.50
CA LEU C 311 38.15 0.30 22.66
C LEU C 311 39.61 0.49 23.07
N LEU C 312 40.29 1.46 22.44
CA LEU C 312 41.63 1.82 22.90
C LEU C 312 41.64 2.30 24.35
N MET C 313 40.64 3.09 24.75
CA MET C 313 40.54 3.49 26.15
C MET C 313 40.38 2.31 27.10
N LEU C 314 39.58 1.31 26.72
CA LEU C 314 39.44 0.12 27.56
C LEU C 314 40.72 -0.70 27.59
N ILE C 315 41.37 -0.90 26.44
CA ILE C 315 42.65 -1.61 26.42
C ILE C 315 43.68 -0.89 27.28
N TRP C 316 43.65 0.44 27.29
CA TRP C 316 44.58 1.20 28.12
C TRP C 316 44.28 1.07 29.61
N TYR C 317 43.05 1.33 30.02
CA TYR C 317 42.73 1.42 31.45
C TYR C 317 42.39 0.10 32.15
N ARG C 318 41.68 -0.83 31.49
CA ARG C 318 41.11 -1.97 32.23
C ARG C 318 42.11 -3.11 32.43
N PRO C 319 42.00 -3.83 33.55
CA PRO C 319 42.73 -5.10 33.72
C PRO C 319 42.38 -6.13 32.65
N VAL C 320 43.36 -6.98 32.33
CA VAL C 320 43.18 -8.02 31.32
C VAL C 320 42.06 -8.99 31.66
N ALA C 321 41.82 -9.24 32.95
CA ALA C 321 40.82 -10.21 33.38
C ALA C 321 39.39 -9.81 33.07
N GLU C 322 39.13 -8.55 32.74
CA GLU C 322 37.77 -8.09 32.49
C GLU C 322 37.26 -8.41 31.08
N PHE C 323 38.09 -8.94 30.21
CA PHE C 323 37.68 -9.36 28.87
C PHE C 323 37.36 -10.85 28.82
N ALA C 324 36.69 -11.26 27.74
CA ALA C 324 36.40 -12.68 27.54
C ALA C 324 37.68 -13.49 27.35
N GLN C 325 37.69 -14.69 27.94
CA GLN C 325 38.89 -15.51 27.94
C GLN C 325 39.34 -15.87 26.53
N SER C 326 38.41 -15.90 25.57
CA SER C 326 38.79 -16.15 24.18
C SER C 326 39.63 -15.01 23.60
N ILE C 327 39.35 -13.77 23.99
CA ILE C 327 39.96 -12.61 23.34
C ILE C 327 41.17 -12.06 24.08
N GLN C 328 41.45 -12.55 25.29
CA GLN C 328 42.55 -12.01 26.11
C GLN C 328 43.89 -11.98 25.37
N SER C 329 44.17 -12.99 24.54
CA SER C 329 45.47 -13.03 23.86
C SER C 329 45.70 -11.81 22.99
N ARG C 330 44.71 -11.44 22.17
CA ARG C 330 44.85 -10.27 21.32
C ARG C 330 45.01 -9.00 22.15
N ILE C 331 44.28 -8.89 23.24
CA ILE C 331 44.32 -7.69 24.08
C ILE C 331 45.67 -7.55 24.79
N VAL C 332 46.27 -8.66 25.23
CA VAL C 332 47.62 -8.56 25.78
C VAL C 332 48.61 -8.07 24.74
N GLU C 333 48.54 -8.58 23.52
CA GLU C 333 49.43 -8.08 22.47
C GLU C 333 49.22 -6.60 22.20
N TRP C 334 47.97 -6.13 22.20
CA TRP C 334 47.72 -4.71 22.06
C TRP C 334 48.18 -3.92 23.27
N LYS C 335 48.05 -4.46 24.47
CA LYS C 335 48.64 -3.78 25.63
C LYS C 335 50.16 -3.67 25.50
N GLU C 336 50.81 -4.75 25.09
CA GLU C 336 52.24 -4.70 24.83
C GLU C 336 52.58 -3.66 23.78
N ARG C 337 51.82 -3.63 22.68
CA ARG C 337 52.05 -2.64 21.65
C ARG C 337 51.94 -1.20 22.17
N LEU C 338 50.86 -0.89 22.88
CA LEU C 338 50.69 0.47 23.38
C LEU C 338 51.70 0.86 24.45
N ASP C 339 52.19 -0.10 25.23
CA ASP C 339 53.29 0.20 26.15
C ASP C 339 54.63 0.34 25.43
N LYS C 340 54.75 -0.18 24.22
CA LYS C 340 55.99 -0.16 23.47
C LYS C 340 56.17 1.09 22.63
N GLU C 341 55.15 1.48 21.86
CA GLU C 341 55.23 2.62 20.96
C GLU C 341 54.38 3.81 21.44
N PHE C 342 54.02 3.82 22.71
CA PHE C 342 53.47 5.01 23.38
C PHE C 342 53.92 4.97 24.83
N SER C 343 53.83 6.12 25.51
CA SER C 343 54.40 6.25 26.85
C SER C 343 53.47 6.97 27.82
N LEU C 344 53.50 6.51 29.08
CA LEU C 344 52.64 7.07 30.11
C LEU C 344 52.91 8.55 30.36
N SER C 345 54.18 8.95 30.30
CA SER C 345 54.51 10.37 30.45
C SER C 345 53.86 11.21 29.36
N VAL C 346 53.83 10.71 28.14
CA VAL C 346 53.13 11.40 27.06
C VAL C 346 51.65 11.49 27.36
N TYR C 347 51.03 10.37 27.75
CA TYR C 347 49.60 10.40 28.06
C TYR C 347 49.30 11.42 29.16
N GLN C 348 50.08 11.43 30.23
CA GLN C 348 49.86 12.39 31.30
C GLN C 348 49.93 13.82 30.80
N LYS C 349 50.90 14.12 29.92
CA LYS C 349 50.96 15.45 29.32
C LYS C 349 49.74 15.73 28.44
N MET C 350 49.30 14.75 27.66
CA MET C 350 48.10 14.96 26.85
C MET C 350 46.89 15.29 27.71
N LYS C 351 46.64 14.50 28.76
CA LYS C 351 45.48 14.79 29.60
C LYS C 351 45.64 16.11 30.33
N PHE C 352 46.86 16.44 30.76
CA PHE C 352 47.11 17.76 31.31
C PHE C 352 46.79 18.88 30.31
N ASN C 353 47.24 18.73 29.06
CA ASN C 353 46.95 19.74 28.05
C ASN C 353 45.44 19.95 27.87
N VAL C 354 44.67 18.87 27.78
CA VAL C 354 43.21 18.99 27.67
C VAL C 354 42.64 19.77 28.85
N ALA C 355 43.07 19.43 30.06
CA ALA C 355 42.59 20.16 31.24
C ALA C 355 43.02 21.62 31.21
N MET C 356 44.17 21.93 30.63
CA MET C 356 44.61 23.31 30.44
C MET C 356 43.89 24.02 29.30
N GLY C 357 43.12 23.29 28.48
CA GLY C 357 42.40 23.87 27.36
C GLY C 357 43.25 24.24 26.16
N ILE C 358 44.54 23.90 26.17
CA ILE C 358 45.38 24.03 24.98
C ILE C 358 45.20 22.82 24.08
N GLY C 359 45.58 22.97 22.81
CA GLY C 359 45.56 21.82 21.90
C GLY C 359 46.43 20.69 22.38
N VAL C 360 45.98 19.45 22.14
CA VAL C 360 46.50 18.29 22.86
C VAL C 360 47.97 18.05 22.56
N LEU C 361 48.34 18.06 21.28
CA LEU C 361 49.69 17.62 20.90
C LEU C 361 50.75 18.68 21.15
N ASP C 362 51.99 18.21 21.27
CA ASP C 362 53.16 19.07 21.25
C ASP C 362 53.27 19.79 19.92
N LYS D 1 21.56 -19.85 -34.46
CA LYS D 1 22.49 -19.32 -33.47
C LYS D 1 21.72 -18.60 -32.36
N GLN D 2 22.37 -18.36 -31.23
CA GLN D 2 21.71 -17.86 -30.03
C GLN D 2 22.28 -16.52 -29.57
N VAL D 3 21.39 -15.71 -28.98
CA VAL D 3 21.73 -14.38 -28.50
C VAL D 3 22.86 -14.43 -27.48
N SER D 4 23.84 -13.55 -27.62
CA SER D 4 24.82 -13.31 -26.57
C SER D 4 24.25 -12.37 -25.53
N TRP D 5 23.96 -12.89 -24.33
CA TRP D 5 23.61 -12.02 -23.21
C TRP D 5 24.75 -11.10 -22.82
N LYS D 6 25.98 -11.49 -23.13
CA LYS D 6 27.15 -10.70 -22.80
C LYS D 6 27.22 -9.40 -23.60
N LEU D 7 26.99 -9.48 -24.91
CA LEU D 7 26.99 -8.26 -25.72
C LEU D 7 25.92 -7.27 -25.28
N VAL D 8 24.75 -7.73 -24.90
CA VAL D 8 23.76 -6.80 -24.37
C VAL D 8 24.25 -6.16 -23.09
N THR D 9 24.97 -6.93 -22.27
CA THR D 9 25.49 -6.39 -21.03
C THR D 9 26.60 -5.38 -21.27
N GLU D 10 27.46 -5.61 -22.27
CA GLU D 10 28.43 -4.59 -22.65
C GLU D 10 27.75 -3.28 -23.05
N TYR D 11 26.76 -3.35 -23.93
CA TYR D 11 26.12 -2.12 -24.38
C TYR D 11 25.49 -1.36 -23.23
N ALA D 12 24.88 -2.07 -22.29
CA ALA D 12 24.33 -1.40 -21.11
C ALA D 12 25.43 -0.76 -20.27
N MET D 13 26.55 -1.45 -20.11
CA MET D 13 27.65 -0.93 -19.31
C MET D 13 28.31 0.29 -19.95
N GLU D 14 28.49 0.28 -21.27
CA GLU D 14 29.06 1.45 -21.93
C GLU D 14 28.11 2.64 -21.92
N THR D 15 26.82 2.39 -22.15
CA THR D 15 25.85 3.48 -22.17
C THR D 15 25.41 3.89 -20.78
N LYS D 16 25.70 3.08 -19.76
CA LYS D 16 25.17 3.25 -18.40
C LYS D 16 23.64 3.24 -18.36
N CYS D 17 23.02 2.39 -19.17
CA CYS D 17 21.57 2.21 -19.10
C CYS D 17 21.20 1.41 -17.86
N ASP D 18 20.38 2.00 -16.99
CA ASP D 18 19.81 1.31 -15.84
C ASP D 18 18.29 1.37 -15.85
N ASP D 19 17.70 1.57 -17.02
CA ASP D 19 16.25 1.49 -17.24
C ASP D 19 15.98 0.39 -18.27
N VAL D 20 15.17 -0.60 -17.88
CA VAL D 20 14.97 -1.77 -18.73
C VAL D 20 14.26 -1.42 -20.03
N LEU D 21 13.26 -0.54 -19.98
CA LEU D 21 12.56 -0.18 -21.21
C LEU D 21 13.44 0.63 -22.16
N LEU D 22 14.27 1.51 -21.62
CA LEU D 22 15.19 2.24 -22.48
C LEU D 22 16.21 1.33 -23.14
N LEU D 23 16.79 0.40 -22.39
CA LEU D 23 17.72 -0.56 -22.99
C LEU D 23 17.03 -1.42 -24.03
N LEU D 24 15.84 -1.93 -23.72
CA LEU D 24 15.09 -2.70 -24.70
C LEU D 24 14.80 -1.86 -25.95
N GLY D 25 14.44 -0.60 -25.75
CA GLY D 25 14.17 0.28 -26.87
C GLY D 25 15.38 0.53 -27.75
N MET D 26 16.49 0.97 -27.13
CA MET D 26 17.72 1.19 -27.88
C MET D 26 18.18 -0.05 -28.61
N TYR D 27 18.25 -1.19 -27.94
CA TYR D 27 18.86 -2.36 -28.54
C TYR D 27 18.03 -2.91 -29.70
N LEU D 28 16.73 -2.67 -29.70
CA LEU D 28 15.90 -3.05 -30.84
C LEU D 28 16.10 -2.17 -32.07
N GLU D 29 16.65 -0.96 -31.92
CA GLU D 29 16.97 -0.16 -33.10
C GLU D 29 18.06 -0.80 -33.95
N PHE D 30 18.93 -1.60 -33.36
CA PHE D 30 20.08 -2.12 -34.09
C PHE D 30 19.73 -3.21 -35.09
N GLN D 31 18.53 -3.77 -35.05
CA GLN D 31 18.22 -4.90 -35.92
C GLN D 31 18.22 -4.53 -37.40
N TYR D 32 17.98 -3.27 -37.75
CA TYR D 32 17.98 -2.84 -39.13
C TYR D 32 19.40 -2.66 -39.68
N SER D 33 19.55 -2.90 -40.98
CA SER D 33 20.87 -2.98 -41.59
C SER D 33 21.64 -1.68 -41.48
N PHE D 34 22.87 -1.78 -40.96
CA PHE D 34 23.71 -0.61 -40.70
C PHE D 34 24.00 0.19 -41.95
N GLU D 35 24.17 -0.47 -43.09
CA GLU D 35 24.54 0.22 -44.33
C GLU D 35 23.55 1.30 -44.74
N MET D 36 22.29 1.20 -44.32
CA MET D 36 21.25 2.13 -44.74
C MET D 36 20.71 2.99 -43.60
N CYS D 37 21.37 2.96 -42.43
CA CYS D 37 20.79 3.45 -41.19
C CYS D 37 20.83 4.97 -41.12
N LEU D 38 19.68 5.60 -41.42
CA LEU D 38 19.59 7.06 -41.43
C LEU D 38 20.03 7.68 -40.10
N LYS D 39 19.68 7.05 -38.98
CA LYS D 39 20.11 7.52 -37.67
C LYS D 39 21.62 7.54 -37.52
N CYS D 40 22.33 6.66 -38.20
CA CYS D 40 23.78 6.72 -38.22
C CYS D 40 24.28 7.80 -39.17
N ILE D 41 23.71 7.87 -40.38
CA ILE D 41 24.16 8.84 -41.36
C ILE D 41 24.06 10.26 -40.81
N LYS D 42 22.94 10.60 -40.18
CA LYS D 42 22.75 11.93 -39.62
C LYS D 42 23.47 12.15 -38.28
N LYS D 43 24.09 11.12 -37.72
CA LYS D 43 24.78 11.18 -36.42
C LYS D 43 23.99 11.94 -35.35
N GLU D 44 22.73 11.55 -35.19
CA GLU D 44 21.83 12.29 -34.31
C GLU D 44 22.11 12.01 -32.83
N GLN D 45 22.43 10.76 -32.48
CA GLN D 45 22.65 10.37 -31.09
C GLN D 45 23.86 9.45 -30.95
N PRO D 46 24.85 9.79 -30.11
CA PRO D 46 26.03 8.92 -29.99
C PRO D 46 25.72 7.58 -29.37
N SER D 47 24.73 7.50 -28.50
CA SER D 47 24.25 6.23 -27.96
C SER D 47 23.78 5.27 -29.04
N HIS D 48 23.55 5.74 -30.26
CA HIS D 48 23.29 4.89 -31.41
C HIS D 48 24.49 4.75 -32.34
N TYR D 49 24.97 5.84 -32.91
CA TYR D 49 25.87 5.74 -34.05
C TYR D 49 27.25 5.20 -33.70
N LYS D 50 27.67 5.25 -32.42
CA LYS D 50 28.92 4.59 -32.06
C LYS D 50 28.82 3.06 -32.11
N TYR D 51 27.65 2.49 -31.82
CA TYR D 51 27.53 1.08 -31.49
C TYR D 51 26.82 0.24 -32.52
N HIS D 52 25.94 0.83 -33.34
CA HIS D 52 25.11 0.04 -34.24
C HIS D 52 25.94 -0.89 -35.13
N GLU D 53 27.08 -0.41 -35.61
CA GLU D 53 27.94 -1.24 -36.45
C GLU D 53 28.47 -2.47 -35.72
N LYS D 54 28.77 -2.35 -34.43
CA LYS D 54 29.26 -3.50 -33.68
C LYS D 54 28.15 -4.51 -33.37
N HIS D 55 27.01 -4.04 -32.87
CA HIS D 55 25.99 -4.93 -32.32
C HIS D 55 24.99 -5.47 -33.34
N TYR D 56 24.97 -4.95 -34.57
CA TYR D 56 23.99 -5.36 -35.56
C TYR D 56 23.81 -6.87 -35.63
N ALA D 57 24.92 -7.61 -35.73
CA ALA D 57 24.83 -9.06 -35.87
C ALA D 57 24.16 -9.75 -34.69
N ASN D 58 24.27 -9.19 -33.49
CA ASN D 58 23.60 -9.77 -32.33
C ASN D 58 22.15 -9.29 -32.19
N ALA D 59 21.89 -8.03 -32.49
CA ALA D 59 20.54 -7.52 -32.42
C ALA D 59 19.61 -8.23 -33.39
N ALA D 60 20.11 -8.63 -34.55
CA ALA D 60 19.31 -9.40 -35.50
C ALA D 60 18.82 -10.73 -34.93
N ILE D 61 19.52 -11.29 -33.95
CA ILE D 61 19.04 -12.49 -33.27
C ILE D 61 18.15 -12.13 -32.09
N PHE D 62 18.57 -11.12 -31.33
CA PHE D 62 17.79 -10.65 -30.19
C PHE D 62 16.37 -10.30 -30.60
N ALA D 63 16.20 -9.71 -31.77
CA ALA D 63 14.88 -9.36 -32.27
C ALA D 63 13.93 -10.55 -32.41
N ASP D 64 14.44 -11.77 -32.53
CA ASP D 64 13.62 -12.96 -32.62
C ASP D 64 13.48 -13.71 -31.30
N SER D 65 14.19 -13.30 -30.26
CA SER D 65 14.15 -14.00 -28.98
C SER D 65 12.77 -13.87 -28.32
N LYS D 66 12.42 -14.89 -27.54
CA LYS D 66 11.22 -14.88 -26.73
C LYS D 66 11.46 -14.41 -25.29
N ASN D 67 12.69 -14.06 -24.92
CA ASN D 67 13.06 -13.81 -23.53
C ASN D 67 13.42 -12.36 -23.25
N GLN D 68 13.19 -11.47 -24.21
CA GLN D 68 13.89 -10.18 -24.27
C GLN D 68 13.89 -9.41 -22.95
N LYS D 69 12.80 -9.43 -22.20
CA LYS D 69 12.80 -8.74 -20.90
C LYS D 69 13.82 -9.29 -19.90
N THR D 70 14.05 -10.60 -19.90
CA THR D 70 15.08 -11.12 -18.99
C THR D 70 16.47 -10.68 -19.41
N ILE D 71 16.75 -10.69 -20.71
CA ILE D 71 18.09 -10.33 -21.16
C ILE D 71 18.41 -8.89 -20.77
N CYS D 72 17.44 -8.00 -20.90
CA CYS D 72 17.62 -6.62 -20.48
C CYS D 72 17.65 -6.46 -18.97
N GLN D 73 16.92 -7.28 -18.22
CA GLN D 73 17.02 -7.21 -16.76
C GLN D 73 18.42 -7.55 -16.27
N GLN D 74 18.98 -8.69 -16.68
CA GLN D 74 20.32 -9.03 -16.21
C GLN D 74 21.33 -7.96 -16.59
N ALA D 75 21.20 -7.37 -17.77
CA ALA D 75 22.08 -6.28 -18.14
C ALA D 75 21.91 -5.08 -17.21
N VAL D 76 20.67 -4.68 -16.94
CA VAL D 76 20.43 -3.56 -16.05
C VAL D 76 20.86 -3.87 -14.62
N ASP D 77 20.67 -5.10 -14.17
CA ASP D 77 21.19 -5.50 -12.86
C ASP D 77 22.70 -5.33 -12.79
N THR D 78 23.41 -5.69 -13.84
CA THR D 78 24.86 -5.55 -13.85
C THR D 78 25.29 -4.09 -13.70
N VAL D 79 24.59 -3.17 -14.33
CA VAL D 79 24.92 -1.75 -14.18
C VAL D 79 24.63 -1.27 -12.77
N LEU D 80 23.47 -1.60 -12.23
CA LEU D 80 23.16 -1.21 -10.86
C LEU D 80 24.11 -1.84 -9.86
N ALA D 81 24.51 -3.08 -10.07
CA ALA D 81 25.49 -3.70 -9.19
C ALA D 81 26.82 -2.97 -9.20
N LYS D 82 27.28 -2.54 -10.36
CA LYS D 82 28.50 -1.74 -10.43
C LYS D 82 28.35 -0.39 -9.72
N LYS D 83 27.19 0.25 -9.84
CA LYS D 83 26.97 1.48 -9.10
C LYS D 83 27.03 1.28 -7.59
N ARG D 84 26.53 0.15 -7.08
CA ARG D 84 26.68 -0.13 -5.66
C ARG D 84 28.13 -0.22 -5.25
N VAL D 85 28.92 -1.03 -5.95
CA VAL D 85 30.33 -1.19 -5.57
C VAL D 85 31.05 0.15 -5.63
N ASP D 86 30.89 0.90 -6.70
CA ASP D 86 31.57 2.18 -6.79
C ASP D 86 31.15 3.12 -5.67
N SER D 87 29.85 3.18 -5.38
CA SER D 87 29.37 4.05 -4.31
C SER D 87 29.99 3.73 -2.96
N LEU D 88 30.22 2.45 -2.67
CA LEU D 88 30.77 2.05 -1.38
C LEU D 88 32.28 2.07 -1.30
N GLN D 89 33.00 2.23 -2.40
CA GLN D 89 34.44 2.02 -2.39
C GLN D 89 35.28 3.11 -3.01
N LEU D 90 34.73 3.95 -3.88
CA LEU D 90 35.48 5.11 -4.35
C LEU D 90 35.68 6.13 -3.24
N THR D 91 36.83 6.81 -3.27
CA THR D 91 36.99 8.00 -2.46
C THR D 91 36.22 9.17 -3.08
N ARG D 92 35.87 10.15 -2.25
CA ARG D 92 35.17 11.32 -2.77
C ARG D 92 35.98 12.03 -3.85
N GLU D 93 37.30 11.94 -3.78
CA GLU D 93 38.13 12.48 -4.87
C GLU D 93 37.92 11.73 -6.18
N GLN D 94 37.84 10.41 -6.12
CA GLN D 94 37.59 9.63 -7.31
C GLN D 94 36.19 9.85 -7.86
N MET D 95 35.20 10.00 -6.99
CA MET D 95 33.86 10.30 -7.45
C MET D 95 33.84 11.58 -8.27
N LEU D 96 34.45 12.65 -7.76
CA LEU D 96 34.50 13.91 -8.50
C LEU D 96 35.36 13.80 -9.76
N THR D 97 36.44 13.03 -9.70
CA THR D 97 37.28 12.85 -10.88
C THR D 97 36.54 12.13 -12.00
N ASN D 98 35.73 11.13 -11.67
CA ASN D 98 34.88 10.51 -12.68
C ASN D 98 33.86 11.50 -13.24
N ARG D 99 33.20 12.25 -12.35
CA ARG D 99 32.23 13.24 -12.78
C ARG D 99 32.84 14.29 -13.71
N PHE D 100 34.11 14.66 -13.50
CA PHE D 100 34.74 15.60 -14.42
C PHE D 100 34.94 15.01 -15.82
N ASN D 101 35.56 13.84 -15.93
CA ASN D 101 35.80 13.32 -17.27
C ASN D 101 34.51 12.91 -17.97
N ASP D 102 33.45 12.67 -17.21
CA ASP D 102 32.11 12.55 -17.79
C ASP D 102 31.66 13.84 -18.47
N LEU D 103 31.84 14.98 -17.81
CA LEU D 103 31.58 16.27 -18.46
C LEU D 103 32.51 16.54 -19.64
N LEU D 104 33.76 16.10 -19.56
CA LEU D 104 34.64 16.27 -20.71
C LEU D 104 34.19 15.47 -21.92
N ASP D 105 33.60 14.29 -21.73
CA ASP D 105 32.97 13.59 -22.85
C ASP D 105 31.87 14.41 -23.50
N ARG D 106 31.01 15.04 -22.70
CA ARG D 106 29.99 15.92 -23.26
C ARG D 106 30.60 17.11 -24.00
N MET D 107 31.61 17.73 -23.43
CA MET D 107 32.28 18.85 -24.11
C MET D 107 32.88 18.41 -25.45
N ASP D 108 33.56 17.26 -25.46
CA ASP D 108 34.17 16.80 -26.70
C ASP D 108 33.15 16.62 -27.81
N ILE D 109 31.96 16.13 -27.48
CA ILE D 109 30.89 16.08 -28.47
C ILE D 109 30.41 17.48 -28.83
N MET D 110 30.05 18.27 -27.83
CA MET D 110 29.45 19.58 -28.07
C MET D 110 30.27 20.47 -28.98
N PHE D 111 31.58 20.52 -28.76
CA PHE D 111 32.48 21.39 -29.51
C PHE D 111 33.21 20.67 -30.64
N GLY D 112 32.84 19.43 -30.93
CA GLY D 112 33.41 18.72 -32.06
C GLY D 112 32.86 19.19 -33.39
N SER D 113 33.45 18.66 -34.47
CA SER D 113 32.98 18.99 -35.82
C SER D 113 31.54 18.56 -36.04
N THR D 114 31.14 17.44 -35.44
CA THR D 114 29.76 16.98 -35.48
C THR D 114 28.86 17.71 -34.49
N GLY D 115 29.43 18.45 -33.54
CA GLY D 115 28.67 19.16 -32.54
C GLY D 115 28.07 20.47 -33.04
N SER D 116 27.38 21.16 -32.14
CA SER D 116 26.62 22.35 -32.48
C SER D 116 26.87 23.53 -31.53
N ALA D 117 27.83 23.42 -30.61
CA ALA D 117 28.10 24.49 -29.65
C ALA D 117 29.13 25.47 -30.19
N ASP D 118 28.76 26.76 -30.22
CA ASP D 118 29.71 27.83 -30.53
C ASP D 118 30.53 28.17 -29.30
N ILE D 119 31.81 27.81 -29.33
CA ILE D 119 32.69 28.03 -28.17
C ILE D 119 32.82 29.50 -27.81
N GLU D 120 32.65 30.41 -28.77
CA GLU D 120 32.72 31.83 -28.41
C GLU D 120 31.56 32.26 -27.51
N GLU D 121 30.36 31.75 -27.76
CA GLU D 121 29.26 32.07 -26.87
C GLU D 121 29.46 31.43 -25.51
N TRP D 122 29.92 30.18 -25.48
CA TRP D 122 30.20 29.54 -24.20
C TRP D 122 31.30 30.25 -23.43
N MET D 123 32.35 30.68 -24.12
CA MET D 123 33.40 31.44 -23.44
C MET D 123 32.90 32.81 -22.99
N ALA D 124 31.98 33.42 -23.72
CA ALA D 124 31.33 34.62 -23.21
C ALA D 124 30.54 34.34 -21.95
N GLY D 125 29.94 33.15 -21.85
CA GLY D 125 29.36 32.74 -20.58
C GLY D 125 30.34 32.69 -19.44
N VAL D 126 31.54 32.16 -19.68
CA VAL D 126 32.60 32.18 -18.68
C VAL D 126 32.92 33.62 -18.26
N ALA D 127 33.01 34.53 -19.22
CA ALA D 127 33.27 35.92 -18.86
C ALA D 127 32.17 36.52 -17.99
N TRP D 128 30.91 36.34 -18.37
CA TRP D 128 29.81 36.88 -17.57
C TRP D 128 29.82 36.33 -16.15
N LEU D 129 29.97 35.02 -16.01
CA LEU D 129 30.03 34.41 -14.68
C LEU D 129 31.20 34.92 -13.85
N HIS D 130 32.36 35.10 -14.47
CA HIS D 130 33.49 35.63 -13.71
C HIS D 130 33.27 37.06 -13.23
N CYS D 131 32.30 37.77 -13.82
CA CYS D 131 31.92 39.08 -13.33
C CYS D 131 30.82 39.03 -12.27
N LEU D 132 30.19 37.88 -12.06
CA LEU D 132 29.10 37.78 -11.08
C LEU D 132 29.60 37.98 -9.65
N LEU D 133 30.71 37.37 -9.29
CA LEU D 133 31.32 37.49 -7.97
C LEU D 133 32.81 37.80 -8.09
N PRO D 134 33.38 38.46 -7.09
CA PRO D 134 34.84 38.63 -7.08
C PRO D 134 35.58 37.31 -6.87
N LYS D 135 36.69 37.15 -7.60
CA LYS D 135 37.52 35.93 -7.52
C LYS D 135 36.73 34.66 -7.79
N MET D 136 35.83 34.70 -8.78
CA MET D 136 34.86 33.63 -8.99
C MET D 136 35.50 32.24 -9.06
N ASP D 137 36.59 32.10 -9.82
CA ASP D 137 37.19 30.77 -9.95
C ASP D 137 37.74 30.27 -8.62
N SER D 138 38.21 31.16 -7.75
CA SER D 138 38.60 30.73 -6.40
C SER D 138 37.39 30.32 -5.59
N VAL D 139 36.29 31.08 -5.70
CA VAL D 139 35.07 30.73 -4.98
C VAL D 139 34.58 29.34 -5.39
N VAL D 140 34.60 29.05 -6.68
CA VAL D 140 34.24 27.72 -7.17
C VAL D 140 35.22 26.68 -6.67
N TYR D 141 36.52 26.92 -6.85
CA TYR D 141 37.51 25.91 -6.52
C TYR D 141 37.56 25.61 -5.02
N ASP D 142 37.45 26.62 -4.17
CA ASP D 142 37.34 26.36 -2.74
C ASP D 142 36.10 25.57 -2.37
N PHE D 143 35.00 25.77 -3.09
CA PHE D 143 33.82 24.96 -2.85
C PHE D 143 34.07 23.49 -3.17
N LEU D 144 34.71 23.20 -4.29
CA LEU D 144 35.02 21.79 -4.61
C LEU D 144 35.85 21.12 -3.52
N LYS D 145 36.92 21.78 -3.05
CA LYS D 145 37.68 21.22 -1.93
C LYS D 145 36.78 20.93 -0.74
N CYS D 146 35.95 21.89 -0.37
CA CYS D 146 35.06 21.72 0.77
C CYS D 146 34.15 20.52 0.62
N MET D 147 33.56 20.33 -0.56
CA MET D 147 32.69 19.17 -0.77
C MET D 147 33.44 17.85 -0.82
N VAL D 148 34.69 17.85 -1.30
CA VAL D 148 35.47 16.61 -1.28
C VAL D 148 35.90 16.24 0.14
N TYR D 149 36.38 17.21 0.91
CA TYR D 149 36.87 16.89 2.26
C TYR D 149 35.74 16.54 3.22
N ASN D 150 34.56 17.12 3.06
CA ASN D 150 33.39 16.73 3.85
C ASN D 150 33.68 16.73 5.37
N ILE D 151 34.49 17.68 5.80
CA ILE D 151 34.90 17.80 7.21
C ILE D 151 33.68 18.20 8.04
N PRO D 152 33.37 17.52 9.15
CA PRO D 152 32.15 17.87 9.90
C PRO D 152 32.17 19.29 10.44
N LYS D 153 30.97 19.86 10.53
CA LYS D 153 30.70 21.30 10.63
C LYS D 153 31.21 22.15 9.47
N LYS D 154 32.46 22.01 9.07
CA LYS D 154 33.03 22.89 8.06
C LYS D 154 32.65 22.50 6.63
N ARG D 155 31.35 22.30 6.36
CA ARG D 155 30.92 21.66 5.12
C ARG D 155 29.63 22.20 4.50
N TYR D 156 29.05 23.30 5.00
CA TYR D 156 27.94 23.98 4.34
C TYR D 156 28.26 25.45 4.10
N TRP D 157 27.75 25.98 2.98
CA TRP D 157 27.91 27.38 2.60
C TRP D 157 26.54 28.03 2.52
N LEU D 158 26.47 29.32 2.84
CA LEU D 158 25.25 30.11 2.75
C LEU D 158 25.33 31.09 1.58
N PHE D 159 24.35 31.03 0.68
CA PHE D 159 24.16 32.04 -0.36
C PHE D 159 22.99 32.93 0.04
N LYS D 160 23.24 34.24 0.17
CA LYS D 160 22.16 35.16 0.53
C LYS D 160 22.23 36.44 -0.30
N GLY D 161 21.05 37.01 -0.59
CA GLY D 161 20.94 38.23 -1.35
C GLY D 161 19.53 38.48 -1.87
N PRO D 162 19.25 39.71 -2.34
CA PRO D 162 17.93 40.00 -2.89
C PRO D 162 17.51 39.07 -4.02
N ILE D 163 16.19 39.03 -4.29
CA ILE D 163 15.68 38.41 -5.50
C ILE D 163 16.28 39.05 -6.75
N ASP D 164 16.52 38.21 -7.77
CA ASP D 164 17.29 38.56 -8.97
C ASP D 164 18.72 39.00 -8.64
N SER D 165 19.48 38.07 -8.07
CA SER D 165 20.88 38.33 -7.79
C SER D 165 21.81 37.21 -8.24
N GLY D 166 21.30 36.12 -8.79
CA GLY D 166 22.14 35.07 -9.33
C GLY D 166 22.31 33.85 -8.45
N LYS D 167 21.58 33.75 -7.35
CA LYS D 167 21.82 32.68 -6.39
C LYS D 167 21.56 31.30 -6.99
N THR D 168 20.35 31.07 -7.47
CA THR D 168 20.07 29.78 -8.08
C THR D 168 20.77 29.60 -9.42
N THR D 169 21.12 30.69 -10.10
CA THR D 169 21.97 30.58 -11.27
C THR D 169 23.29 29.89 -10.93
N LEU D 170 23.96 30.33 -9.87
CA LEU D 170 25.22 29.69 -9.48
C LEU D 170 25.00 28.32 -8.85
N ALA D 171 24.01 28.19 -7.98
CA ALA D 171 23.77 26.89 -7.35
C ALA D 171 23.40 25.81 -8.36
N ALA D 172 22.59 26.14 -9.36
CA ALA D 172 22.29 25.16 -10.40
C ALA D 172 23.53 24.76 -11.18
N ALA D 173 24.45 25.69 -11.41
CA ALA D 173 25.68 25.34 -12.10
C ALA D 173 26.55 24.40 -11.27
N LEU D 174 26.66 24.67 -9.97
CA LEU D 174 27.41 23.78 -9.09
C LEU D 174 26.77 22.40 -8.97
N LEU D 175 25.45 22.34 -8.96
CA LEU D 175 24.78 21.04 -9.00
C LEU D 175 25.14 20.23 -10.22
N GLU D 176 25.20 20.84 -11.41
CA GLU D 176 25.62 20.09 -12.58
C GLU D 176 27.10 19.77 -12.53
N LEU D 177 27.92 20.68 -12.01
CA LEU D 177 29.36 20.41 -11.95
C LEU D 177 29.66 19.20 -11.08
N CYS D 178 29.01 19.09 -9.92
CA CYS D 178 29.32 18.05 -8.94
C CYS D 178 28.37 16.85 -8.98
N GLY D 179 27.16 17.01 -9.52
CA GLY D 179 26.06 16.13 -9.19
C GLY D 179 25.43 16.46 -7.86
N GLY D 180 24.31 15.80 -7.57
CA GLY D 180 23.49 16.10 -6.41
C GLY D 180 22.12 16.62 -6.81
N LYS D 181 21.32 16.96 -5.80
CA LYS D 181 19.92 17.34 -6.03
C LYS D 181 19.50 18.48 -5.12
N ALA D 182 18.50 19.24 -5.60
CA ALA D 182 17.86 20.29 -4.81
C ALA D 182 16.81 19.74 -3.85
N LEU D 183 16.62 20.46 -2.74
CA LEU D 183 15.64 20.14 -1.71
C LEU D 183 14.81 21.38 -1.37
N ASN D 184 13.56 21.16 -0.97
CA ASN D 184 12.65 22.24 -0.54
C ASN D 184 12.07 21.93 0.85
N VAL D 185 12.75 22.39 1.90
CA VAL D 185 12.28 22.19 3.28
C VAL D 185 11.37 23.30 3.80
N ASN D 186 10.70 24.03 2.91
CA ASN D 186 9.65 24.95 3.35
C ASN D 186 8.33 24.24 3.67
N LEU D 187 8.25 22.94 3.46
CA LEU D 187 7.12 22.13 3.87
C LEU D 187 6.92 22.13 5.39
N PRO D 188 5.72 21.77 5.86
CA PRO D 188 5.57 21.34 7.25
C PRO D 188 6.25 20.01 7.52
N LEU D 189 6.48 19.75 8.80
CA LEU D 189 7.30 18.61 9.22
C LEU D 189 6.77 17.26 8.73
N ASP D 190 5.46 17.12 8.57
CA ASP D 190 4.87 15.81 8.32
C ASP D 190 5.25 15.19 6.98
N ARG D 191 5.78 15.95 6.03
CA ARG D 191 6.29 15.39 4.79
C ARG D 191 7.79 15.57 4.57
N LEU D 192 8.52 16.12 5.54
CA LEU D 192 9.96 16.17 5.40
C LEU D 192 10.58 14.79 5.30
N ASN D 193 9.91 13.75 5.80
CA ASN D 193 10.46 12.40 5.75
C ASN D 193 10.80 11.99 4.32
N PHE D 194 9.87 12.16 3.38
CA PHE D 194 10.15 11.80 1.98
C PHE D 194 10.92 12.88 1.23
N GLU D 195 10.85 14.13 1.66
CA GLU D 195 11.66 15.16 1.03
C GLU D 195 13.15 14.92 1.26
N LEU D 196 13.54 14.74 2.52
CA LEU D 196 14.93 14.44 2.84
C LEU D 196 15.37 13.10 2.24
N GLY D 197 14.44 12.20 1.96
CA GLY D 197 14.77 10.95 1.27
C GLY D 197 15.44 11.12 -0.07
N VAL D 198 15.29 12.28 -0.71
CA VAL D 198 15.94 12.53 -2.00
C VAL D 198 17.46 12.53 -1.88
N ALA D 199 17.99 12.83 -0.70
CA ALA D 199 19.43 12.99 -0.51
C ALA D 199 20.21 11.68 -0.54
N ILE D 200 19.55 10.53 -0.55
CA ILE D 200 20.26 9.25 -0.48
C ILE D 200 21.28 9.12 -1.61
N ASP D 201 22.52 8.83 -1.24
CA ASP D 201 23.66 8.61 -2.13
C ASP D 201 24.02 9.80 -3.03
N GLN D 202 23.53 11.00 -2.74
CA GLN D 202 23.90 12.17 -3.53
C GLN D 202 25.22 12.78 -3.06
N PHE D 203 25.97 13.33 -4.02
CA PHE D 203 27.24 13.98 -3.69
C PHE D 203 27.04 15.33 -3.02
N LEU D 204 25.96 16.04 -3.36
CA LEU D 204 25.59 17.31 -2.73
C LEU D 204 24.10 17.32 -2.44
N VAL D 205 23.66 18.28 -1.62
CA VAL D 205 22.30 18.79 -1.72
C VAL D 205 22.34 20.31 -1.72
N VAL D 206 21.30 20.91 -2.31
CA VAL D 206 21.07 22.35 -2.23
C VAL D 206 19.69 22.59 -1.63
N PHE D 207 19.63 23.39 -0.58
CA PHE D 207 18.36 23.86 -0.01
C PHE D 207 17.94 25.13 -0.74
N GLU D 208 16.92 24.99 -1.59
CA GLU D 208 16.45 26.08 -2.44
C GLU D 208 15.51 27.02 -1.70
N ASP D 209 15.92 28.29 -1.58
CA ASP D 209 15.15 29.36 -0.97
C ASP D 209 14.41 28.99 0.31
N VAL D 210 15.14 28.68 1.38
CA VAL D 210 14.49 28.50 2.67
C VAL D 210 14.01 29.85 3.21
N LYS D 211 12.70 29.98 3.36
CA LYS D 211 12.09 31.23 3.82
C LYS D 211 12.18 31.39 5.33
N GLY D 212 12.37 32.64 5.77
CA GLY D 212 12.23 32.97 7.18
C GLY D 212 10.78 33.18 7.59
N THR D 213 10.55 33.15 8.90
CA THR D 213 9.23 33.46 9.44
C THR D 213 9.04 34.94 9.72
N GLY D 214 10.04 35.63 10.28
CA GLY D 214 9.96 37.04 10.57
C GLY D 214 10.49 37.91 9.43
N GLY D 215 10.43 39.22 9.65
CA GLY D 215 10.93 40.21 8.70
C GLY D 215 10.02 40.49 7.52
N GLU D 216 8.80 39.94 7.52
CA GLU D 216 7.89 40.06 6.39
C GLU D 216 7.58 41.51 6.01
N SER D 217 7.71 42.46 6.95
CA SER D 217 7.50 43.87 6.64
C SER D 217 8.37 44.39 5.50
N ARG D 218 9.48 43.72 5.18
CA ARG D 218 10.24 44.06 3.99
C ARG D 218 9.66 43.46 2.71
N ASP D 219 8.42 42.99 2.75
CA ASP D 219 7.82 42.16 1.69
C ASP D 219 8.57 40.85 1.50
N LEU D 220 8.64 40.08 2.59
CA LEU D 220 9.36 38.81 2.64
C LEU D 220 8.44 37.72 3.21
N PRO D 221 7.63 37.09 2.36
CA PRO D 221 6.60 36.16 2.85
C PRO D 221 7.10 35.15 3.88
N SER D 222 6.36 35.03 4.97
CA SER D 222 6.70 34.12 6.06
C SER D 222 6.65 32.65 5.63
N GLY D 223 7.61 31.86 6.10
CA GLY D 223 7.62 30.42 5.87
C GLY D 223 8.43 29.68 6.92
N GLN D 224 8.37 28.36 6.83
CA GLN D 224 8.94 27.47 7.83
C GLN D 224 10.42 27.16 7.64
N GLY D 225 11.02 27.59 6.54
CA GLY D 225 12.32 27.08 6.15
C GLY D 225 13.42 27.09 7.21
N ILE D 226 13.77 28.27 7.71
CA ILE D 226 14.87 28.36 8.68
C ILE D 226 14.52 27.63 9.97
N ASN D 227 13.25 27.66 10.38
CA ASN D 227 12.86 26.92 11.57
C ASN D 227 13.04 25.42 11.40
N ASN D 228 12.86 24.91 10.19
CA ASN D 228 13.16 23.50 9.93
C ASN D 228 14.67 23.22 9.96
N LEU D 229 15.49 24.11 9.43
CA LEU D 229 16.94 23.92 9.52
C LEU D 229 17.45 23.99 10.94
N ASP D 230 16.85 24.81 11.80
CA ASP D 230 17.18 24.74 13.23
C ASP D 230 16.99 23.34 13.79
N ASN D 231 16.00 22.63 13.29
CA ASN D 231 15.69 21.27 13.71
C ASN D 231 16.48 20.19 12.95
N LEU D 232 17.48 20.58 12.17
CA LEU D 232 18.28 19.63 11.38
C LEU D 232 19.77 19.83 11.64
N ARG D 233 20.11 20.38 12.81
CA ARG D 233 21.48 20.59 13.27
C ARG D 233 22.40 19.41 12.98
N ASP D 234 21.93 18.20 13.26
CA ASP D 234 22.74 17.00 13.10
C ASP D 234 22.96 16.63 11.63
N TYR D 235 21.94 16.85 10.80
CA TYR D 235 22.13 16.64 9.36
C TYR D 235 23.15 17.62 8.78
N LEU D 236 23.08 18.88 9.18
CA LEU D 236 24.07 19.85 8.74
C LEU D 236 25.47 19.49 9.23
N ASP D 237 25.64 19.33 10.55
CA ASP D 237 26.98 19.12 11.10
C ASP D 237 27.67 17.89 10.54
N GLY D 238 26.94 16.80 10.31
CA GLY D 238 27.52 15.66 9.63
C GLY D 238 28.53 14.89 10.45
N SER D 239 28.50 15.02 11.78
CA SER D 239 29.37 14.23 12.64
C SER D 239 28.93 12.77 12.75
N VAL D 240 27.64 12.50 12.56
CA VAL D 240 27.05 11.20 12.86
C VAL D 240 26.03 10.83 11.79
N LYS D 241 25.79 9.52 11.64
CA LYS D 241 24.88 9.03 10.63
C LYS D 241 23.41 9.27 10.98
N VAL D 242 22.57 9.33 9.94
CA VAL D 242 21.13 9.53 10.04
C VAL D 242 20.41 8.53 9.14
N ASN D 243 19.12 8.34 9.41
CA ASN D 243 18.28 7.42 8.63
C ASN D 243 17.42 8.18 7.62
N LEU D 244 17.35 7.65 6.40
CA LEU D 244 16.63 8.27 5.29
C LEU D 244 15.72 7.24 4.64
N GLU D 245 14.55 7.68 4.13
CA GLU D 245 13.59 6.77 3.52
C GLU D 245 13.01 7.32 2.22
N LYS D 246 12.60 6.41 1.33
CA LYS D 246 11.86 6.72 0.12
C LYS D 246 10.54 5.97 0.12
N LYS D 247 9.57 6.47 -0.63
CA LYS D 247 8.28 5.79 -0.73
C LYS D 247 8.45 4.34 -1.13
N HIS D 248 7.77 3.44 -0.42
CA HIS D 248 7.84 1.99 -0.61
C HIS D 248 9.21 1.38 -0.36
N LEU D 249 10.17 2.09 0.22
CA LEU D 249 11.48 1.50 0.50
C LEU D 249 11.81 1.56 1.98
N ASN D 250 12.50 0.51 2.44
CA ASN D 250 13.00 0.45 3.81
C ASN D 250 14.12 1.47 4.03
N LYS D 251 14.25 1.95 5.27
CA LYS D 251 15.17 3.02 5.57
C LYS D 251 16.63 2.61 5.35
N ARG D 252 17.45 3.57 4.94
CA ARG D 252 18.89 3.41 4.80
C ARG D 252 19.61 4.45 5.63
N THR D 253 20.79 4.09 6.13
CA THR D 253 21.55 4.89 7.08
C THR D 253 22.88 5.36 6.49
N GLN D 254 23.12 6.67 6.51
CA GLN D 254 24.36 7.22 6.00
C GLN D 254 24.57 8.63 6.57
N ILE D 255 25.78 9.15 6.39
CA ILE D 255 26.05 10.56 6.68
C ILE D 255 25.41 11.43 5.62
N PHE D 256 24.65 12.44 6.05
CA PHE D 256 23.95 13.32 5.12
C PHE D 256 24.95 14.12 4.28
N PRO D 257 24.63 14.38 3.00
CA PRO D 257 25.59 15.07 2.11
C PRO D 257 25.93 16.47 2.54
N PRO D 258 27.09 16.98 2.14
CA PRO D 258 27.38 18.42 2.25
C PRO D 258 26.59 19.19 1.19
N GLY D 259 26.65 20.53 1.23
CA GLY D 259 25.84 21.27 0.28
C GLY D 259 25.80 22.78 0.50
N ILE D 260 24.74 23.39 -0.03
CA ILE D 260 24.50 24.82 -0.03
C ILE D 260 23.13 25.12 0.54
N VAL D 261 23.01 26.20 1.30
CA VAL D 261 21.72 26.80 1.66
C VAL D 261 21.58 28.14 0.95
N THR D 262 20.41 28.39 0.35
CA THR D 262 20.10 29.62 -0.36
C THR D 262 18.87 30.27 0.24
N MET D 263 18.87 31.60 0.34
CA MET D 263 17.72 32.31 0.88
C MET D 263 17.70 33.75 0.39
N ASN D 264 16.52 34.36 0.47
CA ASN D 264 16.38 35.81 0.39
C ASN D 264 16.91 36.45 1.69
N GLU D 265 16.92 37.78 1.73
CA GLU D 265 17.52 38.51 2.84
C GLU D 265 16.68 38.53 4.11
N TYR D 266 16.24 37.36 4.55
CA TYR D 266 15.69 37.15 5.89
C TYR D 266 16.76 37.31 6.97
N SER D 267 16.30 37.47 8.21
CA SER D 267 17.15 37.30 9.38
C SER D 267 17.34 35.80 9.69
N VAL D 268 18.44 35.48 10.37
CA VAL D 268 18.75 34.09 10.71
C VAL D 268 19.22 33.92 12.15
N PRO D 269 18.69 32.95 12.90
CA PRO D 269 19.20 32.68 14.26
C PRO D 269 20.67 32.28 14.27
N LYS D 270 21.39 32.80 15.28
CA LYS D 270 22.81 32.49 15.41
C LYS D 270 23.05 31.01 15.69
N THR D 271 22.09 30.32 16.31
CA THR D 271 22.18 28.88 16.49
C THR D 271 22.25 28.12 15.16
N LEU D 272 21.80 28.73 14.07
CA LEU D 272 22.03 28.18 12.73
C LEU D 272 23.22 28.83 12.04
N GLN D 273 23.39 30.14 12.17
CA GLN D 273 24.44 30.85 11.46
C GLN D 273 25.82 30.26 11.71
N ALA D 274 26.05 29.66 12.89
CA ALA D 274 27.31 29.00 13.20
C ALA D 274 27.62 27.77 12.34
N ARG D 275 26.65 27.22 11.63
CA ARG D 275 26.85 25.98 10.87
C ARG D 275 27.39 26.17 9.47
N PHE D 276 27.66 27.40 9.05
CA PHE D 276 28.19 27.68 7.72
C PHE D 276 29.66 28.04 7.80
N VAL D 277 30.48 27.32 7.04
CA VAL D 277 31.91 27.62 6.96
C VAL D 277 32.15 28.95 6.27
N LYS D 278 31.25 29.35 5.38
CA LYS D 278 31.41 30.59 4.63
C LYS D 278 30.04 31.12 4.25
N GLN D 279 29.94 32.44 4.09
CA GLN D 279 28.75 33.07 3.51
C GLN D 279 29.14 33.91 2.31
N ILE D 280 28.35 33.79 1.24
CA ILE D 280 28.51 34.59 0.02
C ILE D 280 27.32 35.53 -0.11
N ASP D 281 27.60 36.83 -0.26
CA ASP D 281 26.57 37.83 -0.49
C ASP D 281 26.47 38.18 -1.98
N PHE D 282 25.26 38.07 -2.52
CA PHE D 282 24.96 38.40 -3.91
C PHE D 282 24.22 39.72 -3.98
N ARG D 283 24.59 40.59 -4.93
CA ARG D 283 23.91 41.89 -5.08
C ARG D 283 23.63 42.22 -6.55
N PRO D 284 22.46 42.81 -6.84
CA PRO D 284 22.15 43.18 -8.24
C PRO D 284 23.19 44.10 -8.86
N LYS D 285 23.41 43.91 -10.16
CA LYS D 285 24.42 44.65 -10.92
C LYS D 285 23.84 45.10 -12.27
N ASP D 286 23.61 46.40 -12.42
CA ASP D 286 22.95 46.92 -13.60
C ASP D 286 23.68 46.58 -14.89
N TYR D 287 25.01 46.61 -14.87
CA TYR D 287 25.77 46.27 -16.08
C TYR D 287 25.58 44.82 -16.49
N LEU D 288 25.47 43.90 -15.53
CA LEU D 288 25.15 42.52 -15.91
C LEU D 288 23.75 42.44 -16.51
N LYS D 289 22.80 43.15 -15.92
CA LYS D 289 21.44 43.16 -16.46
C LYS D 289 21.41 43.69 -17.90
N HIS D 290 22.03 44.84 -18.13
CA HIS D 290 22.05 45.41 -19.48
C HIS D 290 22.85 44.56 -20.45
N CYS D 291 23.88 43.86 -19.97
CA CYS D 291 24.57 42.90 -20.82
C CYS D 291 23.64 41.78 -21.26
N LEU D 292 22.89 41.20 -20.32
CA LEU D 292 21.98 40.11 -20.68
C LEU D 292 20.95 40.56 -21.71
N GLU D 293 20.47 41.79 -21.61
CA GLU D 293 19.57 42.34 -22.63
C GLU D 293 20.20 42.39 -24.02
N ARG D 294 21.52 42.43 -24.10
CA ARG D 294 22.25 42.61 -25.35
C ARG D 294 23.05 41.37 -25.74
N SER D 295 22.82 40.26 -25.06
CA SER D 295 23.56 39.02 -25.30
C SER D 295 22.67 37.83 -24.97
N GLU D 296 21.41 37.90 -25.37
CA GLU D 296 20.36 37.03 -24.88
C GLU D 296 20.66 35.54 -25.02
N PHE D 297 21.47 35.17 -26.01
CA PHE D 297 21.84 33.76 -26.20
C PHE D 297 22.37 33.11 -24.92
N LEU D 298 22.96 33.89 -24.01
CA LEU D 298 23.36 33.35 -22.73
C LEU D 298 22.20 32.70 -21.98
N LEU D 299 21.04 33.34 -21.99
CA LEU D 299 19.85 32.75 -21.38
C LEU D 299 19.20 31.72 -22.30
N GLU D 300 18.99 32.08 -23.56
CA GLU D 300 18.19 31.26 -24.46
C GLU D 300 18.81 29.89 -24.66
N LYS D 301 20.12 29.76 -24.53
CA LYS D 301 20.79 28.46 -24.61
C LYS D 301 21.13 27.91 -23.23
N ARG D 302 20.64 28.56 -22.17
CA ARG D 302 20.89 28.13 -20.78
C ARG D 302 22.37 27.94 -20.47
N ILE D 303 23.20 28.85 -20.97
CA ILE D 303 24.64 28.73 -20.78
C ILE D 303 25.01 28.99 -19.32
N ILE D 304 24.63 30.15 -18.80
CA ILE D 304 25.11 30.55 -17.48
C ILE D 304 24.57 29.69 -16.35
N GLN D 305 23.52 28.90 -16.57
CA GLN D 305 23.08 27.94 -15.56
C GLN D 305 23.89 26.65 -15.55
N SER D 306 24.69 26.38 -16.57
CA SER D 306 25.26 25.06 -16.76
C SER D 306 26.57 24.87 -16.00
N GLY D 307 26.82 23.62 -15.62
CA GLY D 307 28.08 23.26 -14.99
C GLY D 307 29.26 23.28 -15.94
N ILE D 308 29.01 23.02 -17.22
CA ILE D 308 30.06 23.06 -18.23
C ILE D 308 30.66 24.45 -18.34
N ALA D 309 29.87 25.50 -18.13
CA ALA D 309 30.42 26.85 -18.07
C ALA D 309 31.41 27.00 -16.91
N LEU D 310 31.13 26.39 -15.76
CA LEU D 310 32.11 26.43 -14.66
C LEU D 310 33.32 25.55 -14.93
N LEU D 311 33.13 24.40 -15.58
CA LEU D 311 34.28 23.58 -15.93
C LEU D 311 35.18 24.27 -16.94
N LEU D 312 34.59 24.96 -17.92
CA LEU D 312 35.39 25.79 -18.81
C LEU D 312 36.13 26.89 -18.05
N MET D 313 35.50 27.46 -17.02
CA MET D 313 36.20 28.44 -16.19
C MET D 313 37.39 27.84 -15.47
N LEU D 314 37.20 26.68 -14.84
CA LEU D 314 38.31 26.03 -14.14
C LEU D 314 39.42 25.63 -15.10
N ILE D 315 39.08 25.10 -16.28
CA ILE D 315 40.10 24.81 -17.27
C ILE D 315 40.89 26.06 -17.65
N TRP D 316 40.20 27.18 -17.80
CA TRP D 316 40.89 28.41 -18.18
C TRP D 316 41.78 28.94 -17.06
N TYR D 317 41.25 29.09 -15.85
CA TYR D 317 41.96 29.81 -14.80
C TYR D 317 42.95 28.98 -13.97
N ARG D 318 42.66 27.72 -13.67
CA ARG D 318 43.44 27.00 -12.68
C ARG D 318 44.72 26.39 -13.28
N PRO D 319 45.78 26.27 -12.46
CA PRO D 319 46.97 25.52 -12.90
C PRO D 319 46.73 24.01 -12.98
N VAL D 320 47.40 23.37 -13.95
CA VAL D 320 47.16 21.95 -14.24
C VAL D 320 47.42 21.07 -13.02
N ALA D 321 48.44 21.40 -12.23
CA ALA D 321 48.93 20.49 -11.19
C ALA D 321 47.92 20.18 -10.10
N GLU D 322 46.83 20.94 -9.97
CA GLU D 322 45.87 20.72 -8.90
C GLU D 322 44.60 19.98 -9.33
N PHE D 323 44.52 19.51 -10.58
CA PHE D 323 43.59 18.45 -10.92
C PHE D 323 44.18 17.08 -10.56
N ALA D 324 43.29 16.11 -10.36
CA ALA D 324 43.73 14.74 -10.09
C ALA D 324 44.59 14.19 -11.22
N GLN D 325 45.63 13.44 -10.85
CA GLN D 325 46.67 13.06 -11.81
C GLN D 325 46.11 12.26 -12.98
N SER D 326 45.06 11.46 -12.76
CA SER D 326 44.44 10.70 -13.84
C SER D 326 43.94 11.58 -14.98
N ILE D 327 43.37 12.74 -14.66
CA ILE D 327 42.70 13.56 -15.66
C ILE D 327 43.58 14.68 -16.23
N GLN D 328 44.71 14.99 -15.61
CA GLN D 328 45.53 16.13 -16.02
C GLN D 328 45.87 16.12 -17.51
N SER D 329 46.20 14.96 -18.07
CA SER D 329 46.58 14.91 -19.48
C SER D 329 45.44 15.34 -20.40
N ARG D 330 44.21 14.96 -20.07
CA ARG D 330 43.07 15.38 -20.87
C ARG D 330 42.81 16.88 -20.74
N ILE D 331 43.07 17.44 -19.55
CA ILE D 331 42.90 18.87 -19.33
C ILE D 331 43.96 19.69 -20.06
N VAL D 332 45.19 19.18 -20.16
CA VAL D 332 46.21 19.87 -20.96
C VAL D 332 45.78 20.04 -22.40
N GLU D 333 45.23 18.99 -23.02
CA GLU D 333 44.75 19.12 -24.38
C GLU D 333 43.67 20.19 -24.50
N TRP D 334 42.79 20.28 -23.52
CA TRP D 334 41.77 21.32 -23.55
C TRP D 334 42.34 22.72 -23.33
N LYS D 335 43.33 22.87 -22.44
CA LYS D 335 44.00 24.16 -22.33
C LYS D 335 44.64 24.58 -23.65
N GLU D 336 45.36 23.66 -24.30
CA GLU D 336 45.95 23.97 -25.59
C GLU D 336 44.90 24.36 -26.62
N ARG D 337 43.79 23.63 -26.66
CA ARG D 337 42.71 24.01 -27.58
C ARG D 337 42.18 25.41 -27.29
N LEU D 338 41.89 25.73 -26.04
CA LEU D 338 41.37 27.05 -25.73
C LEU D 338 42.39 28.15 -26.03
N ASP D 339 43.68 27.89 -25.76
CA ASP D 339 44.71 28.85 -26.14
C ASP D 339 44.90 28.95 -27.65
N LYS D 340 44.40 27.98 -28.41
CA LYS D 340 44.35 28.13 -29.86
C LYS D 340 43.16 28.97 -30.31
N GLU D 341 41.98 28.68 -29.78
CA GLU D 341 40.77 29.36 -30.22
C GLU D 341 40.57 30.74 -29.60
N PHE D 342 41.31 31.09 -28.54
CA PHE D 342 41.20 32.41 -27.94
C PHE D 342 42.57 32.96 -27.60
N SER D 343 42.61 34.27 -27.34
CA SER D 343 43.77 34.93 -26.76
C SER D 343 43.30 35.91 -25.69
N LEU D 344 44.25 36.28 -24.81
CA LEU D 344 43.91 37.05 -23.62
C LEU D 344 43.30 38.41 -23.96
N SER D 345 43.73 39.03 -25.05
CA SER D 345 43.12 40.30 -25.46
C SER D 345 41.65 40.14 -25.82
N VAL D 346 41.29 39.07 -26.52
CA VAL D 346 39.89 38.82 -26.84
C VAL D 346 39.09 38.56 -25.59
N TYR D 347 39.60 37.71 -24.71
CA TYR D 347 38.88 37.41 -23.47
C TYR D 347 38.75 38.63 -22.58
N GLN D 348 39.80 39.45 -22.49
CA GLN D 348 39.69 40.71 -21.75
C GLN D 348 38.70 41.68 -22.41
N LYS D 349 38.64 41.69 -23.74
CA LYS D 349 37.63 42.50 -24.41
C LYS D 349 36.22 42.04 -24.07
N MET D 350 35.98 40.73 -23.99
CA MET D 350 34.69 40.25 -23.52
C MET D 350 34.40 40.69 -22.08
N LYS D 351 35.36 40.53 -21.18
CA LYS D 351 35.19 41.04 -19.83
C LYS D 351 34.92 42.53 -19.80
N PHE D 352 35.65 43.29 -20.59
CA PHE D 352 35.48 44.74 -20.65
C PHE D 352 34.10 45.11 -21.18
N ASN D 353 33.60 44.40 -22.19
CA ASN D 353 32.24 44.61 -22.64
C ASN D 353 31.21 44.34 -21.55
N VAL D 354 31.38 43.26 -20.78
CA VAL D 354 30.48 43.01 -19.66
C VAL D 354 30.53 44.14 -18.64
N ALA D 355 31.74 44.58 -18.28
CA ALA D 355 31.88 45.55 -17.21
C ALA D 355 31.14 46.85 -17.48
N MET D 356 30.95 47.20 -18.75
CA MET D 356 30.16 48.38 -19.12
C MET D 356 28.74 48.03 -19.58
N GLY D 357 28.38 46.75 -19.63
CA GLY D 357 27.04 46.31 -19.97
C GLY D 357 26.68 46.39 -21.44
N ILE D 358 27.66 46.57 -22.32
CA ILE D 358 27.40 46.86 -23.73
C ILE D 358 26.98 45.62 -24.52
N GLY D 359 27.20 44.42 -23.99
CA GLY D 359 26.99 43.17 -24.73
C GLY D 359 28.28 42.57 -25.23
N VAL D 360 28.43 41.27 -24.98
CA VAL D 360 29.75 40.65 -24.87
C VAL D 360 30.51 40.58 -26.20
N LEU D 361 29.83 40.27 -27.31
CA LEU D 361 30.57 39.86 -28.50
C LEU D 361 31.12 41.00 -29.34
N ASP D 362 30.69 42.24 -29.12
CA ASP D 362 31.06 43.32 -30.04
C ASP D 362 32.57 43.51 -30.13
N LYS E 1 3.28 -26.04 -37.51
CA LYS E 1 3.84 -24.71 -37.70
C LYS E 1 3.65 -23.90 -36.42
N GLN E 2 4.40 -22.80 -36.27
CA GLN E 2 4.49 -22.07 -35.02
C GLN E 2 4.12 -20.60 -35.16
N VAL E 3 3.59 -20.03 -34.08
CA VAL E 3 3.24 -18.61 -34.03
C VAL E 3 4.49 -17.74 -34.20
N SER E 4 4.42 -16.76 -35.10
CA SER E 4 5.44 -15.72 -35.17
C SER E 4 5.18 -14.67 -34.11
N TRP E 5 6.02 -14.65 -33.06
CA TRP E 5 5.93 -13.56 -32.08
C TRP E 5 6.27 -12.22 -32.69
N LYS E 6 7.14 -12.21 -33.70
CA LYS E 6 7.55 -10.97 -34.35
C LYS E 6 6.38 -10.33 -35.07
N LEU E 7 5.60 -11.12 -35.80
CA LEU E 7 4.46 -10.59 -36.52
C LEU E 7 3.37 -10.06 -35.59
N VAL E 8 3.16 -10.69 -34.44
CA VAL E 8 2.28 -10.09 -33.43
C VAL E 8 2.84 -8.78 -32.93
N THR E 9 4.15 -8.70 -32.73
CA THR E 9 4.77 -7.45 -32.30
C THR E 9 4.65 -6.38 -33.36
N GLU E 10 4.78 -6.76 -34.63
CA GLU E 10 4.63 -5.81 -35.73
C GLU E 10 3.23 -5.18 -35.75
N TYR E 11 2.18 -5.99 -35.59
CA TYR E 11 0.84 -5.41 -35.52
C TYR E 11 0.70 -4.42 -34.39
N ALA E 12 1.22 -4.75 -33.21
CA ALA E 12 1.14 -3.83 -32.08
C ALA E 12 1.91 -2.54 -32.35
N MET E 13 3.06 -2.65 -33.03
CA MET E 13 3.83 -1.47 -33.37
C MET E 13 3.08 -0.54 -34.32
N GLU E 14 2.51 -1.11 -35.39
CA GLU E 14 1.78 -0.28 -36.34
C GLU E 14 0.48 0.26 -35.78
N THR E 15 -0.14 -0.44 -34.83
CA THR E 15 -1.38 0.04 -34.23
C THR E 15 -1.16 0.88 -32.97
N LYS E 16 0.06 0.90 -32.43
CA LYS E 16 0.38 1.61 -31.18
C LYS E 16 -0.43 1.12 -29.98
N CYS E 17 -0.59 -0.19 -29.86
CA CYS E 17 -1.32 -0.81 -28.74
C CYS E 17 -0.50 -0.77 -27.45
N ASP E 18 -0.97 -0.01 -26.46
CA ASP E 18 -0.40 -0.04 -25.12
C ASP E 18 -1.03 -1.07 -24.19
N ASP E 19 -2.15 -1.67 -24.57
CA ASP E 19 -2.98 -2.46 -23.66
C ASP E 19 -2.96 -3.92 -24.06
N VAL E 20 -2.53 -4.79 -23.15
CA VAL E 20 -2.37 -6.21 -23.45
C VAL E 20 -3.68 -6.94 -23.64
N LEU E 21 -4.76 -6.52 -22.97
CA LEU E 21 -6.07 -7.12 -23.24
C LEU E 21 -6.64 -6.62 -24.56
N LEU E 22 -6.49 -5.34 -24.85
CA LEU E 22 -6.95 -4.83 -26.14
C LEU E 22 -6.20 -5.49 -27.28
N LEU E 23 -4.88 -5.66 -27.15
CA LEU E 23 -4.13 -6.35 -28.20
C LEU E 23 -4.55 -7.81 -28.32
N LEU E 24 -4.73 -8.51 -27.21
CA LEU E 24 -5.22 -9.87 -27.27
C LEU E 24 -6.59 -9.94 -27.92
N GLY E 25 -7.46 -8.99 -27.60
CA GLY E 25 -8.79 -8.97 -28.19
C GLY E 25 -8.75 -8.66 -29.68
N MET E 26 -8.10 -7.57 -30.05
CA MET E 26 -7.97 -7.20 -31.46
C MET E 26 -7.36 -8.32 -32.30
N TYR E 27 -6.27 -8.92 -31.83
CA TYR E 27 -5.60 -9.91 -32.66
C TYR E 27 -6.41 -11.19 -32.81
N LEU E 28 -7.26 -11.52 -31.86
CA LEU E 28 -8.12 -12.69 -32.01
C LEU E 28 -9.24 -12.48 -33.01
N GLU E 29 -9.59 -11.23 -33.31
CA GLU E 29 -10.59 -10.96 -34.34
C GLU E 29 -10.16 -11.51 -35.69
N PHE E 30 -8.86 -11.57 -35.96
CA PHE E 30 -8.34 -11.99 -37.25
C PHE E 30 -8.44 -13.50 -37.48
N GLN E 31 -8.82 -14.29 -36.48
CA GLN E 31 -8.79 -15.74 -36.67
C GLN E 31 -9.86 -16.23 -37.64
N TYR E 32 -10.95 -15.50 -37.79
CA TYR E 32 -12.03 -15.90 -38.68
C TYR E 32 -11.71 -15.54 -40.13
N SER E 33 -12.35 -16.25 -41.06
CA SER E 33 -12.04 -16.10 -42.48
C SER E 33 -12.25 -14.67 -42.95
N PHE E 34 -11.25 -14.16 -43.68
CA PHE E 34 -11.30 -12.81 -44.22
C PHE E 34 -12.41 -12.64 -45.26
N GLU E 35 -12.67 -13.68 -46.04
CA GLU E 35 -13.63 -13.58 -47.14
C GLU E 35 -15.00 -13.10 -46.70
N MET E 36 -15.41 -13.44 -45.48
CA MET E 36 -16.76 -13.19 -45.00
C MET E 36 -16.82 -12.16 -43.89
N CYS E 37 -15.68 -11.57 -43.51
CA CYS E 37 -15.61 -10.71 -42.34
C CYS E 37 -16.46 -9.45 -42.52
N LEU E 38 -17.50 -9.34 -41.70
CA LEU E 38 -18.42 -8.21 -41.79
C LEU E 38 -17.71 -6.88 -41.56
N LYS E 39 -16.77 -6.83 -40.63
CA LYS E 39 -16.01 -5.62 -40.37
C LYS E 39 -15.13 -5.24 -41.57
N CYS E 40 -14.52 -6.23 -42.21
CA CYS E 40 -13.81 -5.97 -43.47
C CYS E 40 -14.75 -5.61 -44.62
N ILE E 41 -16.02 -6.00 -44.55
CA ILE E 41 -16.98 -5.59 -45.58
C ILE E 41 -17.42 -4.14 -45.37
N LYS E 42 -17.91 -3.81 -44.18
CA LYS E 42 -18.35 -2.44 -43.93
C LYS E 42 -17.18 -1.46 -43.73
N LYS E 43 -15.98 -1.96 -43.50
CA LYS E 43 -14.78 -1.13 -43.33
C LYS E 43 -14.97 0.02 -42.35
N GLU E 44 -15.52 -0.32 -41.19
CA GLU E 44 -15.76 0.70 -40.16
C GLU E 44 -14.49 1.04 -39.39
N GLN E 45 -13.69 0.02 -39.01
CA GLN E 45 -12.51 0.24 -38.18
C GLN E 45 -11.21 -0.05 -38.93
N PRO E 46 -10.36 0.95 -39.14
CA PRO E 46 -9.13 0.70 -39.91
C PRO E 46 -8.18 -0.23 -39.19
N SER E 47 -8.11 -0.15 -37.87
CA SER E 47 -7.31 -1.08 -37.08
C SER E 47 -7.71 -2.53 -37.28
N HIS E 48 -8.91 -2.78 -37.81
CA HIS E 48 -9.22 -4.11 -38.31
C HIS E 48 -8.96 -4.24 -39.80
N TYR E 49 -9.69 -3.48 -40.61
CA TYR E 49 -9.80 -3.85 -42.02
C TYR E 49 -8.50 -3.66 -42.80
N LYS E 50 -7.58 -2.82 -42.32
CA LYS E 50 -6.29 -2.71 -43.00
C LYS E 50 -5.41 -3.95 -42.84
N TYR E 51 -5.65 -4.76 -41.81
CA TYR E 51 -4.67 -5.73 -41.34
C TYR E 51 -5.14 -7.17 -41.38
N HIS E 52 -6.45 -7.41 -41.32
CA HIS E 52 -6.99 -8.76 -41.29
C HIS E 52 -6.47 -9.61 -42.46
N GLU E 53 -6.37 -9.02 -43.65
CA GLU E 53 -5.80 -9.72 -44.79
C GLU E 53 -4.43 -10.31 -44.50
N LYS E 54 -3.57 -9.52 -43.86
CA LYS E 54 -2.19 -9.90 -43.65
C LYS E 54 -2.02 -10.92 -42.53
N HIS E 55 -2.69 -10.70 -41.41
CA HIS E 55 -2.45 -11.47 -40.21
C HIS E 55 -3.27 -12.75 -40.11
N TYR E 56 -4.31 -12.90 -40.93
CA TYR E 56 -5.20 -14.05 -40.82
C TYR E 56 -4.45 -15.38 -40.69
N ALA E 57 -3.47 -15.61 -41.54
CA ALA E 57 -2.75 -16.88 -41.51
C ALA E 57 -2.04 -17.12 -40.17
N ASN E 58 -1.50 -16.08 -39.56
CA ASN E 58 -0.86 -16.25 -38.26
C ASN E 58 -1.86 -16.31 -37.12
N ALA E 59 -2.93 -15.52 -37.21
CA ALA E 59 -3.94 -15.52 -36.15
C ALA E 59 -4.59 -16.89 -35.97
N ALA E 60 -4.74 -17.66 -37.04
CA ALA E 60 -5.23 -19.03 -36.89
C ALA E 60 -4.35 -19.88 -35.98
N ILE E 61 -3.03 -19.79 -36.14
CA ILE E 61 -2.13 -20.54 -35.28
C ILE E 61 -2.13 -19.98 -33.86
N PHE E 62 -2.19 -18.66 -33.75
CA PHE E 62 -2.26 -18.01 -32.44
C PHE E 62 -3.46 -18.48 -31.64
N ALA E 63 -4.60 -18.64 -32.29
CA ALA E 63 -5.80 -19.10 -31.60
C ALA E 63 -5.63 -20.49 -30.99
N ASP E 64 -4.81 -21.36 -31.59
CA ASP E 64 -4.52 -22.66 -30.99
C ASP E 64 -3.43 -22.61 -29.92
N SER E 65 -2.57 -21.61 -29.93
CA SER E 65 -1.42 -21.58 -29.02
C SER E 65 -1.85 -21.42 -27.56
N LYS E 66 -1.02 -21.94 -26.67
CA LYS E 66 -1.30 -21.90 -25.23
C LYS E 66 -0.76 -20.66 -24.52
N ASN E 67 0.19 -19.92 -25.09
CA ASN E 67 0.89 -18.87 -24.37
C ASN E 67 0.29 -17.48 -24.60
N GLN E 68 -0.94 -17.41 -25.09
CA GLN E 68 -1.41 -16.20 -25.78
C GLN E 68 -1.13 -14.92 -25.02
N LYS E 69 -1.33 -14.92 -23.71
CA LYS E 69 -1.08 -13.72 -22.93
C LYS E 69 0.40 -13.33 -22.91
N THR E 70 1.29 -14.32 -22.91
CA THR E 70 2.73 -14.01 -22.93
C THR E 70 3.16 -13.36 -24.24
N ILE E 71 2.69 -13.90 -25.36
CA ILE E 71 3.03 -13.32 -26.66
C ILE E 71 2.63 -11.85 -26.72
N CYS E 72 1.45 -11.53 -26.22
CA CYS E 72 0.99 -10.14 -26.19
C CYS E 72 1.82 -9.26 -25.25
N GLN E 73 2.28 -9.80 -24.12
CA GLN E 73 3.06 -8.96 -23.22
C GLN E 73 4.37 -8.49 -23.83
N GLN E 74 5.10 -9.38 -24.51
CA GLN E 74 6.31 -8.93 -25.18
C GLN E 74 6.02 -7.89 -26.26
N ALA E 75 4.94 -8.08 -27.01
CA ALA E 75 4.55 -7.09 -28.01
C ALA E 75 4.28 -5.73 -27.38
N VAL E 76 3.46 -5.70 -26.32
CA VAL E 76 3.17 -4.43 -25.66
C VAL E 76 4.44 -3.80 -25.08
N ASP E 77 5.32 -4.60 -24.49
CA ASP E 77 6.57 -4.04 -23.99
C ASP E 77 7.42 -3.43 -25.09
N THR E 78 7.38 -3.99 -26.29
CA THR E 78 8.09 -3.38 -27.41
C THR E 78 7.54 -2.01 -27.75
N VAL E 79 6.23 -1.83 -27.71
CA VAL E 79 5.64 -0.52 -27.96
C VAL E 79 5.97 0.47 -26.85
N LEU E 80 5.89 0.04 -25.60
CA LEU E 80 6.30 0.92 -24.50
C LEU E 80 7.77 1.30 -24.59
N ALA E 81 8.63 0.35 -24.96
CA ALA E 81 10.05 0.66 -25.11
C ALA E 81 10.29 1.70 -26.19
N LYS E 82 9.67 1.54 -27.34
CA LYS E 82 9.76 2.54 -28.40
C LYS E 82 9.31 3.92 -27.93
N LYS E 83 8.19 4.00 -27.21
CA LYS E 83 7.71 5.29 -26.72
C LYS E 83 8.69 5.95 -25.75
N ARG E 84 9.36 5.18 -24.90
CA ARG E 84 10.34 5.78 -24.00
C ARG E 84 11.58 6.29 -24.73
N VAL E 85 12.07 5.56 -25.74
CA VAL E 85 13.17 6.09 -26.54
C VAL E 85 12.79 7.42 -27.16
N ASP E 86 11.66 7.47 -27.86
CA ASP E 86 11.22 8.71 -28.48
C ASP E 86 11.14 9.85 -27.47
N SER E 87 10.58 9.59 -26.29
CA SER E 87 10.42 10.64 -25.30
C SER E 87 11.73 11.29 -24.88
N LEU E 88 12.86 10.59 -25.04
CA LEU E 88 14.14 11.15 -24.64
C LEU E 88 14.97 11.70 -25.80
N GLN E 89 14.62 11.38 -27.04
CA GLN E 89 15.49 11.67 -28.16
C GLN E 89 14.90 12.54 -29.26
N LEU E 90 13.57 12.68 -29.32
CA LEU E 90 12.96 13.59 -30.29
C LEU E 90 13.16 15.05 -29.91
N THR E 91 13.24 15.91 -30.93
CA THR E 91 13.13 17.35 -30.72
C THR E 91 11.66 17.75 -30.65
N ARG E 92 11.41 18.91 -30.04
CA ARG E 92 10.04 19.42 -29.97
C ARG E 92 9.42 19.58 -31.34
N GLU E 93 10.21 19.91 -32.36
CA GLU E 93 9.68 19.99 -33.71
C GLU E 93 9.14 18.64 -34.17
N GLN E 94 9.87 17.57 -33.89
CA GLN E 94 9.45 16.25 -34.29
C GLN E 94 8.24 15.79 -33.49
N MET E 95 8.22 16.07 -32.20
CA MET E 95 7.06 15.73 -31.39
C MET E 95 5.80 16.40 -31.89
N LEU E 96 5.88 17.67 -32.27
CA LEU E 96 4.72 18.34 -32.85
C LEU E 96 4.36 17.72 -34.20
N THR E 97 5.37 17.43 -35.02
CA THR E 97 5.12 16.84 -36.33
C THR E 97 4.41 15.49 -36.22
N ASN E 98 4.72 14.71 -35.19
CA ASN E 98 3.97 13.48 -34.95
C ASN E 98 2.50 13.76 -34.67
N ARG E 99 2.20 14.73 -33.82
CA ARG E 99 0.80 15.06 -33.56
C ARG E 99 0.06 15.48 -34.81
N PHE E 100 0.68 16.28 -35.66
CA PHE E 100 -0.01 16.63 -36.91
C PHE E 100 -0.32 15.39 -37.74
N ASN E 101 0.63 14.46 -37.84
CA ASN E 101 0.34 13.23 -38.57
C ASN E 101 -0.82 12.46 -37.96
N ASP E 102 -0.89 12.37 -36.63
CA ASP E 102 -2.04 11.73 -36.01
C ASP E 102 -3.33 12.44 -36.35
N LEU E 103 -3.32 13.78 -36.31
CA LEU E 103 -4.52 14.53 -36.63
C LEU E 103 -4.88 14.41 -38.11
N LEU E 104 -3.89 14.43 -38.99
CA LEU E 104 -4.19 14.22 -40.40
C LEU E 104 -4.74 12.82 -40.67
N ASP E 105 -4.17 11.81 -40.03
CA ASP E 105 -4.73 10.47 -40.16
C ASP E 105 -6.19 10.44 -39.71
N ARG E 106 -6.48 11.07 -38.58
CA ARG E 106 -7.84 11.17 -38.09
C ARG E 106 -8.73 11.97 -39.03
N MET E 107 -8.19 13.03 -39.62
CA MET E 107 -8.93 13.79 -40.62
C MET E 107 -9.22 12.97 -41.86
N ASP E 108 -8.23 12.24 -42.36
CA ASP E 108 -8.38 11.47 -43.58
C ASP E 108 -9.53 10.46 -43.52
N ILE E 109 -9.77 9.85 -42.36
CA ILE E 109 -10.94 8.98 -42.24
C ILE E 109 -12.23 9.77 -41.99
N MET E 110 -12.22 10.76 -41.10
CA MET E 110 -13.48 11.40 -40.76
C MET E 110 -14.05 12.22 -41.92
N PHE E 111 -13.20 12.70 -42.83
CA PHE E 111 -13.64 13.30 -44.08
C PHE E 111 -13.43 12.37 -45.27
N GLY E 112 -13.22 11.08 -45.03
CA GLY E 112 -13.06 10.11 -46.08
C GLY E 112 -14.38 9.70 -46.73
N SER E 113 -14.30 8.60 -47.49
CA SER E 113 -15.48 8.06 -48.17
C SER E 113 -16.54 7.61 -47.18
N THR E 114 -16.12 7.08 -46.04
CA THR E 114 -17.01 6.76 -44.94
C THR E 114 -17.24 7.94 -44.01
N GLY E 115 -16.83 9.14 -44.42
CA GLY E 115 -16.73 10.27 -43.50
C GLY E 115 -18.05 10.70 -42.90
N SER E 116 -18.14 10.59 -41.57
CA SER E 116 -19.31 11.05 -40.83
C SER E 116 -19.34 12.57 -40.66
N ALA E 117 -18.19 13.22 -40.69
CA ALA E 117 -18.12 14.67 -40.58
C ALA E 117 -18.41 15.35 -41.91
N ASP E 118 -19.01 16.55 -41.82
CA ASP E 118 -19.27 17.38 -43.01
C ASP E 118 -18.28 18.54 -43.04
N ILE E 119 -17.42 18.54 -44.06
CA ILE E 119 -16.37 19.53 -44.18
C ILE E 119 -16.92 20.94 -44.28
N GLU E 120 -18.15 21.11 -44.77
CA GLU E 120 -18.75 22.44 -44.81
C GLU E 120 -19.03 22.98 -43.42
N GLU E 121 -19.50 22.15 -42.50
CA GLU E 121 -19.71 22.60 -41.14
C GLU E 121 -18.40 22.89 -40.43
N TRP E 122 -17.37 22.08 -40.70
CA TRP E 122 -16.07 22.31 -40.09
C TRP E 122 -15.40 23.57 -40.62
N MET E 123 -15.51 23.86 -41.92
CA MET E 123 -15.00 25.12 -42.43
C MET E 123 -15.81 26.31 -41.93
N ALA E 124 -17.09 26.14 -41.66
CA ALA E 124 -17.81 27.18 -40.92
C ALA E 124 -17.21 27.39 -39.54
N GLY E 125 -16.74 26.32 -38.90
CA GLY E 125 -15.98 26.45 -37.67
C GLY E 125 -14.71 27.26 -37.83
N VAL E 126 -13.95 27.00 -38.89
CA VAL E 126 -12.78 27.83 -39.19
C VAL E 126 -13.18 29.29 -39.37
N ALA E 127 -14.24 29.55 -40.11
CA ALA E 127 -14.68 30.92 -40.32
C ALA E 127 -15.12 31.61 -39.04
N TRP E 128 -15.77 30.89 -38.13
CA TRP E 128 -16.15 31.49 -36.86
C TRP E 128 -14.93 31.82 -35.99
N LEU E 129 -14.04 30.85 -35.80
CA LEU E 129 -12.87 31.10 -34.97
C LEU E 129 -12.00 32.23 -35.50
N HIS E 130 -11.83 32.33 -36.81
CA HIS E 130 -11.02 33.40 -37.37
C HIS E 130 -11.62 34.79 -37.16
N CYS E 131 -12.86 34.89 -36.70
CA CYS E 131 -13.45 36.18 -36.31
C CYS E 131 -13.34 36.45 -34.82
N LEU E 132 -12.96 35.48 -34.01
CA LEU E 132 -12.90 35.66 -32.56
C LEU E 132 -11.82 36.65 -32.16
N LEU E 133 -10.68 36.64 -32.86
CA LEU E 133 -9.57 37.55 -32.61
C LEU E 133 -8.99 38.00 -33.94
N PRO E 134 -8.37 39.19 -33.99
CA PRO E 134 -7.70 39.62 -35.23
C PRO E 134 -6.48 38.76 -35.57
N LYS E 135 -6.30 38.51 -36.87
CA LYS E 135 -5.15 37.75 -37.39
C LYS E 135 -5.00 36.39 -36.71
N MET E 136 -6.13 35.75 -36.43
CA MET E 136 -6.15 34.55 -35.61
C MET E 136 -5.14 33.49 -36.08
N ASP E 137 -5.01 33.31 -37.39
CA ASP E 137 -4.08 32.29 -37.89
C ASP E 137 -2.63 32.61 -37.54
N SER E 138 -2.27 33.89 -37.53
CA SER E 138 -0.94 34.27 -37.05
C SER E 138 -0.82 34.08 -35.54
N VAL E 139 -1.90 34.33 -34.81
CA VAL E 139 -1.89 34.06 -33.37
C VAL E 139 -1.62 32.59 -33.09
N VAL E 140 -2.29 31.69 -33.81
CA VAL E 140 -2.02 30.26 -33.64
C VAL E 140 -0.59 29.90 -34.06
N TYR E 141 -0.17 30.38 -35.22
CA TYR E 141 1.17 30.03 -35.70
C TYR E 141 2.27 30.54 -34.79
N ASP E 142 2.16 31.79 -34.32
CA ASP E 142 3.12 32.31 -33.37
C ASP E 142 3.13 31.49 -32.08
N PHE E 143 1.97 31.10 -31.58
CA PHE E 143 1.92 30.28 -30.39
C PHE E 143 2.63 28.94 -30.59
N LEU E 144 2.38 28.27 -31.71
CA LEU E 144 3.09 27.01 -31.97
C LEU E 144 4.60 27.19 -31.95
N LYS E 145 5.11 28.21 -32.63
CA LYS E 145 6.55 28.45 -32.61
C LYS E 145 7.06 28.69 -31.19
N CYS E 146 6.32 29.47 -30.43
CA CYS E 146 6.72 29.73 -29.04
C CYS E 146 6.82 28.44 -28.23
N MET E 147 5.80 27.59 -28.32
CA MET E 147 5.82 26.33 -27.57
C MET E 147 6.88 25.36 -28.10
N VAL E 148 7.23 25.46 -29.37
CA VAL E 148 8.31 24.61 -29.90
C VAL E 148 9.68 25.06 -29.41
N TYR E 149 9.95 26.37 -29.41
CA TYR E 149 11.28 26.81 -29.00
C TYR E 149 11.51 26.76 -27.49
N ASN E 150 10.47 26.98 -26.69
CA ASN E 150 10.57 26.79 -25.23
C ASN E 150 11.71 27.60 -24.61
N ILE E 151 11.92 28.80 -25.12
CA ILE E 151 13.03 29.67 -24.72
C ILE E 151 12.82 30.19 -23.30
N PRO E 152 13.81 30.06 -22.40
CA PRO E 152 13.68 30.62 -21.04
C PRO E 152 13.12 32.03 -20.91
N LYS E 153 12.26 32.22 -19.92
CA LYS E 153 11.50 33.45 -19.64
C LYS E 153 10.64 33.94 -20.80
N LYS E 154 10.48 33.16 -21.86
CA LYS E 154 9.65 33.52 -23.00
C LYS E 154 8.69 32.38 -23.34
N ARG E 155 7.94 31.91 -22.34
CA ARG E 155 7.27 30.61 -22.42
C ARG E 155 5.78 30.62 -22.09
N TYR E 156 5.23 31.73 -21.58
CA TYR E 156 3.84 31.77 -21.17
C TYR E 156 3.10 32.96 -21.77
N TRP E 157 1.85 32.73 -22.17
CA TRP E 157 0.96 33.75 -22.70
C TRP E 157 -0.24 33.89 -21.76
N LEU E 158 -0.74 35.12 -21.62
CA LEU E 158 -1.83 35.44 -20.72
C LEU E 158 -3.11 35.74 -21.48
N PHE E 159 -4.20 35.04 -21.14
CA PHE E 159 -5.52 35.32 -21.67
C PHE E 159 -6.35 36.03 -20.60
N LYS E 160 -6.75 37.27 -20.86
CA LYS E 160 -7.62 38.03 -19.96
C LYS E 160 -8.93 38.36 -20.65
N GLY E 161 -10.02 38.31 -19.88
CA GLY E 161 -11.30 38.76 -20.36
C GLY E 161 -12.46 38.23 -19.54
N PRO E 162 -13.64 38.82 -19.69
CA PRO E 162 -14.77 38.45 -18.84
C PRO E 162 -15.33 37.07 -19.10
N ILE E 163 -16.32 36.69 -18.30
CA ILE E 163 -17.14 35.51 -18.57
C ILE E 163 -17.70 35.58 -19.99
N ASP E 164 -17.71 34.42 -20.66
CA ASP E 164 -18.23 34.30 -22.02
C ASP E 164 -17.58 35.31 -22.96
N SER E 165 -16.31 35.06 -23.20
CA SER E 165 -15.50 35.88 -24.10
C SER E 165 -14.59 35.04 -24.98
N GLY E 166 -14.41 33.76 -24.69
CA GLY E 166 -13.76 32.82 -25.58
C GLY E 166 -12.52 32.17 -25.02
N LYS E 167 -12.08 32.57 -23.82
CA LYS E 167 -10.79 32.15 -23.30
C LYS E 167 -10.69 30.64 -23.22
N THR E 168 -11.64 30.00 -22.54
CA THR E 168 -11.62 28.55 -22.39
C THR E 168 -11.78 27.84 -23.72
N THR E 169 -12.56 28.40 -24.65
CA THR E 169 -12.72 27.77 -25.97
C THR E 169 -11.38 27.62 -26.68
N LEU E 170 -10.65 28.71 -26.84
CA LEU E 170 -9.40 28.65 -27.60
C LEU E 170 -8.34 27.84 -26.87
N ALA E 171 -8.26 27.97 -25.55
CA ALA E 171 -7.33 27.16 -24.78
C ALA E 171 -7.58 25.66 -24.97
N ALA E 172 -8.84 25.24 -24.99
CA ALA E 172 -9.13 23.83 -25.22
C ALA E 172 -8.70 23.37 -26.60
N ALA E 173 -8.93 24.18 -27.63
CA ALA E 173 -8.51 23.80 -28.97
C ALA E 173 -7.00 23.68 -29.09
N LEU E 174 -6.26 24.61 -28.48
CA LEU E 174 -4.80 24.55 -28.50
C LEU E 174 -4.28 23.35 -27.73
N LEU E 175 -4.92 22.99 -26.62
CA LEU E 175 -4.58 21.75 -25.92
C LEU E 175 -4.78 20.52 -26.80
N GLU E 176 -5.87 20.47 -27.58
CA GLU E 176 -6.04 19.35 -28.49
C GLU E 176 -5.00 19.33 -29.59
N LEU E 177 -4.64 20.50 -30.11
CA LEU E 177 -3.64 20.54 -31.17
C LEU E 177 -2.29 20.08 -30.66
N CYS E 178 -1.81 20.68 -29.57
CA CYS E 178 -0.45 20.44 -29.09
C CYS E 178 -0.35 19.30 -28.08
N GLY E 179 -1.45 18.89 -27.46
CA GLY E 179 -1.39 18.00 -26.32
C GLY E 179 -0.97 18.71 -25.04
N GLY E 180 -1.48 18.26 -23.90
CA GLY E 180 -1.19 18.90 -22.64
C GLY E 180 -2.24 18.59 -21.60
N LYS E 181 -2.19 19.36 -20.51
CA LYS E 181 -3.10 19.18 -19.37
C LYS E 181 -3.56 20.54 -18.87
N ALA E 182 -4.66 20.52 -18.12
CA ALA E 182 -5.18 21.70 -17.41
C ALA E 182 -4.93 21.60 -15.91
N LEU E 183 -4.45 22.69 -15.31
CA LEU E 183 -4.10 22.73 -13.89
C LEU E 183 -4.94 23.79 -13.17
N ASN E 184 -5.22 23.55 -11.89
CA ASN E 184 -6.05 24.44 -11.07
C ASN E 184 -5.29 24.94 -9.84
N VAL E 185 -4.50 26.00 -10.03
CA VAL E 185 -3.62 26.57 -9.01
C VAL E 185 -4.35 27.33 -7.89
N ASN E 186 -5.67 27.41 -7.93
CA ASN E 186 -6.44 28.07 -6.87
C ASN E 186 -6.54 27.26 -5.58
N LEU E 187 -6.12 25.99 -5.59
CA LEU E 187 -6.11 25.18 -4.38
C LEU E 187 -5.17 25.75 -3.31
N PRO E 188 -5.37 25.37 -2.06
CA PRO E 188 -4.39 25.70 -1.02
C PRO E 188 -3.05 25.01 -1.26
N LEU E 189 -1.99 25.65 -0.80
CA LEU E 189 -0.63 25.20 -1.07
C LEU E 189 -0.40 23.73 -0.70
N ASP E 190 -1.18 23.21 0.24
CA ASP E 190 -1.16 21.77 0.54
C ASP E 190 -1.26 20.89 -0.72
N ARG E 191 -2.28 21.11 -1.54
CA ARG E 191 -2.51 20.22 -2.68
C ARG E 191 -1.65 20.54 -3.89
N LEU E 192 -1.06 21.73 -3.98
CA LEU E 192 -0.29 22.07 -5.18
C LEU E 192 0.83 21.10 -5.45
N ASN E 193 1.37 20.46 -4.41
CA ASN E 193 2.39 19.43 -4.59
C ASN E 193 1.94 18.32 -5.54
N PHE E 194 0.66 17.98 -5.52
CA PHE E 194 0.13 16.97 -6.42
C PHE E 194 -0.53 17.54 -7.67
N GLU E 195 -0.95 18.81 -7.67
CA GLU E 195 -1.36 19.45 -8.91
C GLU E 195 -0.23 19.45 -9.92
N LEU E 196 0.92 20.02 -9.54
CA LEU E 196 2.02 20.18 -10.48
C LEU E 196 2.55 18.86 -10.99
N GLY E 197 2.36 17.77 -10.26
CA GLY E 197 2.73 16.45 -10.74
C GLY E 197 2.03 16.03 -12.02
N VAL E 198 0.89 16.64 -12.33
CA VAL E 198 0.21 16.34 -13.59
C VAL E 198 0.98 16.86 -14.80
N ALA E 199 1.87 17.83 -14.63
CA ALA E 199 2.66 18.38 -15.72
C ALA E 199 3.76 17.45 -16.23
N ILE E 200 4.05 16.36 -15.56
CA ILE E 200 5.19 15.52 -15.95
C ILE E 200 5.06 15.03 -17.39
N ASP E 201 6.14 15.21 -18.16
CA ASP E 201 6.29 14.87 -19.57
C ASP E 201 5.28 15.51 -20.52
N GLN E 202 4.53 16.51 -20.09
CA GLN E 202 3.56 17.15 -20.98
C GLN E 202 4.22 18.18 -21.90
N PHE E 203 3.60 18.38 -23.07
CA PHE E 203 4.06 19.39 -24.02
C PHE E 203 3.60 20.79 -23.64
N LEU E 204 2.41 20.93 -23.06
CA LEU E 204 1.88 22.20 -22.56
C LEU E 204 1.28 22.00 -21.18
N VAL E 205 1.08 23.09 -20.45
CA VAL E 205 0.03 23.15 -19.45
C VAL E 205 -0.76 24.43 -19.60
N VAL E 206 -2.04 24.37 -19.25
CA VAL E 206 -2.93 25.52 -19.18
C VAL E 206 -3.40 25.70 -17.75
N PHE E 207 -3.19 26.89 -17.19
CA PHE E 207 -3.75 27.25 -15.89
C PHE E 207 -5.14 27.85 -16.07
N GLU E 208 -6.14 27.20 -15.47
CA GLU E 208 -7.54 27.60 -15.60
C GLU E 208 -7.98 28.54 -14.48
N ASP E 209 -8.73 29.58 -14.86
CA ASP E 209 -9.41 30.46 -13.91
C ASP E 209 -8.54 30.91 -12.74
N VAL E 210 -7.35 31.42 -13.05
CA VAL E 210 -6.45 31.82 -11.98
C VAL E 210 -6.94 33.13 -11.36
N LYS E 211 -7.74 33.02 -10.31
CA LYS E 211 -8.40 34.15 -9.65
C LYS E 211 -7.53 34.76 -8.54
N GLY E 212 -7.79 36.04 -8.25
CA GLY E 212 -6.96 36.82 -7.36
C GLY E 212 -7.74 37.49 -6.24
N THR E 213 -7.01 38.25 -5.43
CA THR E 213 -7.58 39.16 -4.43
C THR E 213 -8.02 40.48 -5.05
N GLY E 214 -8.97 41.14 -4.38
CA GLY E 214 -9.58 42.34 -4.91
C GLY E 214 -10.57 42.06 -6.02
N GLY E 215 -10.76 43.04 -6.91
CA GLY E 215 -11.73 42.93 -7.98
C GLY E 215 -13.17 43.05 -7.55
N GLU E 216 -13.44 43.37 -6.29
CA GLU E 216 -14.81 43.51 -5.81
C GLU E 216 -15.53 44.69 -6.46
N SER E 217 -14.79 45.71 -6.91
CA SER E 217 -15.38 46.77 -7.72
C SER E 217 -15.91 46.24 -9.04
N ARG E 218 -15.44 45.08 -9.48
CA ARG E 218 -16.01 44.35 -10.61
C ARG E 218 -16.87 43.18 -10.16
N ASP E 219 -17.16 43.10 -8.86
CA ASP E 219 -17.89 41.99 -8.23
C ASP E 219 -17.25 40.62 -8.47
N LEU E 220 -15.94 40.59 -8.70
CA LEU E 220 -15.26 39.32 -8.93
C LEU E 220 -15.10 38.53 -7.63
N PRO E 221 -15.24 37.22 -7.67
CA PRO E 221 -14.93 36.42 -6.47
C PRO E 221 -13.43 36.35 -6.24
N SER E 222 -13.03 36.47 -4.98
CA SER E 222 -11.61 36.46 -4.60
C SER E 222 -11.06 35.03 -4.52
N GLY E 223 -9.74 34.91 -4.68
CA GLY E 223 -9.08 33.63 -4.54
C GLY E 223 -7.57 33.75 -4.49
N GLN E 224 -6.92 32.62 -4.20
CA GLN E 224 -5.49 32.53 -3.93
C GLN E 224 -4.61 32.36 -5.17
N GLY E 225 -5.20 32.01 -6.31
CA GLY E 225 -4.41 31.53 -7.44
C GLY E 225 -3.32 32.49 -7.90
N ILE E 226 -3.66 33.78 -8.05
CA ILE E 226 -2.65 34.74 -8.49
C ILE E 226 -1.45 34.78 -7.56
N ASN E 227 -1.69 34.75 -6.25
CA ASN E 227 -0.57 34.76 -5.32
C ASN E 227 0.25 33.48 -5.43
N ASN E 228 -0.39 32.36 -5.70
CA ASN E 228 0.33 31.10 -5.88
C ASN E 228 1.23 31.13 -7.13
N LEU E 229 0.73 31.62 -8.26
CA LEU E 229 1.59 31.74 -9.43
C LEU E 229 2.76 32.69 -9.18
N ASP E 230 2.53 33.78 -8.46
CA ASP E 230 3.61 34.72 -8.17
C ASP E 230 4.73 34.08 -7.34
N ASN E 231 4.46 32.98 -6.65
CA ASN E 231 5.50 32.24 -5.95
C ASN E 231 6.22 31.20 -6.81
N LEU E 232 5.55 30.61 -7.79
CA LEU E 232 6.11 29.54 -8.62
C LEU E 232 7.03 30.02 -9.74
N ARG E 233 7.86 31.04 -9.51
CA ARG E 233 8.57 31.69 -10.61
C ARG E 233 9.45 30.73 -11.41
N ASP E 234 10.08 29.75 -10.77
CA ASP E 234 10.97 28.84 -11.52
C ASP E 234 10.20 28.00 -12.51
N TYR E 235 8.99 27.58 -12.14
CA TYR E 235 8.18 26.78 -13.04
C TYR E 235 7.82 27.56 -14.31
N LEU E 236 7.49 28.83 -14.16
CA LEU E 236 7.24 29.67 -15.33
C LEU E 236 8.54 29.95 -16.11
N ASP E 237 9.56 30.47 -15.42
CA ASP E 237 10.75 30.95 -16.12
C ASP E 237 11.46 29.84 -16.90
N GLY E 238 11.50 28.62 -16.37
CA GLY E 238 12.05 27.51 -17.14
C GLY E 238 13.54 27.54 -17.35
N SER E 239 14.27 28.35 -16.58
CA SER E 239 15.73 28.38 -16.67
C SER E 239 16.38 27.13 -16.09
N VAL E 240 15.79 26.53 -15.05
CA VAL E 240 16.39 25.41 -14.34
C VAL E 240 15.34 24.34 -14.06
N LYS E 241 15.80 23.12 -13.84
CA LYS E 241 14.90 22.00 -13.57
C LYS E 241 14.21 22.16 -12.22
N VAL E 242 13.04 21.52 -12.11
CA VAL E 242 12.26 21.47 -10.88
C VAL E 242 11.88 20.01 -10.60
N ASN E 243 11.49 19.74 -9.35
CA ASN E 243 11.05 18.43 -8.95
C ASN E 243 9.53 18.35 -8.91
N LEU E 244 8.97 17.33 -9.57
CA LEU E 244 7.53 17.13 -9.68
C LEU E 244 7.12 15.82 -9.02
N GLU E 245 6.03 15.85 -8.24
CA GLU E 245 5.61 14.71 -7.43
C GLU E 245 4.22 14.22 -7.84
N LYS E 246 4.12 12.93 -8.17
CA LYS E 246 2.85 12.24 -8.23
C LYS E 246 2.55 11.52 -6.92
N LYS E 247 1.30 11.09 -6.75
CA LYS E 247 0.95 10.19 -5.67
C LYS E 247 1.71 8.87 -5.79
N HIS E 248 2.18 8.37 -4.65
CA HIS E 248 2.96 7.12 -4.53
C HIS E 248 4.32 7.12 -5.22
N LEU E 249 4.49 7.78 -6.36
CA LEU E 249 5.79 7.79 -7.02
C LEU E 249 6.76 8.77 -6.36
N ASN E 250 8.05 8.45 -6.47
CA ASN E 250 9.12 9.36 -6.06
C ASN E 250 9.35 10.46 -7.09
N LYS E 251 9.81 11.61 -6.59
CA LYS E 251 9.89 12.82 -7.41
C LYS E 251 10.77 12.65 -8.64
N ARG E 252 10.33 13.25 -9.76
CA ARG E 252 11.08 13.33 -11.00
C ARG E 252 11.49 14.77 -11.29
N THR E 253 12.66 14.94 -11.90
CA THR E 253 13.28 16.24 -12.14
C THR E 253 13.29 16.58 -13.62
N GLN E 254 12.70 17.72 -13.99
CA GLN E 254 12.66 18.13 -15.39
C GLN E 254 12.42 19.64 -15.49
N ILE E 255 12.60 20.18 -16.70
CA ILE E 255 12.11 21.52 -17.03
C ILE E 255 10.59 21.49 -17.12
N PHE E 256 9.93 22.38 -16.37
CA PHE E 256 8.47 22.46 -16.40
C PHE E 256 8.02 23.00 -17.77
N PRO E 257 6.92 22.49 -18.33
CA PRO E 257 6.53 22.84 -19.71
C PRO E 257 6.09 24.28 -19.88
N PRO E 258 6.09 24.79 -21.11
CA PRO E 258 5.46 26.09 -21.41
C PRO E 258 3.94 25.99 -21.39
N GLY E 259 3.25 27.13 -21.51
CA GLY E 259 1.81 27.08 -21.36
C GLY E 259 1.05 28.39 -21.44
N ILE E 260 -0.19 28.36 -20.92
CA ILE E 260 -1.14 29.48 -20.95
C ILE E 260 -1.67 29.74 -19.54
N VAL E 261 -1.91 31.01 -19.22
CA VAL E 261 -2.70 31.39 -18.05
C VAL E 261 -3.98 32.09 -18.49
N THR E 262 -5.11 31.74 -17.87
CA THR E 262 -6.41 32.34 -18.16
C THR E 262 -7.02 32.97 -16.91
N MET E 263 -7.62 34.15 -17.05
CA MET E 263 -8.23 34.81 -15.89
C MET E 263 -9.27 35.83 -16.31
N ASN E 264 -10.15 36.17 -15.36
CA ASN E 264 -10.98 37.37 -15.45
C ASN E 264 -10.12 38.61 -15.23
N GLU E 265 -10.76 39.79 -15.28
CA GLU E 265 -10.06 41.07 -15.18
C GLU E 265 -9.68 41.44 -13.73
N TYR E 266 -8.94 40.54 -13.08
CA TYR E 266 -8.24 40.86 -11.84
C TYR E 266 -7.06 41.80 -12.09
N SER E 267 -6.63 42.48 -11.02
CA SER E 267 -5.33 43.14 -11.02
C SER E 267 -4.21 42.11 -10.85
N VAL E 268 -3.17 42.25 -11.66
CA VAL E 268 -2.03 41.32 -11.67
C VAL E 268 -0.82 42.01 -11.04
N PRO E 269 -0.14 41.37 -10.08
CA PRO E 269 1.10 41.94 -9.53
C PRO E 269 2.15 42.20 -10.60
N LYS E 270 2.85 43.32 -10.46
CA LYS E 270 3.86 43.71 -11.45
C LYS E 270 4.97 42.67 -11.58
N THR E 271 5.27 41.92 -10.52
CA THR E 271 6.21 40.81 -10.61
C THR E 271 5.70 39.70 -11.54
N LEU E 272 4.47 39.26 -11.33
CA LEU E 272 3.89 38.24 -12.19
C LEU E 272 3.70 38.74 -13.61
N GLN E 273 3.33 40.02 -13.75
CA GLN E 273 3.15 40.60 -15.08
C GLN E 273 4.38 40.49 -15.96
N ALA E 274 5.57 40.41 -15.37
CA ALA E 274 6.80 40.25 -16.17
C ALA E 274 6.98 38.85 -16.73
N ARG E 275 6.27 37.84 -16.24
CA ARG E 275 6.50 36.46 -16.65
C ARG E 275 5.93 36.10 -18.01
N PHE E 276 5.11 36.96 -18.62
CA PHE E 276 4.38 36.63 -19.83
C PHE E 276 4.97 37.29 -21.07
N VAL E 277 5.12 36.49 -22.14
CA VAL E 277 5.56 37.02 -23.42
C VAL E 277 4.52 37.96 -24.00
N LYS E 278 3.25 37.58 -23.94
CA LYS E 278 2.20 38.29 -24.63
C LYS E 278 0.90 38.19 -23.85
N GLN E 279 0.09 39.23 -23.91
CA GLN E 279 -1.25 39.24 -23.37
C GLN E 279 -2.26 39.33 -24.52
N ILE E 280 -3.33 38.54 -24.42
CA ILE E 280 -4.45 38.60 -25.37
C ILE E 280 -5.70 39.05 -24.62
N ASP E 281 -6.32 40.13 -25.10
CA ASP E 281 -7.57 40.67 -24.56
C ASP E 281 -8.79 40.08 -25.26
N PHE E 282 -9.43 39.10 -24.63
CA PHE E 282 -10.71 38.59 -25.11
C PHE E 282 -11.85 39.54 -24.73
N ARG E 283 -12.76 39.77 -25.68
CA ARG E 283 -13.90 40.66 -25.47
C ARG E 283 -15.21 40.07 -26.00
N PRO E 284 -16.31 40.20 -25.27
CA PRO E 284 -17.61 39.76 -25.80
C PRO E 284 -17.99 40.47 -27.09
N LYS E 285 -18.54 39.71 -28.04
CA LYS E 285 -18.95 40.21 -29.36
C LYS E 285 -20.34 39.66 -29.66
N ASP E 286 -21.35 40.50 -29.45
CA ASP E 286 -22.74 40.07 -29.62
C ASP E 286 -23.02 39.45 -30.98
N TYR E 287 -22.42 39.97 -32.04
CA TYR E 287 -22.64 39.36 -33.36
C TYR E 287 -22.13 37.93 -33.44
N LEU E 288 -21.05 37.59 -32.74
CA LEU E 288 -20.66 36.19 -32.68
C LEU E 288 -21.68 35.37 -31.90
N LYS E 289 -22.22 35.91 -30.83
CA LYS E 289 -23.28 35.22 -30.10
C LYS E 289 -24.53 35.01 -30.95
N HIS E 290 -24.98 36.06 -31.63
CA HIS E 290 -26.14 35.91 -32.52
C HIS E 290 -25.88 34.96 -33.68
N CYS E 291 -24.63 34.87 -34.14
CA CYS E 291 -24.29 33.81 -35.09
C CYS E 291 -24.45 32.43 -34.48
N LEU E 292 -23.96 32.22 -33.26
CA LEU E 292 -24.12 30.93 -32.60
C LEU E 292 -25.59 30.56 -32.43
N GLU E 293 -26.43 31.51 -32.03
CA GLU E 293 -27.86 31.25 -31.93
C GLU E 293 -28.44 30.68 -33.21
N ARG E 294 -27.88 31.06 -34.36
CA ARG E 294 -28.36 30.64 -35.66
C ARG E 294 -27.50 29.55 -36.28
N SER E 295 -26.53 29.01 -35.54
CA SER E 295 -25.52 28.10 -36.07
C SER E 295 -25.21 27.00 -35.05
N GLU E 296 -26.23 26.50 -34.37
CA GLU E 296 -26.05 25.68 -33.18
C GLU E 296 -25.15 24.47 -33.42
N PHE E 297 -25.15 23.92 -34.64
CA PHE E 297 -24.31 22.77 -34.94
C PHE E 297 -22.84 22.98 -34.56
N LEU E 298 -22.37 24.22 -34.58
CA LEU E 298 -20.99 24.51 -34.16
C LEU E 298 -20.75 24.08 -32.72
N LEU E 299 -21.70 24.35 -31.83
CA LEU E 299 -21.61 23.92 -30.44
C LEU E 299 -21.98 22.45 -30.28
N GLU E 300 -23.12 22.06 -30.85
CA GLU E 300 -23.63 20.71 -30.65
C GLU E 300 -22.67 19.65 -31.15
N LYS E 301 -21.87 19.96 -32.17
CA LYS E 301 -20.87 19.02 -32.68
C LYS E 301 -19.47 19.34 -32.18
N ARG E 302 -19.36 20.24 -31.20
CA ARG E 302 -18.08 20.60 -30.57
C ARG E 302 -16.97 20.96 -31.57
N ILE E 303 -17.34 21.67 -32.64
CA ILE E 303 -16.35 21.97 -33.67
C ILE E 303 -15.37 23.03 -33.17
N ILE E 304 -15.88 24.15 -32.66
CA ILE E 304 -15.03 25.28 -32.32
C ILE E 304 -14.14 25.02 -31.11
N GLN E 305 -14.41 23.99 -30.32
CA GLN E 305 -13.45 23.58 -29.28
C GLN E 305 -12.37 22.64 -29.80
N SER E 306 -12.50 22.09 -31.00
CA SER E 306 -11.60 21.05 -31.44
C SER E 306 -10.25 21.59 -31.91
N GLY E 307 -9.22 20.76 -31.76
CA GLY E 307 -7.92 21.08 -32.33
C GLY E 307 -7.90 20.99 -33.84
N ILE E 308 -8.69 20.08 -34.40
CA ILE E 308 -8.73 19.89 -35.85
C ILE E 308 -9.25 21.14 -36.57
N ALA E 309 -10.13 21.90 -35.93
CA ALA E 309 -10.53 23.18 -36.50
C ALA E 309 -9.34 24.13 -36.65
N LEU E 310 -8.43 24.17 -35.68
CA LEU E 310 -7.23 24.99 -35.83
C LEU E 310 -6.30 24.44 -36.90
N LEU E 311 -6.15 23.13 -36.99
CA LEU E 311 -5.33 22.55 -38.02
C LEU E 311 -5.87 22.87 -39.41
N LEU E 312 -7.19 22.79 -39.59
CA LEU E 312 -7.79 23.24 -40.84
C LEU E 312 -7.51 24.72 -41.12
N MET E 313 -7.57 25.56 -40.11
CA MET E 313 -7.23 26.97 -40.29
C MET E 313 -5.79 27.15 -40.78
N LEU E 314 -4.85 26.46 -40.15
CA LEU E 314 -3.46 26.55 -40.58
C LEU E 314 -3.26 26.03 -42.00
N ILE E 315 -3.90 24.90 -42.32
CA ILE E 315 -3.83 24.37 -43.69
C ILE E 315 -4.35 25.38 -44.69
N TRP E 316 -5.44 26.06 -44.38
CA TRP E 316 -5.97 27.08 -45.28
C TRP E 316 -5.03 28.29 -45.37
N TYR E 317 -4.75 28.94 -44.24
CA TYR E 317 -4.11 30.25 -44.27
C TYR E 317 -2.60 30.22 -44.52
N ARG E 318 -1.88 29.25 -43.93
CA ARG E 318 -0.41 29.33 -43.95
C ARG E 318 0.19 28.74 -45.23
N PRO E 319 1.33 29.25 -45.68
CA PRO E 319 2.05 28.64 -46.81
C PRO E 319 2.75 27.35 -46.42
N VAL E 320 2.94 26.48 -47.43
CA VAL E 320 3.47 25.14 -47.17
C VAL E 320 4.84 25.18 -46.51
N ALA E 321 5.66 26.16 -46.85
CA ALA E 321 7.01 26.24 -46.31
C ALA E 321 7.06 26.47 -44.80
N GLU E 322 5.96 26.89 -44.18
CA GLU E 322 5.94 27.02 -42.73
C GLU E 322 5.77 25.69 -42.00
N PHE E 323 5.35 24.63 -42.69
CA PHE E 323 5.24 23.30 -42.09
C PHE E 323 6.56 22.55 -42.16
N ALA E 324 6.69 21.54 -41.31
CA ALA E 324 7.87 20.68 -41.31
C ALA E 324 7.99 19.88 -42.60
N GLN E 325 9.21 19.77 -43.10
CA GLN E 325 9.46 19.20 -44.41
C GLN E 325 8.99 17.75 -44.53
N SER E 326 8.92 17.03 -43.42
CA SER E 326 8.35 15.68 -43.45
C SER E 326 6.89 15.67 -43.88
N ILE E 327 6.10 16.60 -43.36
CA ILE E 327 4.64 16.55 -43.54
C ILE E 327 4.15 17.38 -44.71
N GLN E 328 4.98 18.27 -45.26
CA GLN E 328 4.55 19.17 -46.33
C GLN E 328 3.84 18.45 -47.49
N SER E 329 4.25 17.22 -47.82
CA SER E 329 3.54 16.47 -48.85
C SER E 329 2.05 16.33 -48.54
N ARG E 330 1.72 15.95 -47.30
CA ARG E 330 0.31 15.82 -46.93
C ARG E 330 -0.38 17.17 -46.89
N ILE E 331 0.34 18.24 -46.55
CA ILE E 331 -0.24 19.58 -46.59
C ILE E 331 -0.59 19.99 -48.01
N VAL E 332 0.32 19.75 -48.96
CA VAL E 332 0.01 20.02 -50.37
C VAL E 332 -1.24 19.27 -50.79
N GLU E 333 -1.30 17.97 -50.49
CA GLU E 333 -2.49 17.20 -50.80
C GLU E 333 -3.75 17.82 -50.21
N TRP E 334 -3.72 18.15 -48.93
CA TRP E 334 -4.92 18.70 -48.29
C TRP E 334 -5.29 20.08 -48.82
N LYS E 335 -4.32 20.91 -49.19
CA LYS E 335 -4.65 22.16 -49.87
C LYS E 335 -5.29 21.88 -51.22
N GLU E 336 -4.69 20.96 -51.99
CA GLU E 336 -5.24 20.62 -53.29
C GLU E 336 -6.63 20.02 -53.20
N ARG E 337 -6.95 19.34 -52.10
CA ARG E 337 -8.35 19.00 -51.83
C ARG E 337 -9.15 20.24 -51.48
N LEU E 338 -8.73 20.96 -50.44
CA LEU E 338 -9.57 22.00 -49.86
C LEU E 338 -9.85 23.14 -50.83
N ASP E 339 -8.91 23.46 -51.72
CA ASP E 339 -9.10 24.48 -52.74
C ASP E 339 -10.09 24.12 -53.83
N LYS E 340 -10.57 22.88 -53.90
CA LYS E 340 -11.68 22.53 -54.78
C LYS E 340 -12.96 22.19 -54.03
N GLU E 341 -12.86 21.81 -52.76
CA GLU E 341 -14.05 21.71 -51.93
C GLU E 341 -14.71 23.06 -51.71
N PHE E 342 -13.94 24.14 -51.67
CA PHE E 342 -14.47 25.49 -51.50
C PHE E 342 -13.80 26.46 -52.46
N SER E 343 -14.58 27.42 -52.96
CA SER E 343 -14.02 28.63 -53.54
C SER E 343 -13.73 29.66 -52.46
N LEU E 344 -12.88 30.63 -52.81
CA LEU E 344 -12.65 31.77 -51.93
C LEU E 344 -13.93 32.52 -51.62
N SER E 345 -14.81 32.67 -52.62
CA SER E 345 -16.06 33.38 -52.42
C SER E 345 -16.97 32.70 -51.40
N VAL E 346 -17.03 31.37 -51.42
CA VAL E 346 -17.85 30.65 -50.44
C VAL E 346 -17.31 30.86 -49.04
N TYR E 347 -16.01 30.74 -48.86
CA TYR E 347 -15.43 30.98 -47.54
C TYR E 347 -15.64 32.42 -47.08
N GLN E 348 -15.45 33.38 -47.99
CA GLN E 348 -15.75 34.77 -47.65
C GLN E 348 -17.22 34.97 -47.28
N LYS E 349 -18.13 34.25 -47.94
CA LYS E 349 -19.54 34.33 -47.58
C LYS E 349 -19.82 33.77 -46.20
N MET E 350 -19.15 32.69 -45.80
CA MET E 350 -19.24 32.26 -44.41
C MET E 350 -18.76 33.33 -43.46
N LYS E 351 -17.56 33.85 -43.70
CA LYS E 351 -16.97 34.85 -42.81
C LYS E 351 -17.83 36.11 -42.76
N PHE E 352 -18.42 36.48 -43.89
CA PHE E 352 -19.40 37.57 -43.92
C PHE E 352 -20.62 37.29 -43.06
N ASN E 353 -21.24 36.12 -43.21
CA ASN E 353 -22.40 35.79 -42.38
C ASN E 353 -22.07 35.87 -40.89
N VAL E 354 -20.91 35.37 -40.47
CA VAL E 354 -20.50 35.49 -39.08
C VAL E 354 -20.43 36.96 -38.67
N ALA E 355 -19.78 37.78 -39.49
CA ALA E 355 -19.68 39.20 -39.18
C ALA E 355 -21.04 39.88 -39.13
N MET E 356 -21.98 39.43 -39.95
CA MET E 356 -23.36 39.94 -39.86
C MET E 356 -24.12 39.40 -38.65
N GLY E 357 -23.63 38.34 -38.01
CA GLY E 357 -24.40 37.65 -37.00
C GLY E 357 -25.52 36.81 -37.56
N ILE E 358 -25.48 36.55 -38.86
CA ILE E 358 -26.44 35.67 -39.53
C ILE E 358 -25.99 34.23 -39.37
N GLY E 359 -26.91 33.28 -39.59
CA GLY E 359 -26.51 31.89 -39.62
C GLY E 359 -25.40 31.65 -40.63
N VAL E 360 -24.31 31.05 -40.17
CA VAL E 360 -23.06 31.04 -40.95
C VAL E 360 -23.25 30.38 -42.31
N LEU E 361 -24.08 29.33 -42.39
CA LEU E 361 -24.27 28.64 -43.66
C LEU E 361 -25.30 29.29 -44.58
N ASP E 362 -25.93 30.38 -44.18
CA ASP E 362 -27.01 30.96 -44.98
C ASP E 362 -26.54 31.34 -46.38
N LYS F 1 -3.95 -38.84 -25.74
CA LYS F 1 -4.63 -37.64 -26.21
C LYS F 1 -4.66 -36.54 -25.13
N GLN F 2 -5.13 -35.35 -25.49
CA GLN F 2 -4.96 -34.18 -24.65
C GLN F 2 -6.17 -33.25 -24.66
N VAL F 3 -6.25 -32.44 -23.61
CA VAL F 3 -7.32 -31.46 -23.42
C VAL F 3 -7.23 -30.38 -24.49
N SER F 4 -8.34 -30.13 -25.18
CA SER F 4 -8.45 -28.94 -26.03
C SER F 4 -8.69 -27.72 -25.15
N TRP F 5 -7.71 -26.82 -25.06
CA TRP F 5 -7.98 -25.55 -24.40
C TRP F 5 -9.01 -24.73 -25.17
N LYS F 6 -9.09 -24.93 -26.48
CA LYS F 6 -10.02 -24.15 -27.28
C LYS F 6 -11.48 -24.48 -26.97
N LEU F 7 -11.81 -25.75 -26.76
CA LEU F 7 -13.17 -26.11 -26.37
C LEU F 7 -13.55 -25.43 -25.06
N VAL F 8 -12.64 -25.37 -24.09
CA VAL F 8 -12.94 -24.66 -22.85
C VAL F 8 -13.15 -23.19 -23.12
N THR F 9 -12.42 -22.63 -24.08
CA THR F 9 -12.58 -21.22 -24.43
C THR F 9 -13.90 -20.96 -25.14
N GLU F 10 -14.32 -21.86 -26.02
CA GLU F 10 -15.62 -21.72 -26.67
C GLU F 10 -16.76 -21.74 -25.65
N TYR F 11 -16.76 -22.71 -24.75
CA TYR F 11 -17.79 -22.77 -23.73
C TYR F 11 -17.80 -21.51 -22.88
N ALA F 12 -16.63 -20.97 -22.55
CA ALA F 12 -16.59 -19.71 -21.82
C ALA F 12 -17.21 -18.57 -22.62
N MET F 13 -17.00 -18.54 -23.93
CA MET F 13 -17.61 -17.48 -24.75
C MET F 13 -19.10 -17.70 -24.95
N GLU F 14 -19.53 -18.94 -25.20
CA GLU F 14 -20.94 -19.19 -25.43
C GLU F 14 -21.79 -18.96 -24.18
N THR F 15 -21.23 -19.20 -23.00
CA THR F 15 -21.89 -18.82 -21.75
C THR F 15 -21.52 -17.42 -21.29
N LYS F 16 -20.63 -16.74 -22.01
CA LYS F 16 -20.13 -15.42 -21.62
C LYS F 16 -19.58 -15.38 -20.20
N CYS F 17 -19.03 -16.51 -19.74
CA CYS F 17 -18.56 -16.66 -18.37
C CYS F 17 -17.21 -15.97 -18.18
N ASP F 18 -17.11 -15.14 -17.14
CA ASP F 18 -15.89 -14.36 -16.91
C ASP F 18 -15.46 -14.40 -15.44
N ASP F 19 -15.69 -15.51 -14.75
CA ASP F 19 -15.05 -15.81 -13.48
C ASP F 19 -14.38 -17.19 -13.56
N VAL F 20 -13.10 -17.25 -13.15
CA VAL F 20 -12.31 -18.46 -13.34
C VAL F 20 -12.78 -19.62 -12.46
N LEU F 21 -13.21 -19.36 -11.22
CA LEU F 21 -13.72 -20.46 -10.40
C LEU F 21 -15.10 -20.90 -10.84
N LEU F 22 -15.96 -19.96 -11.21
CA LEU F 22 -17.27 -20.33 -11.75
C LEU F 22 -17.10 -21.18 -13.01
N LEU F 23 -16.22 -20.78 -13.92
CA LEU F 23 -15.94 -21.59 -15.10
C LEU F 23 -15.36 -22.95 -14.73
N LEU F 24 -14.43 -22.99 -13.79
CA LEU F 24 -13.85 -24.26 -13.37
C LEU F 24 -14.92 -25.20 -12.83
N GLY F 25 -15.78 -24.69 -11.96
CA GLY F 25 -16.80 -25.55 -11.37
C GLY F 25 -17.77 -26.09 -12.41
N MET F 26 -18.27 -25.21 -13.27
CA MET F 26 -19.24 -25.63 -14.28
C MET F 26 -18.65 -26.61 -15.26
N TYR F 27 -17.42 -26.38 -15.72
CA TYR F 27 -16.84 -27.33 -16.68
C TYR F 27 -16.54 -28.67 -16.04
N LEU F 28 -16.27 -28.71 -14.75
CA LEU F 28 -16.04 -29.98 -14.06
C LEU F 28 -17.30 -30.84 -13.99
N GLU F 29 -18.48 -30.23 -14.03
CA GLU F 29 -19.71 -31.02 -14.00
C GLU F 29 -19.82 -31.97 -15.18
N PHE F 30 -19.26 -31.59 -16.33
CA PHE F 30 -19.41 -32.40 -17.53
C PHE F 30 -18.65 -33.72 -17.49
N GLN F 31 -17.84 -33.97 -16.48
CA GLN F 31 -17.06 -35.20 -16.45
C GLN F 31 -17.90 -36.46 -16.29
N TYR F 32 -19.14 -36.33 -15.84
CA TYR F 32 -20.03 -37.48 -15.67
C TYR F 32 -20.76 -37.84 -16.97
N SER F 33 -21.14 -39.11 -17.08
CA SER F 33 -21.79 -39.60 -18.29
C SER F 33 -23.13 -38.92 -18.52
N PHE F 34 -23.28 -38.28 -19.68
CA PHE F 34 -24.50 -37.57 -20.01
C PHE F 34 -25.70 -38.51 -20.17
N GLU F 35 -25.47 -39.78 -20.48
CA GLU F 35 -26.54 -40.76 -20.54
C GLU F 35 -27.34 -40.88 -19.24
N MET F 36 -26.75 -40.52 -18.11
CA MET F 36 -27.39 -40.64 -16.81
C MET F 36 -27.70 -39.30 -16.16
N CYS F 37 -27.35 -38.19 -16.80
CA CYS F 37 -27.18 -36.92 -16.12
C CYS F 37 -28.52 -36.34 -15.65
N LEU F 38 -28.70 -36.31 -14.34
CA LEU F 38 -29.93 -35.77 -13.74
C LEU F 38 -30.11 -34.27 -13.99
N LYS F 39 -29.02 -33.51 -14.03
CA LYS F 39 -29.14 -32.07 -14.34
C LYS F 39 -29.65 -31.84 -15.75
N CYS F 40 -29.30 -32.71 -16.69
CA CYS F 40 -29.93 -32.67 -18.01
C CYS F 40 -31.38 -33.14 -17.94
N ILE F 41 -31.63 -34.31 -17.37
CA ILE F 41 -32.98 -34.87 -17.36
C ILE F 41 -33.97 -33.91 -16.70
N LYS F 42 -33.55 -33.21 -15.66
CA LYS F 42 -34.38 -32.19 -15.03
C LYS F 42 -34.42 -30.87 -15.79
N LYS F 43 -33.56 -30.69 -16.79
CA LYS F 43 -33.49 -29.45 -17.58
C LYS F 43 -33.37 -28.21 -16.70
N GLU F 44 -32.53 -28.28 -15.67
CA GLU F 44 -32.45 -27.21 -14.67
C GLU F 44 -31.92 -25.92 -15.28
N GLN F 45 -30.75 -25.98 -15.92
CA GLN F 45 -30.03 -24.79 -16.35
C GLN F 45 -29.53 -24.95 -17.78
N PRO F 46 -29.75 -23.98 -18.65
CA PRO F 46 -29.29 -24.14 -20.03
C PRO F 46 -27.78 -24.24 -20.13
N SER F 47 -27.07 -23.47 -19.31
CA SER F 47 -25.62 -23.54 -19.23
C SER F 47 -25.11 -24.92 -18.87
N HIS F 48 -25.96 -25.82 -18.39
CA HIS F 48 -25.61 -27.23 -18.34
C HIS F 48 -26.20 -28.04 -19.49
N TYR F 49 -27.52 -28.07 -19.62
CA TYR F 49 -28.14 -29.10 -20.46
C TYR F 49 -27.91 -28.87 -21.95
N LYS F 50 -27.64 -27.64 -22.38
CA LYS F 50 -27.33 -27.42 -23.79
C LYS F 50 -26.01 -28.08 -24.18
N TYR F 51 -25.04 -28.12 -23.26
CA TYR F 51 -23.64 -28.28 -23.61
C TYR F 51 -23.02 -29.59 -23.17
N HIS F 52 -23.59 -30.25 -22.17
CA HIS F 52 -22.95 -31.42 -21.56
C HIS F 52 -22.56 -32.49 -22.57
N GLU F 53 -23.50 -32.85 -23.45
CA GLU F 53 -23.21 -33.91 -24.43
C GLU F 53 -22.03 -33.56 -25.32
N LYS F 54 -21.89 -32.29 -25.70
CA LYS F 54 -20.79 -31.87 -26.54
C LYS F 54 -19.45 -31.95 -25.82
N HIS F 55 -19.38 -31.40 -24.60
CA HIS F 55 -18.12 -31.25 -23.88
C HIS F 55 -17.71 -32.48 -23.07
N TYR F 56 -18.62 -33.42 -22.84
CA TYR F 56 -18.33 -34.60 -22.03
C TYR F 56 -16.99 -35.24 -22.37
N ALA F 57 -16.72 -35.47 -23.65
CA ALA F 57 -15.49 -36.15 -24.03
C ALA F 57 -14.25 -35.36 -23.68
N ASN F 58 -14.33 -34.03 -23.68
CA ASN F 58 -13.19 -33.20 -23.28
C ASN F 58 -13.08 -33.09 -21.77
N ALA F 59 -14.22 -32.93 -21.09
CA ALA F 59 -14.19 -32.80 -19.64
C ALA F 59 -13.68 -34.06 -18.95
N ALA F 60 -13.93 -35.23 -19.52
CA ALA F 60 -13.34 -36.45 -18.98
C ALA F 60 -11.81 -36.42 -18.96
N ILE F 61 -11.19 -35.73 -19.92
CA ILE F 61 -9.74 -35.57 -19.89
C ILE F 61 -9.34 -34.44 -18.95
N PHE F 62 -10.06 -33.32 -19.04
CA PHE F 62 -9.77 -32.15 -18.21
C PHE F 62 -9.76 -32.50 -16.74
N ALA F 63 -10.62 -33.43 -16.32
CA ALA F 63 -10.66 -33.84 -14.92
C ALA F 63 -9.35 -34.43 -14.40
N ASP F 64 -8.51 -34.98 -15.27
CA ASP F 64 -7.20 -35.49 -14.87
C ASP F 64 -6.08 -34.48 -15.02
N SER F 65 -6.36 -33.30 -15.55
CA SER F 65 -5.32 -32.30 -15.76
C SER F 65 -4.77 -31.76 -14.44
N LYS F 66 -3.49 -31.40 -14.47
CA LYS F 66 -2.81 -30.75 -13.37
C LYS F 66 -2.75 -29.24 -13.51
N ASN F 67 -3.42 -28.68 -14.52
CA ASN F 67 -3.29 -27.28 -14.90
C ASN F 67 -4.63 -26.56 -14.88
N GLN F 68 -5.64 -27.15 -14.25
CA GLN F 68 -7.02 -26.77 -14.53
C GLN F 68 -7.26 -25.28 -14.34
N LYS F 69 -6.67 -24.67 -13.33
CA LYS F 69 -6.82 -23.24 -13.15
C LYS F 69 -6.08 -22.44 -14.21
N THR F 70 -5.01 -23.00 -14.78
CA THR F 70 -4.35 -22.37 -15.92
C THR F 70 -5.24 -22.36 -17.15
N ILE F 71 -5.84 -23.51 -17.47
CA ILE F 71 -6.67 -23.60 -18.66
C ILE F 71 -7.83 -22.63 -18.57
N CYS F 72 -8.48 -22.55 -17.42
CA CYS F 72 -9.61 -21.65 -17.25
C CYS F 72 -9.19 -20.19 -17.26
N GLN F 73 -7.98 -19.85 -16.82
CA GLN F 73 -7.53 -18.46 -16.92
C GLN F 73 -7.49 -17.97 -18.37
N GLN F 74 -6.93 -18.76 -19.28
CA GLN F 74 -6.91 -18.33 -20.68
C GLN F 74 -8.32 -18.16 -21.23
N ALA F 75 -9.21 -19.08 -20.91
CA ALA F 75 -10.59 -18.97 -21.37
C ALA F 75 -11.25 -17.69 -20.88
N VAL F 76 -11.09 -17.37 -19.60
CA VAL F 76 -11.66 -16.13 -19.06
C VAL F 76 -11.05 -14.90 -19.72
N ASP F 77 -9.75 -14.85 -19.91
CA ASP F 77 -9.15 -13.67 -20.53
C ASP F 77 -9.62 -13.45 -21.96
N THR F 78 -9.94 -14.53 -22.67
CA THR F 78 -10.53 -14.35 -24.00
C THR F 78 -11.85 -13.61 -23.94
N VAL F 79 -12.67 -13.90 -22.93
CA VAL F 79 -13.93 -13.18 -22.76
C VAL F 79 -13.71 -11.74 -22.31
N LEU F 80 -12.80 -11.51 -21.36
CA LEU F 80 -12.52 -10.15 -20.95
C LEU F 80 -11.91 -9.31 -22.07
N ALA F 81 -11.05 -9.91 -22.89
CA ALA F 81 -10.48 -9.18 -24.01
C ALA F 81 -11.55 -8.76 -25.00
N LYS F 82 -12.42 -9.70 -25.38
CA LYS F 82 -13.53 -9.36 -26.26
C LYS F 82 -14.44 -8.29 -25.66
N LYS F 83 -14.70 -8.36 -24.36
CA LYS F 83 -15.45 -7.29 -23.71
C LYS F 83 -14.79 -5.93 -23.88
N ARG F 84 -13.47 -5.86 -23.73
CA ARG F 84 -12.79 -4.57 -23.88
C ARG F 84 -12.76 -4.07 -25.32
N VAL F 85 -12.61 -4.98 -26.29
CA VAL F 85 -12.67 -4.58 -27.70
C VAL F 85 -13.99 -3.87 -28.01
N ASP F 86 -15.11 -4.42 -27.53
CA ASP F 86 -16.39 -3.76 -27.75
C ASP F 86 -16.49 -2.44 -26.99
N SER F 87 -16.16 -2.44 -25.71
CA SER F 87 -16.36 -1.25 -24.88
C SER F 87 -15.70 -0.01 -25.45
N LEU F 88 -14.54 -0.16 -26.08
CA LEU F 88 -13.82 0.98 -26.63
C LEU F 88 -14.52 1.60 -27.84
N GLN F 89 -15.43 0.87 -28.48
CA GLN F 89 -16.02 1.27 -29.75
C GLN F 89 -17.53 1.43 -29.66
N LEU F 90 -18.06 1.42 -28.44
CA LEU F 90 -19.49 1.45 -28.16
C LEU F 90 -20.10 2.84 -28.35
N THR F 91 -21.15 2.94 -29.17
CA THR F 91 -21.90 4.19 -29.28
C THR F 91 -22.76 4.41 -28.05
N ARG F 92 -23.02 5.68 -27.74
CA ARG F 92 -23.75 6.00 -26.52
C ARG F 92 -25.19 5.49 -26.54
N GLU F 93 -25.80 5.35 -27.71
CA GLU F 93 -27.12 4.73 -27.77
C GLU F 93 -27.07 3.23 -27.51
N GLN F 94 -26.03 2.56 -28.01
CA GLN F 94 -25.87 1.14 -27.73
C GLN F 94 -25.62 0.88 -26.26
N MET F 95 -24.93 1.81 -25.59
CA MET F 95 -24.74 1.72 -24.16
C MET F 95 -26.07 1.62 -23.41
N LEU F 96 -27.03 2.48 -23.74
CA LEU F 96 -28.34 2.38 -23.10
C LEU F 96 -29.18 1.22 -23.65
N THR F 97 -28.97 0.85 -24.91
CA THR F 97 -29.61 -0.35 -25.44
C THR F 97 -29.24 -1.59 -24.63
N ASN F 98 -27.97 -1.72 -24.28
CA ASN F 98 -27.52 -2.79 -23.38
C ASN F 98 -28.21 -2.73 -22.03
N ARG F 99 -28.20 -1.56 -21.39
CA ARG F 99 -28.81 -1.41 -20.07
C ARG F 99 -30.26 -1.90 -20.01
N PHE F 100 -31.08 -1.58 -21.00
CA PHE F 100 -32.45 -2.09 -21.00
C PHE F 100 -32.53 -3.57 -21.37
N ASN F 101 -31.70 -4.04 -22.29
CA ASN F 101 -31.70 -5.47 -22.61
C ASN F 101 -31.39 -6.29 -21.38
N ASP F 102 -30.45 -5.82 -20.56
CA ASP F 102 -30.20 -6.43 -19.25
C ASP F 102 -31.37 -6.29 -18.29
N LEU F 103 -32.04 -5.14 -18.28
CA LEU F 103 -33.25 -5.00 -17.46
C LEU F 103 -34.40 -5.89 -17.96
N LEU F 104 -34.41 -6.24 -19.24
CA LEU F 104 -35.36 -7.25 -19.71
C LEU F 104 -34.99 -8.67 -19.24
N ASP F 105 -33.70 -9.02 -19.21
CA ASP F 105 -33.31 -10.27 -18.57
C ASP F 105 -33.78 -10.35 -17.13
N ARG F 106 -33.75 -9.23 -16.41
CA ARG F 106 -34.29 -9.22 -15.06
C ARG F 106 -35.81 -9.30 -15.05
N MET F 107 -36.49 -8.62 -15.97
CA MET F 107 -37.95 -8.71 -16.00
C MET F 107 -38.45 -10.09 -16.40
N ASP F 108 -37.70 -10.82 -17.22
CA ASP F 108 -38.01 -12.23 -17.49
C ASP F 108 -38.05 -13.09 -16.23
N ILE F 109 -37.61 -12.57 -15.08
CA ILE F 109 -37.82 -13.28 -13.80
C ILE F 109 -39.28 -13.27 -13.39
N MET F 110 -39.99 -12.15 -13.57
CA MET F 110 -41.41 -12.14 -13.27
C MET F 110 -42.24 -12.74 -14.40
N PHE F 111 -41.66 -12.88 -15.59
CA PHE F 111 -42.30 -13.57 -16.71
C PHE F 111 -42.39 -15.07 -16.42
N GLY F 112 -43.63 -15.57 -16.30
CA GLY F 112 -43.87 -17.01 -16.28
C GLY F 112 -43.27 -17.77 -15.12
N SER F 113 -42.93 -17.08 -14.03
CA SER F 113 -42.45 -17.73 -12.82
C SER F 113 -42.96 -16.96 -11.62
N THR F 114 -43.16 -17.66 -10.49
CA THR F 114 -43.72 -17.06 -9.29
C THR F 114 -42.68 -16.33 -8.45
N GLY F 115 -41.42 -16.32 -8.86
CA GLY F 115 -40.36 -15.68 -8.11
C GLY F 115 -40.38 -14.16 -8.18
N SER F 116 -41.55 -13.54 -8.00
CA SER F 116 -41.63 -12.09 -8.05
C SER F 116 -42.91 -11.61 -7.36
N ALA F 117 -42.90 -10.33 -6.98
CA ALA F 117 -44.10 -9.66 -6.51
C ALA F 117 -45.19 -9.67 -7.59
N ASP F 118 -46.44 -9.62 -7.14
CA ASP F 118 -47.58 -9.66 -8.06
C ASP F 118 -47.66 -8.41 -8.92
N ILE F 119 -47.70 -8.60 -10.24
CA ILE F 119 -47.65 -7.51 -11.20
C ILE F 119 -48.84 -6.56 -11.11
N GLU F 120 -49.98 -7.00 -10.57
CA GLU F 120 -51.15 -6.13 -10.49
C GLU F 120 -50.90 -4.89 -9.62
N GLU F 121 -50.16 -5.04 -8.52
CA GLU F 121 -49.80 -3.87 -7.71
C GLU F 121 -48.61 -3.09 -8.28
N TRP F 122 -47.79 -3.71 -9.13
CA TRP F 122 -46.83 -2.94 -9.91
C TRP F 122 -47.50 -2.07 -10.97
N MET F 123 -48.54 -2.58 -11.63
CA MET F 123 -49.32 -1.71 -12.51
C MET F 123 -50.04 -0.62 -11.74
N ALA F 124 -50.46 -0.88 -10.50
CA ALA F 124 -50.90 0.22 -9.65
C ALA F 124 -49.78 1.24 -9.43
N GLY F 125 -48.54 0.77 -9.36
CA GLY F 125 -47.41 1.70 -9.42
C GLY F 125 -47.35 2.50 -10.70
N VAL F 126 -47.50 1.83 -11.84
CA VAL F 126 -47.52 2.53 -13.12
C VAL F 126 -48.63 3.58 -13.13
N ALA F 127 -49.83 3.21 -12.72
CA ALA F 127 -50.94 4.14 -12.70
C ALA F 127 -50.70 5.32 -11.75
N TRP F 128 -50.14 5.09 -10.56
CA TRP F 128 -49.95 6.20 -9.64
C TRP F 128 -48.90 7.20 -10.14
N LEU F 129 -47.75 6.72 -10.62
CA LEU F 129 -46.76 7.62 -11.21
C LEU F 129 -47.33 8.40 -12.39
N HIS F 130 -48.11 7.75 -13.25
CA HIS F 130 -48.71 8.43 -14.37
C HIS F 130 -49.75 9.48 -13.97
N CYS F 131 -50.09 9.58 -12.68
CA CYS F 131 -50.90 10.69 -12.18
C CYS F 131 -50.08 11.79 -11.53
N LEU F 132 -48.77 11.59 -11.34
CA LEU F 132 -47.94 12.57 -10.66
C LEU F 132 -47.63 13.79 -11.54
N LEU F 133 -47.27 13.56 -12.81
CA LEU F 133 -46.97 14.65 -13.75
C LEU F 133 -47.82 14.53 -15.01
N PRO F 134 -48.23 15.66 -15.59
CA PRO F 134 -48.87 15.62 -16.92
C PRO F 134 -48.08 14.84 -17.96
N LYS F 135 -48.78 13.97 -18.67
CA LYS F 135 -48.22 13.14 -19.75
C LYS F 135 -46.89 12.51 -19.34
N MET F 136 -46.90 11.91 -18.16
CA MET F 136 -45.69 11.41 -17.51
C MET F 136 -44.78 10.59 -18.42
N ASP F 137 -45.33 9.70 -19.24
CA ASP F 137 -44.48 8.84 -20.06
C ASP F 137 -43.68 9.61 -21.10
N SER F 138 -44.22 10.71 -21.62
CA SER F 138 -43.42 11.52 -22.54
C SER F 138 -42.23 12.13 -21.82
N VAL F 139 -42.46 12.65 -20.62
CA VAL F 139 -41.37 13.21 -19.83
C VAL F 139 -40.25 12.19 -19.66
N VAL F 140 -40.58 10.93 -19.43
CA VAL F 140 -39.54 9.91 -19.35
C VAL F 140 -38.86 9.72 -20.70
N TYR F 141 -39.62 9.61 -21.78
CA TYR F 141 -38.98 9.36 -23.07
C TYR F 141 -38.15 10.55 -23.53
N ASP F 142 -38.67 11.77 -23.37
CA ASP F 142 -37.91 12.95 -23.75
C ASP F 142 -36.61 13.06 -22.96
N PHE F 143 -36.70 12.86 -21.65
CA PHE F 143 -35.48 12.82 -20.84
C PHE F 143 -34.53 11.73 -21.31
N LEU F 144 -35.04 10.53 -21.52
CA LEU F 144 -34.17 9.45 -21.96
C LEU F 144 -33.41 9.83 -23.23
N LYS F 145 -34.11 10.38 -24.23
CA LYS F 145 -33.43 10.72 -25.47
C LYS F 145 -32.43 11.85 -25.26
N CYS F 146 -32.77 12.81 -24.41
CA CYS F 146 -31.84 13.88 -24.06
C CYS F 146 -30.53 13.34 -23.49
N MET F 147 -30.61 12.39 -22.57
CA MET F 147 -29.40 11.79 -22.01
C MET F 147 -28.62 11.00 -23.03
N VAL F 148 -29.27 10.46 -24.05
CA VAL F 148 -28.55 9.69 -25.07
C VAL F 148 -27.78 10.61 -26.02
N TYR F 149 -28.36 11.73 -26.45
CA TYR F 149 -27.65 12.58 -27.40
C TYR F 149 -26.51 13.36 -26.76
N ASN F 150 -26.59 13.65 -25.47
CA ASN F 150 -25.48 14.32 -24.75
C ASN F 150 -25.08 15.66 -25.36
N ILE F 151 -26.05 16.41 -25.88
CA ILE F 151 -25.79 17.66 -26.60
C ILE F 151 -25.30 18.75 -25.64
N PRO F 152 -24.15 19.36 -25.86
CA PRO F 152 -23.64 20.36 -24.91
C PRO F 152 -24.57 21.56 -24.74
N LYS F 153 -24.54 22.11 -23.52
CA LYS F 153 -25.50 23.09 -23.00
C LYS F 153 -26.93 22.60 -22.89
N LYS F 154 -27.23 21.38 -23.33
CA LYS F 154 -28.61 20.90 -23.34
C LYS F 154 -28.74 19.59 -22.56
N ARG F 155 -28.22 19.55 -21.33
CA ARG F 155 -27.95 18.30 -20.65
C ARG F 155 -28.54 18.16 -19.25
N TYR F 156 -29.13 19.19 -18.67
CA TYR F 156 -29.57 19.15 -17.27
C TYR F 156 -31.00 19.61 -17.10
N TRP F 157 -31.73 18.88 -16.24
CA TRP F 157 -33.13 19.13 -15.90
C TRP F 157 -33.24 19.42 -14.41
N LEU F 158 -34.09 20.39 -14.05
CA LEU F 158 -34.23 20.85 -12.67
C LEU F 158 -35.61 20.51 -12.11
N PHE F 159 -35.65 19.76 -11.02
CA PHE F 159 -36.90 19.37 -10.35
C PHE F 159 -37.07 20.21 -9.08
N LYS F 160 -38.07 21.12 -9.07
CA LYS F 160 -38.32 21.99 -7.92
C LYS F 160 -39.62 21.62 -7.22
N GLY F 161 -39.57 21.49 -5.89
CA GLY F 161 -40.76 21.32 -5.10
C GLY F 161 -40.49 21.17 -3.61
N PRO F 162 -41.55 21.29 -2.79
CA PRO F 162 -41.39 21.13 -1.34
C PRO F 162 -41.09 19.69 -0.91
N ILE F 163 -41.07 19.45 0.40
CA ILE F 163 -41.20 18.09 0.92
C ILE F 163 -42.57 17.50 0.56
N ASP F 164 -42.68 16.18 0.63
CA ASP F 164 -43.92 15.47 0.30
C ASP F 164 -44.41 15.82 -1.10
N SER F 165 -43.48 15.90 -2.04
CA SER F 165 -43.76 16.39 -3.37
C SER F 165 -43.40 15.39 -4.46
N GLY F 166 -42.92 14.20 -4.10
CA GLY F 166 -42.64 13.14 -5.05
C GLY F 166 -41.38 13.30 -5.87
N LYS F 167 -40.80 14.50 -5.90
CA LYS F 167 -39.66 14.74 -6.79
C LYS F 167 -38.50 13.77 -6.53
N THR F 168 -38.21 13.49 -5.26
CA THR F 168 -37.15 12.53 -4.95
C THR F 168 -37.51 11.09 -5.35
N THR F 169 -38.77 10.68 -5.19
CA THR F 169 -39.15 9.37 -5.70
C THR F 169 -38.94 9.25 -7.20
N LEU F 170 -39.33 10.27 -7.97
CA LEU F 170 -39.12 10.19 -9.41
C LEU F 170 -37.64 10.26 -9.76
N ALA F 171 -36.88 11.08 -9.04
CA ALA F 171 -35.43 11.12 -9.28
C ALA F 171 -34.79 9.77 -9.00
N ALA F 172 -35.12 9.16 -7.87
CA ALA F 172 -34.63 7.82 -7.58
C ALA F 172 -35.08 6.81 -8.63
N ALA F 173 -36.32 6.93 -9.12
CA ALA F 173 -36.78 6.07 -10.19
C ALA F 173 -35.99 6.29 -11.48
N LEU F 174 -35.78 7.55 -11.86
CA LEU F 174 -35.00 7.84 -13.06
C LEU F 174 -33.56 7.38 -12.90
N LEU F 175 -33.00 7.60 -11.73
CA LEU F 175 -31.64 7.12 -11.44
C LEU F 175 -31.52 5.62 -11.60
N GLU F 176 -32.48 4.87 -11.08
CA GLU F 176 -32.46 3.41 -11.18
C GLU F 176 -32.80 2.91 -12.59
N LEU F 177 -33.59 3.66 -13.36
CA LEU F 177 -33.74 3.32 -14.76
C LEU F 177 -32.41 3.41 -15.49
N CYS F 178 -31.68 4.50 -15.29
CA CYS F 178 -30.54 4.85 -16.14
C CYS F 178 -29.20 4.31 -15.66
N GLY F 179 -29.00 4.15 -14.35
CA GLY F 179 -27.75 3.62 -13.83
C GLY F 179 -26.66 4.62 -13.48
N GLY F 180 -27.03 5.85 -13.17
CA GLY F 180 -26.09 6.84 -12.65
C GLY F 180 -25.81 6.70 -11.17
N LYS F 181 -25.31 7.80 -10.57
CA LYS F 181 -25.14 7.89 -9.13
C LYS F 181 -25.46 9.30 -8.65
N ALA F 182 -25.78 9.40 -7.36
CA ALA F 182 -26.20 10.66 -6.75
C ALA F 182 -25.08 11.30 -5.92
N LEU F 183 -24.94 12.62 -6.07
CA LEU F 183 -23.85 13.41 -5.51
C LEU F 183 -24.37 14.48 -4.57
N ASN F 184 -23.58 14.80 -3.53
CA ASN F 184 -23.89 15.86 -2.58
C ASN F 184 -22.99 17.07 -2.84
N VAL F 185 -23.60 18.24 -2.99
CA VAL F 185 -22.89 19.49 -3.30
C VAL F 185 -23.03 20.55 -2.21
N ASN F 186 -23.65 20.24 -1.09
CA ASN F 186 -23.82 21.18 0.02
C ASN F 186 -22.54 21.39 0.84
N LEU F 187 -21.45 20.70 0.52
CA LEU F 187 -20.23 20.74 1.31
C LEU F 187 -19.48 22.06 1.16
N PRO F 188 -18.55 22.35 2.07
CA PRO F 188 -17.54 23.40 1.79
C PRO F 188 -16.63 23.00 0.64
N LEU F 189 -16.04 24.03 0.01
CA LEU F 189 -15.22 23.82 -1.18
C LEU F 189 -14.09 22.81 -0.96
N ASP F 190 -13.62 22.68 0.29
CA ASP F 190 -12.62 21.67 0.64
C ASP F 190 -12.90 20.28 0.07
N ARG F 191 -14.16 19.86 0.05
CA ARG F 191 -14.48 18.45 -0.07
C ARG F 191 -15.02 18.06 -1.45
N LEU F 192 -15.33 19.04 -2.29
CA LEU F 192 -16.04 18.78 -3.54
C LEU F 192 -15.24 17.94 -4.54
N ASN F 193 -13.91 18.01 -4.52
CA ASN F 193 -13.13 17.23 -5.47
C ASN F 193 -13.47 15.75 -5.44
N PHE F 194 -13.47 15.15 -4.26
CA PHE F 194 -13.74 13.72 -4.15
C PHE F 194 -15.20 13.39 -4.38
N GLU F 195 -16.11 14.32 -4.10
CA GLU F 195 -17.50 14.15 -4.50
C GLU F 195 -17.63 14.05 -6.01
N LEU F 196 -17.08 15.02 -6.73
CA LEU F 196 -17.19 15.04 -8.18
C LEU F 196 -16.49 13.84 -8.82
N GLY F 197 -15.40 13.35 -8.23
CA GLY F 197 -14.73 12.18 -8.76
C GLY F 197 -15.57 10.93 -8.82
N VAL F 198 -16.69 10.88 -8.10
CA VAL F 198 -17.62 9.76 -8.21
C VAL F 198 -18.15 9.60 -9.63
N ALA F 199 -18.24 10.68 -10.39
CA ALA F 199 -18.84 10.68 -11.72
C ALA F 199 -17.99 10.04 -12.81
N ILE F 200 -16.82 9.51 -12.49
CA ILE F 200 -15.93 8.97 -13.52
C ILE F 200 -16.53 7.72 -14.18
N ASP F 201 -16.42 7.65 -15.51
CA ASP F 201 -16.85 6.50 -16.31
C ASP F 201 -18.32 6.13 -16.10
N GLN F 202 -19.21 7.12 -16.21
CA GLN F 202 -20.58 6.95 -15.73
C GLN F 202 -21.59 7.61 -16.67
N PHE F 203 -22.82 7.06 -16.68
CA PHE F 203 -23.84 7.50 -17.64
C PHE F 203 -24.57 8.76 -17.20
N LEU F 204 -24.99 8.86 -15.94
CA LEU F 204 -25.63 10.05 -15.40
C LEU F 204 -24.98 10.47 -14.09
N VAL F 205 -25.35 11.64 -13.61
CA VAL F 205 -25.35 11.96 -12.19
C VAL F 205 -26.70 12.54 -11.79
N VAL F 206 -26.95 12.58 -10.48
CA VAL F 206 -28.09 13.28 -9.90
C VAL F 206 -27.59 14.11 -8.72
N PHE F 207 -28.06 15.35 -8.62
CA PHE F 207 -27.73 16.23 -7.50
C PHE F 207 -28.93 16.37 -6.56
N GLU F 208 -28.71 16.14 -5.28
CA GLU F 208 -29.78 15.99 -4.30
C GLU F 208 -29.81 17.08 -3.25
N ASP F 209 -31.01 17.59 -2.97
CA ASP F 209 -31.27 18.58 -1.89
C ASP F 209 -30.28 19.72 -1.89
N VAL F 210 -30.01 20.27 -3.07
CA VAL F 210 -29.05 21.35 -3.20
C VAL F 210 -29.62 22.60 -2.50
N LYS F 211 -29.08 22.92 -1.32
CA LYS F 211 -29.63 23.97 -0.46
C LYS F 211 -29.32 25.37 -0.96
N GLY F 212 -30.28 26.28 -0.76
CA GLY F 212 -30.10 27.69 -1.05
C GLY F 212 -29.71 28.53 0.15
N THR F 213 -29.89 29.85 -0.01
CA THR F 213 -29.62 30.84 1.02
C THR F 213 -30.87 31.66 1.32
N GLY F 214 -31.01 32.10 2.58
CA GLY F 214 -32.19 32.83 2.99
C GLY F 214 -33.42 31.99 3.24
N GLY F 215 -33.25 30.68 3.45
CA GLY F 215 -34.35 29.76 3.63
C GLY F 215 -35.22 30.04 4.84
N GLU F 216 -34.70 30.74 5.84
CA GLU F 216 -35.50 31.16 6.99
C GLU F 216 -36.77 31.91 6.58
N SER F 217 -36.81 32.47 5.38
CA SER F 217 -38.03 33.05 4.83
C SER F 217 -39.20 32.07 4.82
N ARG F 218 -38.90 30.77 4.79
CA ARG F 218 -39.91 29.72 4.72
C ARG F 218 -39.59 28.61 5.72
N ASP F 219 -38.75 28.88 6.70
CA ASP F 219 -38.18 27.88 7.61
C ASP F 219 -37.50 26.74 6.86
N LEU F 220 -36.90 27.05 5.70
CA LEU F 220 -36.00 26.12 5.04
C LEU F 220 -34.59 26.27 5.61
N PRO F 221 -33.84 25.17 5.76
CA PRO F 221 -32.44 25.27 6.18
C PRO F 221 -31.60 25.87 5.07
N SER F 222 -30.34 26.18 5.38
CA SER F 222 -29.41 26.69 4.38
C SER F 222 -28.07 25.96 4.40
N GLY F 223 -27.47 25.86 3.22
CA GLY F 223 -26.17 25.27 2.99
C GLY F 223 -25.68 25.68 1.62
N GLN F 224 -24.41 25.41 1.34
CA GLN F 224 -23.75 26.06 0.20
C GLN F 224 -24.15 25.51 -1.16
N GLY F 225 -25.10 24.58 -1.25
CA GLY F 225 -25.38 23.88 -2.48
C GLY F 225 -25.50 24.75 -3.72
N ILE F 226 -26.43 25.70 -3.70
CA ILE F 226 -26.66 26.56 -4.87
C ILE F 226 -25.43 27.40 -5.17
N ASN F 227 -24.81 27.94 -4.14
CA ASN F 227 -23.60 28.74 -4.33
C ASN F 227 -22.49 27.93 -4.98
N ASN F 228 -22.34 26.66 -4.60
CA ASN F 228 -21.36 25.79 -5.25
C ASN F 228 -21.72 25.45 -6.69
N LEU F 229 -22.94 24.97 -6.93
CA LEU F 229 -23.30 24.48 -8.25
C LEU F 229 -23.21 25.56 -9.32
N ASP F 230 -23.43 26.82 -8.95
CA ASP F 230 -23.24 27.92 -9.89
C ASP F 230 -21.82 27.98 -10.44
N ASN F 231 -20.82 27.55 -9.67
CA ASN F 231 -19.44 27.56 -10.15
C ASN F 231 -19.08 26.41 -11.09
N LEU F 232 -19.83 25.32 -11.08
CA LEU F 232 -19.47 24.11 -11.84
C LEU F 232 -19.83 24.18 -13.32
N ARG F 233 -19.82 25.37 -13.91
CA ARG F 233 -20.39 25.56 -15.25
C ARG F 233 -19.76 24.64 -16.30
N ASP F 234 -18.45 24.40 -16.22
CA ASP F 234 -17.82 23.53 -17.21
C ASP F 234 -18.19 22.07 -17.03
N TYR F 235 -18.50 21.66 -15.80
CA TYR F 235 -19.01 20.32 -15.59
C TYR F 235 -20.42 20.15 -16.16
N LEU F 236 -21.28 21.16 -15.97
CA LEU F 236 -22.63 21.10 -16.49
C LEU F 236 -22.67 21.16 -18.02
N ASP F 237 -22.15 22.24 -18.61
CA ASP F 237 -22.35 22.45 -20.04
C ASP F 237 -21.79 21.32 -20.90
N GLY F 238 -20.68 20.72 -20.49
CA GLY F 238 -20.18 19.57 -21.23
C GLY F 238 -19.55 19.88 -22.57
N SER F 239 -19.18 21.15 -22.80
CA SER F 239 -18.52 21.53 -24.05
C SER F 239 -17.07 21.06 -24.11
N VAL F 240 -16.40 20.95 -22.96
CA VAL F 240 -14.99 20.58 -22.90
C VAL F 240 -14.78 19.53 -21.81
N LYS F 241 -13.67 18.81 -21.93
CA LYS F 241 -13.28 17.84 -20.92
C LYS F 241 -12.86 18.52 -19.63
N VAL F 242 -13.06 17.80 -18.52
CA VAL F 242 -12.56 18.18 -17.20
C VAL F 242 -11.81 16.98 -16.62
N ASN F 243 -10.88 17.26 -15.71
CA ASN F 243 -10.14 16.23 -14.99
C ASN F 243 -10.69 16.05 -13.57
N LEU F 244 -10.91 14.80 -13.18
CA LEU F 244 -11.65 14.41 -11.98
C LEU F 244 -10.79 13.52 -11.09
N GLU F 245 -10.93 13.68 -9.77
CA GLU F 245 -10.04 13.07 -8.78
C GLU F 245 -10.78 12.13 -7.85
N LYS F 246 -10.39 10.85 -7.85
CA LYS F 246 -10.71 9.93 -6.76
C LYS F 246 -9.61 9.94 -5.70
N LYS F 247 -9.99 9.68 -4.45
CA LYS F 247 -9.01 9.54 -3.38
C LYS F 247 -7.97 8.47 -3.69
N HIS F 248 -6.72 8.73 -3.31
CA HIS F 248 -5.58 7.84 -3.53
C HIS F 248 -5.29 7.55 -4.99
N LEU F 249 -5.84 8.32 -5.93
CA LEU F 249 -5.64 8.04 -7.35
C LEU F 249 -5.29 9.31 -8.11
N ASN F 250 -4.63 9.12 -9.25
CA ASN F 250 -4.36 10.19 -10.21
C ASN F 250 -5.61 10.53 -11.01
N LYS F 251 -5.66 11.78 -11.50
CA LYS F 251 -6.84 12.26 -12.20
C LYS F 251 -7.07 11.55 -13.54
N ARG F 252 -8.34 11.52 -13.95
CA ARG F 252 -8.77 11.12 -15.29
C ARG F 252 -9.48 12.28 -15.98
N THR F 253 -9.33 12.35 -17.30
CA THR F 253 -9.98 13.38 -18.12
C THR F 253 -11.13 12.81 -18.93
N GLN F 254 -12.32 13.40 -18.78
CA GLN F 254 -13.52 13.00 -19.50
C GLN F 254 -14.46 14.18 -19.55
N ILE F 255 -15.48 14.08 -20.40
CA ILE F 255 -16.60 15.03 -20.34
C ILE F 255 -17.57 14.61 -19.24
N PHE F 256 -17.76 15.49 -18.26
CA PHE F 256 -18.59 15.20 -17.10
C PHE F 256 -20.02 14.86 -17.54
N PRO F 257 -20.67 13.88 -16.91
CA PRO F 257 -21.91 13.29 -17.46
C PRO F 257 -23.11 14.21 -17.32
N PRO F 258 -24.15 14.01 -18.16
CA PRO F 258 -25.42 14.75 -18.00
C PRO F 258 -26.16 14.30 -16.75
N GLY F 259 -27.30 14.88 -16.41
CA GLY F 259 -27.99 14.42 -15.21
C GLY F 259 -29.23 15.23 -14.85
N ILE F 260 -29.57 15.16 -13.56
CA ILE F 260 -30.75 15.76 -12.94
C ILE F 260 -30.32 16.57 -11.73
N VAL F 261 -30.95 17.72 -11.51
CA VAL F 261 -30.82 18.46 -10.26
C VAL F 261 -32.18 18.51 -9.56
N THR F 262 -32.22 18.10 -8.30
CA THR F 262 -33.43 18.16 -7.47
C THR F 262 -33.26 19.22 -6.38
N MET F 263 -34.26 20.07 -6.23
CA MET F 263 -34.11 21.30 -5.45
C MET F 263 -35.40 21.63 -4.72
N ASN F 264 -35.27 22.28 -3.56
CA ASN F 264 -36.41 22.85 -2.87
C ASN F 264 -36.74 24.23 -3.46
N GLU F 265 -37.80 24.86 -2.95
CA GLU F 265 -38.27 26.15 -3.47
C GLU F 265 -37.42 27.36 -3.06
N TYR F 266 -36.11 27.18 -2.93
CA TYR F 266 -35.17 28.29 -2.79
C TYR F 266 -35.17 29.20 -4.00
N SER F 267 -34.64 30.42 -3.81
CA SER F 267 -34.26 31.27 -4.93
C SER F 267 -33.03 30.69 -5.64
N VAL F 268 -33.10 30.57 -6.95
CA VAL F 268 -32.01 30.08 -7.80
C VAL F 268 -31.46 31.25 -8.63
N PRO F 269 -30.14 31.44 -8.69
CA PRO F 269 -29.60 32.56 -9.45
C PRO F 269 -29.68 32.32 -10.96
N LYS F 270 -29.99 33.40 -11.69
CA LYS F 270 -30.15 33.30 -13.13
C LYS F 270 -28.93 32.72 -13.83
N THR F 271 -27.73 33.08 -13.35
CA THR F 271 -26.50 32.53 -13.91
C THR F 271 -26.43 31.01 -13.83
N LEU F 272 -27.06 30.41 -12.84
CA LEU F 272 -27.21 28.95 -12.83
C LEU F 272 -28.42 28.52 -13.65
N GLN F 273 -29.57 29.17 -13.43
CA GLN F 273 -30.82 28.68 -13.99
C GLN F 273 -30.76 28.54 -15.51
N ALA F 274 -30.03 29.43 -16.19
CA ALA F 274 -29.90 29.37 -17.63
C ALA F 274 -29.26 28.09 -18.14
N ARG F 275 -28.57 27.32 -17.29
CA ARG F 275 -27.89 26.11 -17.74
C ARG F 275 -28.80 24.90 -17.87
N PHE F 276 -30.01 24.96 -17.31
CA PHE F 276 -30.97 23.86 -17.44
C PHE F 276 -31.76 23.96 -18.74
N VAL F 277 -32.00 22.79 -19.35
CA VAL F 277 -32.93 22.73 -20.48
C VAL F 277 -34.35 23.01 -20.01
N LYS F 278 -34.74 22.43 -18.88
CA LYS F 278 -36.14 22.30 -18.53
C LYS F 278 -36.28 22.25 -17.02
N GLN F 279 -37.20 23.06 -16.49
CA GLN F 279 -37.60 22.99 -15.09
C GLN F 279 -38.95 22.31 -15.00
N ILE F 280 -39.06 21.31 -14.11
CA ILE F 280 -40.31 20.67 -13.77
C ILE F 280 -40.68 21.03 -12.34
N ASP F 281 -41.82 21.68 -12.15
CA ASP F 281 -42.39 21.88 -10.83
C ASP F 281 -43.12 20.63 -10.36
N PHE F 282 -42.85 20.24 -9.12
CA PHE F 282 -43.61 19.21 -8.42
C PHE F 282 -44.43 19.87 -7.31
N ARG F 283 -45.69 19.46 -7.19
CA ARG F 283 -46.60 20.04 -6.23
C ARG F 283 -47.40 18.94 -5.52
N PRO F 284 -47.65 19.07 -4.22
CA PRO F 284 -48.38 18.03 -3.49
C PRO F 284 -49.83 17.95 -3.93
N LYS F 285 -50.37 16.72 -3.95
CA LYS F 285 -51.71 16.44 -4.47
C LYS F 285 -52.43 15.50 -3.51
N ASP F 286 -53.41 16.05 -2.79
CA ASP F 286 -54.02 15.34 -1.67
C ASP F 286 -54.67 14.02 -2.07
N TYR F 287 -55.22 13.92 -3.29
CA TYR F 287 -55.75 12.64 -3.72
C TYR F 287 -54.67 11.59 -3.92
N LEU F 288 -53.51 11.99 -4.46
CA LEU F 288 -52.40 11.04 -4.49
C LEU F 288 -51.98 10.63 -3.09
N LYS F 289 -52.01 11.57 -2.14
CA LYS F 289 -51.65 11.27 -0.76
C LYS F 289 -52.66 10.33 -0.11
N HIS F 290 -53.95 10.61 -0.27
CA HIS F 290 -54.98 9.70 0.26
C HIS F 290 -54.96 8.34 -0.43
N CYS F 291 -54.62 8.27 -1.72
CA CYS F 291 -54.41 6.97 -2.34
C CYS F 291 -53.31 6.18 -1.65
N LEU F 292 -52.12 6.77 -1.54
CA LEU F 292 -51.01 6.03 -0.94
C LEU F 292 -51.16 5.85 0.57
N GLU F 293 -51.99 6.66 1.24
CA GLU F 293 -52.38 6.32 2.60
C GLU F 293 -53.24 5.06 2.65
N ARG F 294 -54.09 4.87 1.65
CA ARG F 294 -54.99 3.72 1.56
C ARG F 294 -54.39 2.53 0.80
N SER F 295 -53.24 2.70 0.18
CA SER F 295 -52.59 1.64 -0.60
C SER F 295 -51.11 1.59 -0.19
N GLU F 296 -50.90 1.19 1.06
CA GLU F 296 -49.57 1.15 1.66
C GLU F 296 -48.54 0.40 0.83
N PHE F 297 -48.97 -0.68 0.15
CA PHE F 297 -48.05 -1.49 -0.64
C PHE F 297 -47.32 -0.70 -1.73
N LEU F 298 -47.88 0.43 -2.18
CA LEU F 298 -47.15 1.28 -3.11
C LEU F 298 -45.79 1.68 -2.56
N LEU F 299 -45.75 2.03 -1.29
CA LEU F 299 -44.50 2.39 -0.61
C LEU F 299 -43.78 1.17 -0.04
N GLU F 300 -44.49 0.32 0.67
CA GLU F 300 -43.86 -0.77 1.41
C GLU F 300 -43.39 -1.93 0.54
N LYS F 301 -43.75 -1.98 -0.74
CA LYS F 301 -43.09 -2.88 -1.67
C LYS F 301 -42.19 -2.12 -2.64
N ARG F 302 -41.81 -0.90 -2.27
CA ARG F 302 -40.87 -0.04 -2.96
C ARG F 302 -41.33 0.41 -4.36
N ILE F 303 -42.62 0.25 -4.67
CA ILE F 303 -43.07 0.29 -6.06
C ILE F 303 -42.88 1.67 -6.69
N ILE F 304 -43.32 2.73 -6.00
CA ILE F 304 -43.26 4.08 -6.58
C ILE F 304 -41.84 4.64 -6.68
N GLN F 305 -40.86 4.08 -5.97
CA GLN F 305 -39.48 4.48 -6.18
C GLN F 305 -38.75 3.66 -7.24
N SER F 306 -39.11 2.40 -7.42
CA SER F 306 -38.25 1.46 -8.14
C SER F 306 -38.26 1.72 -9.64
N GLY F 307 -37.07 2.03 -10.18
CA GLY F 307 -36.98 2.54 -11.53
C GLY F 307 -37.49 1.60 -12.60
N ILE F 308 -37.42 0.29 -12.34
CA ILE F 308 -37.98 -0.72 -13.24
C ILE F 308 -39.47 -0.51 -13.51
N ALA F 309 -40.18 0.19 -12.63
CA ALA F 309 -41.56 0.59 -12.91
C ALA F 309 -41.67 1.65 -14.02
N LEU F 310 -40.64 2.46 -14.23
CA LEU F 310 -40.64 3.39 -15.37
C LEU F 310 -40.45 2.68 -16.71
N LEU F 311 -39.62 1.64 -16.76
CA LEU F 311 -39.60 0.81 -17.96
C LEU F 311 -40.94 0.13 -18.16
N LEU F 312 -41.50 -0.45 -17.10
CA LEU F 312 -42.82 -1.09 -17.22
C LEU F 312 -43.87 -0.13 -17.78
N MET F 313 -43.76 1.17 -17.47
CA MET F 313 -44.61 2.17 -18.11
C MET F 313 -44.26 2.39 -19.58
N LEU F 314 -42.99 2.67 -19.87
CA LEU F 314 -42.56 2.84 -21.26
C LEU F 314 -42.91 1.62 -22.09
N ILE F 315 -42.77 0.43 -21.51
CA ILE F 315 -43.03 -0.83 -22.22
C ILE F 315 -44.43 -0.84 -22.79
N TRP F 316 -45.41 -0.26 -22.10
CA TRP F 316 -46.79 -0.30 -22.55
C TRP F 316 -47.21 0.92 -23.39
N TYR F 317 -46.93 2.13 -22.91
CA TYR F 317 -47.44 3.35 -23.53
C TYR F 317 -46.82 3.65 -24.90
N ARG F 318 -45.54 3.38 -25.09
CA ARG F 318 -44.86 3.90 -26.26
C ARG F 318 -45.01 3.01 -27.49
N PRO F 319 -44.90 3.59 -28.70
CA PRO F 319 -44.84 2.77 -29.92
C PRO F 319 -43.67 1.79 -29.92
N VAL F 320 -43.85 0.72 -30.72
CA VAL F 320 -42.76 -0.21 -30.99
C VAL F 320 -41.67 0.40 -31.84
N ALA F 321 -41.97 1.47 -32.60
CA ALA F 321 -40.97 2.10 -33.46
C ALA F 321 -39.89 2.88 -32.71
N GLU F 322 -40.16 3.32 -31.48
CA GLU F 322 -39.23 4.22 -30.78
C GLU F 322 -38.02 3.51 -30.19
N PHE F 323 -38.10 2.19 -29.96
CA PHE F 323 -37.01 1.45 -29.35
C PHE F 323 -35.93 1.08 -30.38
N ALA F 324 -34.73 0.81 -29.86
CA ALA F 324 -33.60 0.40 -30.70
C ALA F 324 -33.81 -0.97 -31.32
N GLN F 325 -33.31 -1.13 -32.55
CA GLN F 325 -33.59 -2.31 -33.36
C GLN F 325 -33.27 -3.63 -32.66
N SER F 326 -32.20 -3.68 -31.88
CA SER F 326 -31.84 -4.92 -31.18
C SER F 326 -32.67 -5.22 -29.93
N ILE F 327 -33.62 -4.36 -29.55
CA ILE F 327 -34.58 -4.71 -28.51
C ILE F 327 -36.04 -4.54 -28.94
N GLN F 328 -36.27 -4.00 -30.15
CA GLN F 328 -37.64 -3.91 -30.66
C GLN F 328 -38.35 -5.27 -30.67
N SER F 329 -37.66 -6.30 -31.17
CA SER F 329 -38.24 -7.64 -31.16
C SER F 329 -38.55 -8.11 -29.74
N ARG F 330 -37.64 -7.87 -28.80
CA ARG F 330 -37.84 -8.29 -27.42
C ARG F 330 -38.97 -7.55 -26.71
N ILE F 331 -39.17 -6.25 -26.96
CA ILE F 331 -40.35 -5.59 -26.37
C ILE F 331 -41.66 -6.07 -26.98
N VAL F 332 -41.73 -6.23 -28.30
CA VAL F 332 -43.01 -6.66 -28.86
C VAL F 332 -43.32 -8.09 -28.41
N GLU F 333 -42.29 -8.91 -28.24
CA GLU F 333 -42.46 -10.19 -27.57
C GLU F 333 -42.93 -10.04 -26.14
N TRP F 334 -42.53 -8.95 -25.46
CA TRP F 334 -43.04 -8.68 -24.12
C TRP F 334 -44.42 -8.03 -24.14
N LYS F 335 -44.62 -7.07 -25.04
CA LYS F 335 -45.82 -6.23 -25.04
C LYS F 335 -47.11 -7.03 -24.90
N GLU F 336 -47.26 -8.09 -25.69
CA GLU F 336 -48.48 -8.89 -25.70
C GLU F 336 -48.81 -9.52 -24.37
N ARG F 337 -47.85 -9.64 -23.45
CA ARG F 337 -48.17 -10.21 -22.13
C ARG F 337 -49.17 -9.34 -21.36
N LEU F 338 -48.90 -8.05 -21.24
CA LEU F 338 -49.88 -7.16 -20.59
C LEU F 338 -51.18 -7.09 -21.38
N ASP F 339 -51.10 -7.21 -22.71
CA ASP F 339 -52.31 -7.19 -23.54
C ASP F 339 -53.14 -8.46 -23.39
N LYS F 340 -52.55 -9.55 -22.91
CA LYS F 340 -53.32 -10.71 -22.49
C LYS F 340 -53.78 -10.61 -21.04
N GLU F 341 -52.91 -10.12 -20.16
CA GLU F 341 -53.16 -10.16 -18.73
C GLU F 341 -54.00 -8.99 -18.20
N PHE F 342 -54.06 -7.86 -18.92
CA PHE F 342 -54.77 -6.66 -18.45
C PHE F 342 -55.66 -6.09 -19.55
N SER F 343 -56.43 -5.06 -19.19
CA SER F 343 -57.26 -4.33 -20.14
C SER F 343 -57.22 -2.83 -19.88
N LEU F 344 -57.56 -2.08 -20.92
CA LEU F 344 -57.68 -0.62 -20.81
C LEU F 344 -58.62 -0.19 -19.70
N SER F 345 -59.74 -0.91 -19.55
CA SER F 345 -60.73 -0.58 -18.53
C SER F 345 -60.18 -0.73 -17.11
N VAL F 346 -59.58 -1.88 -16.79
CA VAL F 346 -59.06 -2.05 -15.43
C VAL F 346 -57.90 -1.09 -15.17
N TYR F 347 -57.07 -0.81 -16.18
CA TYR F 347 -56.06 0.23 -15.98
C TYR F 347 -56.70 1.59 -15.70
N GLN F 348 -57.73 1.95 -16.47
CA GLN F 348 -58.49 3.15 -16.17
C GLN F 348 -59.14 3.09 -14.79
N LYS F 349 -59.50 1.91 -14.31
CA LYS F 349 -59.92 1.81 -12.91
C LYS F 349 -58.79 2.17 -11.96
N MET F 350 -57.58 1.70 -12.23
CA MET F 350 -56.44 2.09 -11.38
C MET F 350 -56.27 3.60 -11.39
N LYS F 351 -56.19 4.20 -12.59
CA LYS F 351 -56.08 5.64 -12.71
C LYS F 351 -57.21 6.36 -11.98
N PHE F 352 -58.44 5.91 -12.23
CA PHE F 352 -59.62 6.52 -11.62
C PHE F 352 -59.58 6.43 -10.10
N ASN F 353 -59.23 5.27 -9.56
CA ASN F 353 -59.13 5.13 -8.11
C ASN F 353 -58.07 6.04 -7.51
N VAL F 354 -56.91 6.15 -8.17
CA VAL F 354 -55.88 7.08 -7.73
C VAL F 354 -56.41 8.51 -7.75
N ALA F 355 -57.08 8.89 -8.84
CA ALA F 355 -57.66 10.22 -8.93
C ALA F 355 -58.77 10.43 -7.92
N MET F 356 -59.52 9.37 -7.60
CA MET F 356 -60.58 9.45 -6.60
C MET F 356 -60.02 9.56 -5.18
N GLY F 357 -58.79 9.12 -4.97
CA GLY F 357 -58.17 9.12 -3.66
C GLY F 357 -58.34 7.82 -2.89
N ILE F 358 -58.42 6.70 -3.59
CA ILE F 358 -58.68 5.39 -3.01
C ILE F 358 -57.72 4.37 -3.59
N GLY F 359 -57.55 3.26 -2.88
CA GLY F 359 -56.67 2.21 -3.36
C GLY F 359 -57.16 1.63 -4.67
N VAL F 360 -56.21 1.04 -5.41
CA VAL F 360 -56.54 0.38 -6.68
C VAL F 360 -57.28 -0.91 -6.41
N LEU F 361 -58.31 -1.17 -7.22
CA LEU F 361 -59.25 -2.27 -7.01
C LEU F 361 -59.64 -2.90 -8.35
N ASP F 362 -60.28 -4.07 -8.26
CA ASP F 362 -60.91 -4.73 -9.40
C ASP F 362 -59.95 -4.90 -10.57
PG ATP I . -23.59 -7.00 23.76
O1G ATP I . -23.09 -7.72 22.56
O2G ATP I . -22.48 -6.79 24.78
O3G ATP I . -24.33 -5.70 23.47
PB ATP I . -26.08 -8.46 24.29
O1B ATP I . -26.39 -8.90 22.92
O2B ATP I . -27.13 -7.50 24.81
O3B ATP I . -24.65 -7.89 24.51
PA ATP I . -25.40 -11.12 25.25
O1A ATP I . -23.92 -11.00 25.26
O2A ATP I . -25.89 -11.93 24.07
O3A ATP I . -26.07 -9.73 25.25
O5' ATP I . -25.88 -11.76 26.60
C5' ATP I . -25.52 -11.16 27.86
C4' ATP I . -25.04 -12.19 28.85
O4' ATP I . -25.80 -12.04 30.06
C3' ATP I . -25.27 -13.65 28.40
O3' ATP I . -24.04 -14.36 28.28
C2' ATP I . -26.16 -14.26 29.49
O2' ATP I . -25.32 -14.88 30.47
C1' ATP I . -26.80 -13.02 30.11
N9 ATP I . -27.99 -12.55 29.40
C8 ATP I . -28.31 -12.69 28.08
N7 ATP I . -29.47 -12.17 27.75
C5 ATP I . -29.95 -11.66 28.94
C6 ATP I . -31.14 -10.98 29.28
N6 ATP I . -32.09 -10.69 28.38
N1 ATP I . -31.30 -10.61 30.55
C2 ATP I . -30.36 -10.90 31.45
N3 ATP I . -29.21 -11.54 31.25
C4 ATP I . -29.05 -11.90 29.97
H5'1 ATP I . -26.28 -10.68 28.24
H5'2 ATP I . -24.81 -10.51 27.73
H4' ATP I . -24.11 -12.06 29.02
H3' ATP I . -25.74 -13.70 27.56
HO3' ATP I . -23.80 -14.31 27.46
H2' ATP I . -26.81 -14.88 29.14
HO2' ATP I . -24.56 -14.99 30.11
H1' ATP I . -27.06 -13.20 31.04
H8 ATP I . -27.75 -13.11 27.47
HN61 ATP I . -32.02 -10.93 27.57
HN62 ATP I . -32.79 -10.23 28.64
H2 ATP I . -30.53 -10.63 32.31
PG ATP J . 4.16 -0.84 35.24
O1G ATP J . 2.80 -0.28 35.43
O2G ATP J . 4.38 -1.66 33.96
O3G ATP J . 5.26 0.21 35.33
PB ATP J . 3.98 -3.20 36.98
O1B ATP J . 3.42 -4.12 35.98
O2B ATP J . 3.04 -2.95 38.15
O3B ATP J . 4.49 -1.85 36.40
PA ATP J . 6.40 -4.80 37.02
O1A ATP J . 6.92 -4.29 35.73
O2A ATP J . 5.81 -6.20 36.87
O3A ATP J . 5.32 -3.85 37.56
O5' ATP J . 7.55 -4.83 38.09
C5' ATP J . 8.76 -4.07 37.90
C4' ATP J . 9.73 -4.36 39.02
O4' ATP J . 9.17 -3.91 40.28
C3' ATP J . 9.97 -5.84 39.22
O3' ATP J . 11.02 -6.31 38.38
C2' ATP J . 10.34 -5.93 40.69
O2' ATP J . 11.71 -5.59 40.82
C1' ATP J . 9.47 -4.83 41.31
N9 ATP J . 8.20 -5.31 41.83
C8 ATP J . 7.23 -5.98 41.14
N7 ATP J . 6.14 -6.19 41.82
C5 ATP J . 6.36 -5.52 43.01
C6 ATP J . 5.57 -5.32 44.15
N6 ATP J . 4.33 -5.82 44.30
N1 ATP J . 6.09 -4.60 45.16
C2 ATP J . 7.32 -4.10 45.02
N3 ATP J . 8.15 -4.21 43.99
C4 ATP J . 7.60 -4.91 43.00
H5'1 ATP J . 9.17 -4.31 37.06
H5'2 ATP J . 8.55 -3.13 37.89
H4' ATP J . 10.56 -3.90 38.85
H3' ATP J . 9.16 -6.35 39.05
HO3' ATP J . 10.67 -6.87 37.83
H2' ATP J . 10.15 -6.80 41.07
HO2' ATP J . 12.08 -5.80 40.07
H1' ATP J . 9.95 -4.39 42.03
H8 ATP J . 7.37 -6.34 40.29
HN61 ATP J . 3.88 -5.64 45.00
HN62 ATP J . 3.98 -6.29 43.66
H2 ATP J . 7.63 -3.60 45.74
PG ATP K . 22.80 17.13 20.52
O1G ATP K . 21.80 17.06 21.62
O2G ATP K . 23.12 15.82 19.83
O3G ATP K . 22.40 18.20 19.50
PB ATP K . 25.10 17.39 22.30
O1B ATP K . 25.12 16.01 22.79
O2B ATP K . 24.80 18.41 23.39
O3B ATP K . 24.18 17.64 21.08
PA ATP K . 27.53 17.04 20.76
O1A ATP K . 28.07 15.79 21.34
O2A ATP K . 26.92 16.87 19.38
O3A ATP K . 26.53 17.73 21.70
O5' ATP K . 28.77 18.01 20.71
C5' ATP K . 28.80 19.16 19.85
C4' ATP K . 30.04 19.93 20.20
O4' ATP K . 30.00 20.34 21.57
C3' ATP K . 31.30 19.08 20.15
O3' ATP K . 31.79 18.92 18.82
C2' ATP K . 32.27 19.87 21.03
O2' ATP K . 32.89 20.87 20.24
C1' ATP K . 31.32 20.54 22.04
N9 ATP K . 31.38 19.96 23.37
C8 ATP K . 31.01 18.70 23.74
N7 ATP K . 31.03 18.48 25.03
C5 ATP K . 31.34 19.72 25.56
C6 ATP K . 31.51 20.17 26.87
N6 ATP K . 31.37 19.40 27.95
N1 ATP K . 31.82 21.48 27.06
C2 ATP K . 31.95 22.26 25.99
N3 ATP K . 31.82 21.95 24.70
C4 ATP K . 31.49 20.66 24.55
H5'1 ATP K . 28.02 19.72 19.99
H5'2 ATP K . 28.82 18.90 18.92
H4' ATP K . 30.14 20.70 19.62
H3' ATP K . 31.15 18.21 20.56
HO3' ATP K . 31.62 18.12 18.60
H2' ATP K . 32.92 19.31 21.47
HO2' ATP K . 32.93 20.57 19.45
H1' ATP K . 31.51 21.49 22.10
H8 ATP K . 30.84 18.02 23.11
HN61 ATP K . 31.25 18.55 27.86
HN62 ATP K . 31.36 19.75 28.73
H2 ATP K . 32.16 23.15 26.17
PG ATP L . 16.03 32.81 -6.07
O1G ATP L . 15.90 33.71 -4.90
O2G ATP L . 16.57 31.45 -5.63
O3G ATP L . 14.79 32.66 -6.93
PB ATP L . 17.36 34.59 -7.96
O1B ATP L . 18.62 35.28 -7.64
O2B ATP L . 16.14 35.49 -7.93
O3B ATP L . 17.14 33.37 -7.04
PA ATP L . 18.47 33.97 -10.56
O1A ATP L . 19.81 33.44 -10.20
O2A ATP L . 17.96 33.17 -11.74
O3A ATP L . 17.46 33.92 -9.39
O5' ATP L . 18.34 35.50 -10.92
C5' ATP L . 17.23 35.97 -11.70
C4' ATP L . 17.71 36.37 -13.07
O4' ATP L . 18.26 37.70 -13.04
C3' ATP L . 18.84 35.51 -13.62
O3' ATP L . 18.35 34.30 -14.18
C2' ATP L . 19.46 36.46 -14.65
O2' ATP L . 18.63 36.47 -15.79
C1' ATP L . 19.37 37.80 -13.92
N9 ATP L . 20.52 38.10 -13.08
C8 ATP L . 21.37 37.23 -12.46
N7 ATP L . 22.29 37.79 -11.73
C5 ATP L . 21.98 39.14 -11.82
C6 ATP L . 22.59 40.29 -11.25
N6 ATP L . 23.64 40.24 -10.44
N1 ATP L . 22.04 41.48 -11.54
C2 ATP L . 20.97 41.53 -12.34
N3 ATP L . 20.33 40.52 -12.94
C4 ATP L . 20.89 39.36 -12.63
H5'1 ATP L . 16.82 36.74 -11.28
H5'2 ATP L . 16.53 35.30 -11.77
H4' ATP L . 16.96 36.35 -13.69
H3' ATP L . 19.49 35.31 -12.93
HO3' ATP L . 18.21 33.77 -13.53
H2' ATP L . 20.38 36.22 -14.87
HO2' ATP L . 18.32 35.67 -15.89
H1' ATP L . 19.24 38.52 -14.55
H8 ATP L . 21.33 36.31 -12.60
HN61 ATP L . 24.04 39.50 -10.29
HN62 ATP L . 23.91 40.97 -10.05
H2 ATP L . 20.64 42.38 -12.52
PG ATP M . -15.06 31.22 -18.51
O1G ATP M . -14.17 32.12 -17.73
O2G ATP M . -14.41 29.87 -18.85
O3G ATP M . -16.42 31.08 -17.84
PB ATP M . -14.83 31.84 -21.35
O1B ATP M . -13.37 31.87 -21.37
O2B ATP M . -15.49 32.97 -22.13
O3B ATP M . -15.38 31.87 -19.90
PA ATP M . -15.78 29.94 -23.34
O1A ATP M . -15.99 28.48 -23.32
O2A ATP M . -14.68 30.31 -24.31
O3A ATP M . -15.43 30.48 -21.92
O5' ATP M . -17.12 30.68 -23.71
C5' ATP M . -18.38 30.31 -23.11
C4' ATP M . -19.42 30.50 -24.17
O4' ATP M . -19.49 31.89 -24.53
C3' ATP M . -19.07 29.80 -25.48
O3' ATP M . -19.46 28.44 -25.47
C2' ATP M . -19.86 30.62 -26.50
O2' ATP M . -21.19 30.15 -26.54
C1' ATP M . -19.81 32.04 -25.90
N9 ATP M . -18.78 32.88 -26.48
C8 ATP M . -17.45 32.59 -26.62
N7 ATP M . -16.74 33.59 -27.09
C5 ATP M . -17.65 34.62 -27.19
C6 ATP M . -17.52 35.96 -27.62
N6 ATP M . -16.38 36.50 -28.03
N1 ATP M . -18.63 36.73 -27.59
C2 ATP M . -19.78 36.19 -27.18
N3 ATP M . -20.02 34.95 -26.76
C4 ATP M . -18.91 34.22 -26.79
H5'1 ATP M . -18.38 29.38 -22.80
H5'2 ATP M . -18.58 30.87 -22.34
H4' ATP M . -20.29 30.20 -23.85
H3' ATP M . -18.13 29.88 -25.67
HO3' ATP M . -18.78 28.00 -25.22
H2' ATP M . -19.46 30.59 -27.39
HO2' ATP M . -21.16 29.31 -26.35
H1' ATP M . -20.67 32.47 -26.00
H8 ATP M . -17.10 31.75 -26.47
HN61 ATP M . -15.66 36.02 -28.07
HN62 ATP M . -16.35 37.35 -28.21
H2 ATP M . -20.51 36.76 -27.18
PG ATP N . -37.46 15.81 0.26
O1G ATP N . -36.92 17.05 -0.37
O2G ATP N . -36.60 14.57 0.05
O3G ATP N . -37.75 16.04 1.74
PB ATP N . -39.43 14.88 -1.71
O1B ATP N . -38.52 15.15 -2.83
O2B ATP N . -40.84 15.43 -1.90
O3B ATP N . -38.85 15.44 -0.38
PA ATP N . -40.47 12.19 -1.96
O1A ATP N . -40.03 10.86 -1.50
O2A ATP N . -40.53 12.27 -3.48
O3A ATP N . -39.55 13.32 -1.43
O5' ATP N . -41.85 12.57 -1.29
C5' ATP N . -42.13 12.20 0.06
C4' ATP N . -43.28 11.21 -0.01
O4' ATP N . -44.49 11.90 -0.34
C3' ATP N . -43.15 10.21 -1.14
O3' ATP N . -42.19 9.20 -0.85
C2' ATP N . -44.59 9.71 -1.26
O2' ATP N . -44.83 8.75 -0.24
C1' ATP N . -45.37 11.01 -1.00
N9 ATP N . -45.79 11.68 -2.23
C8 ATP N . -45.18 11.65 -3.45
N7 ATP N . -45.74 12.41 -4.35
C5 ATP N . -46.76 13.06 -3.65
C6 ATP N . -47.72 14.02 -4.03
N6 ATP N . -47.81 14.52 -5.26
N1 ATP N . -48.58 14.45 -3.08
C2 ATP N . -48.49 13.95 -1.85
N3 ATP N . -47.62 13.04 -1.38
C4 ATP N . -46.77 12.63 -2.33
H5'1 ATP N . -42.38 12.94 0.63
H5'2 ATP N . -41.38 11.77 0.49
H4' ATP N . -43.37 10.75 0.84
H3' ATP N . -42.91 10.65 -1.97
HO3' ATP N . -41.42 9.54 -1.00
H2' ATP N . -44.78 9.33 -2.14
HO2' ATP N . -44.08 8.41 -0.04
H1' ATP N . -46.16 10.83 -0.47
H8 ATP N . -44.47 11.08 -3.64
HN61 ATP N . -48.30 15.22 -5.40
HN62 ATP N . -47.35 14.18 -5.90
H2 ATP N . -49.10 14.27 -1.24
#